data_4H8Q
# 
_entry.id   4H8Q 
# 
_audit_conform.dict_name       mmcif_pdbx.dic 
_audit_conform.dict_version    5.379 
_audit_conform.dict_location   http://mmcif.pdb.org/dictionaries/ascii/mmcif_pdbx.dic 
# 
loop_
_database_2.database_id 
_database_2.database_code 
_database_2.pdbx_database_accession 
_database_2.pdbx_DOI 
PDB   4H8Q         pdb_00004h8q 10.2210/pdb4h8q/pdb 
RCSB  RCSB075160   ?            ?                   
WWPDB D_1000075160 ?            ?                   
# 
loop_
_pdbx_database_related.db_name 
_pdbx_database_related.db_id 
_pdbx_database_related.details 
_pdbx_database_related.content_type 
PDB 3SIK 'Holo-IsdX1, a B. anthacis hemophore' unspecified 
PDB 2ITF 'IsdA, a related NEAT domain protein' unspecified 
PDB 2O6P 'IsdC, a related NEAT domain protein' unspecified 
PDB 2Z6F 'IsdH, a related NEAT domain protein' unspecified 
PDB 3RTL 'IsdB, a related NEAT domain protein' unspecified 
PDB 3SZ6 'Apo-IsdX1, a B. anthacis hemophore'  unspecified 
PDB 4H8P 'WT-IsdX2 NEAT5'                      unspecified 
# 
_pdbx_database_status.status_code                     REL 
_pdbx_database_status.entry_id                        4H8Q 
_pdbx_database_status.recvd_initial_deposition_date   2012-09-23 
_pdbx_database_status.deposit_site                    RCSB 
_pdbx_database_status.process_site                    RCSB 
_pdbx_database_status.status_code_sf                  REL 
_pdbx_database_status.status_code_mr                  ? 
_pdbx_database_status.SG_entry                        ? 
_pdbx_database_status.status_code_cs                  ? 
_pdbx_database_status.methods_development_category    ? 
_pdbx_database_status.pdb_format_compatible           Y 
_pdbx_database_status.status_code_nmr_data            ? 
# 
loop_
_audit_author.name 
_audit_author.pdbx_ordinal 
'Owens, C.P.'    1 
'Goulding, C.W.' 2 
# 
_citation.id                        primary 
_citation.title                     
;The Near-iron Transporter (NEAT) Domains of the Anthrax Hemophore IsdX2 Require a Critical Glutamine to Extract Heme from Methemoglobin.
;
_citation.journal_abbrev            J.Biol.Chem. 
_citation.journal_volume            288 
_citation.page_first                8479 
_citation.page_last                 8490 
_citation.year                      2013 
_citation.journal_id_ASTM           JBCHA3 
_citation.country                   US 
_citation.journal_id_ISSN           0021-9258 
_citation.journal_id_CSD            0071 
_citation.book_publisher            ? 
_citation.pdbx_database_id_PubMed   23364793 
_citation.pdbx_database_id_DOI      10.1074/jbc.M112.430009 
# 
loop_
_citation_author.citation_id 
_citation_author.name 
_citation_author.ordinal 
_citation_author.identifier_ORCID 
primary 'Honsa, E.S.'    1 ? 
primary 'Owens, C.P.'    2 ? 
primary 'Goulding, C.W.' 3 ? 
primary 'Maresso, A.W.'  4 ? 
# 
_cell.entry_id           4H8Q 
_cell.length_a           109.090 
_cell.length_b           109.090 
_cell.length_c           109.090 
_cell.angle_alpha        90.00 
_cell.angle_beta         90.00 
_cell.angle_gamma        90.00 
_cell.Z_PDB              24 
_cell.pdbx_unique_axis   ? 
_cell.length_a_esd       ? 
_cell.length_b_esd       ? 
_cell.length_c_esd       ? 
_cell.angle_alpha_esd    ? 
_cell.angle_beta_esd     ? 
_cell.angle_gamma_esd    ? 
# 
_symmetry.entry_id                         4H8Q 
_symmetry.space_group_name_H-M             'I 2 3' 
_symmetry.pdbx_full_space_group_name_H-M   ? 
_symmetry.cell_setting                     ? 
_symmetry.Int_Tables_number                197 
_symmetry.space_group_name_Hall            ? 
# 
loop_
_entity.id 
_entity.type 
_entity.src_method 
_entity.pdbx_description 
_entity.formula_weight 
_entity.pdbx_number_of_molecules 
_entity.pdbx_ec 
_entity.pdbx_mutation 
_entity.pdbx_fragment 
_entity.details 
1 polymer     man 'Iron Transport-associated domain protein' 14679.691 1   ? Q29T 'NEAT5 domain, UNP residues 675-797' ? 
2 non-polymer syn 'PROTOPORPHYRIN IX CONTAINING FE'          616.487   1   ? ?    ?                                    ? 
3 non-polymer syn 'ZINC ION'                                 65.409    1   ? ?    ?                                    ? 
4 water       nat water                                      18.015    130 ? ?    ?                                    ? 
# 
_entity_name_com.entity_id   1 
_entity_name_com.name        IsdX2 
# 
_entity_poly.entity_id                      1 
_entity_poly.type                           'polypeptide(L)' 
_entity_poly.nstd_linkage                   no 
_entity_poly.nstd_monomer                   no 
_entity_poly.pdbx_seq_one_letter_code       
;GSHMASDPKNLKDGQYDIAFKVLKDKTEEISMMNTYVVSPARLTVKDGKKYIAMTLKNSEWITKFQTEKNGGFADAKVVS
EDKAANTRVVEFEANDLFAKLNAKVKVDIDSMNYHHFYDVQIQFDPTKI
;
_entity_poly.pdbx_seq_one_letter_code_can   
;GSHMASDPKNLKDGQYDIAFKVLKDKTEEISMMNTYVVSPARLTVKDGKKYIAMTLKNSEWITKFQTEKNGGFADAKVVS
EDKAANTRVVEFEANDLFAKLNAKVKVDIDSMNYHHFYDVQIQFDPTKI
;
_entity_poly.pdbx_strand_id                 A 
_entity_poly.pdbx_target_identifier         ? 
# 
loop_
_entity_poly_seq.entity_id 
_entity_poly_seq.num 
_entity_poly_seq.mon_id 
_entity_poly_seq.hetero 
1 1   GLY n 
1 2   SER n 
1 3   HIS n 
1 4   MET n 
1 5   ALA n 
1 6   SER n 
1 7   ASP n 
1 8   PRO n 
1 9   LYS n 
1 10  ASN n 
1 11  LEU n 
1 12  LYS n 
1 13  ASP n 
1 14  GLY n 
1 15  GLN n 
1 16  TYR n 
1 17  ASP n 
1 18  ILE n 
1 19  ALA n 
1 20  PHE n 
1 21  LYS n 
1 22  VAL n 
1 23  LEU n 
1 24  LYS n 
1 25  ASP n 
1 26  LYS n 
1 27  THR n 
1 28  GLU n 
1 29  GLU n 
1 30  ILE n 
1 31  SER n 
1 32  MET n 
1 33  MET n 
1 34  ASN n 
1 35  THR n 
1 36  TYR n 
1 37  VAL n 
1 38  VAL n 
1 39  SER n 
1 40  PRO n 
1 41  ALA n 
1 42  ARG n 
1 43  LEU n 
1 44  THR n 
1 45  VAL n 
1 46  LYS n 
1 47  ASP n 
1 48  GLY n 
1 49  LYS n 
1 50  LYS n 
1 51  TYR n 
1 52  ILE n 
1 53  ALA n 
1 54  MET n 
1 55  THR n 
1 56  LEU n 
1 57  LYS n 
1 58  ASN n 
1 59  SER n 
1 60  GLU n 
1 61  TRP n 
1 62  ILE n 
1 63  THR n 
1 64  LYS n 
1 65  PHE n 
1 66  GLN n 
1 67  THR n 
1 68  GLU n 
1 69  LYS n 
1 70  ASN n 
1 71  GLY n 
1 72  GLY n 
1 73  PHE n 
1 74  ALA n 
1 75  ASP n 
1 76  ALA n 
1 77  LYS n 
1 78  VAL n 
1 79  VAL n 
1 80  SER n 
1 81  GLU n 
1 82  ASP n 
1 83  LYS n 
1 84  ALA n 
1 85  ALA n 
1 86  ASN n 
1 87  THR n 
1 88  ARG n 
1 89  VAL n 
1 90  VAL n 
1 91  GLU n 
1 92  PHE n 
1 93  GLU n 
1 94  ALA n 
1 95  ASN n 
1 96  ASP n 
1 97  LEU n 
1 98  PHE n 
1 99  ALA n 
1 100 LYS n 
1 101 LEU n 
1 102 ASN n 
1 103 ALA n 
1 104 LYS n 
1 105 VAL n 
1 106 LYS n 
1 107 VAL n 
1 108 ASP n 
1 109 ILE n 
1 110 ASP n 
1 111 SER n 
1 112 MET n 
1 113 ASN n 
1 114 TYR n 
1 115 HIS n 
1 116 HIS n 
1 117 PHE n 
1 118 TYR n 
1 119 ASP n 
1 120 VAL n 
1 121 GLN n 
1 122 ILE n 
1 123 GLN n 
1 124 PHE n 
1 125 ASP n 
1 126 PRO n 
1 127 THR n 
1 128 LYS n 
1 129 ILE n 
# 
_entity_src_gen.entity_id                          1 
_entity_src_gen.pdbx_src_id                        1 
_entity_src_gen.pdbx_alt_source_flag               sample 
_entity_src_gen.pdbx_seq_type                      ? 
_entity_src_gen.pdbx_beg_seq_num                   ? 
_entity_src_gen.pdbx_end_seq_num                   ? 
_entity_src_gen.gene_src_common_name               anthrax 
_entity_src_gen.gene_src_genus                     ? 
_entity_src_gen.pdbx_gene_src_gene                 'BA_4787, BAS4442, GBAA_4787' 
_entity_src_gen.gene_src_species                   ? 
_entity_src_gen.gene_src_strain                    ? 
_entity_src_gen.gene_src_tissue                    ? 
_entity_src_gen.gene_src_tissue_fraction           ? 
_entity_src_gen.gene_src_details                   ? 
_entity_src_gen.pdbx_gene_src_fragment             ? 
_entity_src_gen.pdbx_gene_src_scientific_name      'Bacillus anthracis' 
_entity_src_gen.pdbx_gene_src_ncbi_taxonomy_id     1392 
_entity_src_gen.pdbx_gene_src_variant              ? 
_entity_src_gen.pdbx_gene_src_cell_line            ? 
_entity_src_gen.pdbx_gene_src_atcc                 ? 
_entity_src_gen.pdbx_gene_src_organ                ? 
_entity_src_gen.pdbx_gene_src_organelle            ? 
_entity_src_gen.pdbx_gene_src_cell                 ? 
_entity_src_gen.pdbx_gene_src_cellular_location    ? 
_entity_src_gen.host_org_common_name               ? 
_entity_src_gen.pdbx_host_org_scientific_name      'Escherichia coli' 
_entity_src_gen.pdbx_host_org_ncbi_taxonomy_id     562 
_entity_src_gen.host_org_genus                     ? 
_entity_src_gen.pdbx_host_org_gene                 ? 
_entity_src_gen.pdbx_host_org_organ                ? 
_entity_src_gen.host_org_species                   ? 
_entity_src_gen.pdbx_host_org_tissue               ? 
_entity_src_gen.pdbx_host_org_tissue_fraction      ? 
_entity_src_gen.pdbx_host_org_strain               ? 
_entity_src_gen.pdbx_host_org_variant              ? 
_entity_src_gen.pdbx_host_org_cell_line            ? 
_entity_src_gen.pdbx_host_org_atcc                 ? 
_entity_src_gen.pdbx_host_org_culture_collection   ? 
_entity_src_gen.pdbx_host_org_cell                 ? 
_entity_src_gen.pdbx_host_org_organelle            ? 
_entity_src_gen.pdbx_host_org_cellular_location    ? 
_entity_src_gen.pdbx_host_org_vector_type          ? 
_entity_src_gen.pdbx_host_org_vector               ? 
_entity_src_gen.host_org_details                   ? 
_entity_src_gen.expression_system_id               ? 
_entity_src_gen.plasmid_name                       ? 
_entity_src_gen.plasmid_details                    ? 
_entity_src_gen.pdbx_description                   ? 
# 
_struct_ref.id                         1 
_struct_ref.db_name                    UNP 
_struct_ref.db_code                    Q81L45_BACAN 
_struct_ref.pdbx_db_accession          Q81L45 
_struct_ref.entity_id                  1 
_struct_ref.pdbx_seq_one_letter_code   
;DPKNLKDGQYDIAFKVLKDKTEEISMMNQYVVSPARLTVKDGKKYIAMTLKNSEWITKFQTEKNGGFADAKVVSEDKAAN
TRVVEFEANDLFAKLNAKVKVDIDSMNYHHFYDVQIQFDPTKI
;
_struct_ref.pdbx_align_begin           675 
_struct_ref.pdbx_db_isoform            ? 
# 
_struct_ref_seq.align_id                      1 
_struct_ref_seq.ref_id                        1 
_struct_ref_seq.pdbx_PDB_id_code              4H8Q 
_struct_ref_seq.pdbx_strand_id                A 
_struct_ref_seq.seq_align_beg                 7 
_struct_ref_seq.pdbx_seq_align_beg_ins_code   ? 
_struct_ref_seq.seq_align_end                 129 
_struct_ref_seq.pdbx_seq_align_end_ins_code   ? 
_struct_ref_seq.pdbx_db_accession             Q81L45 
_struct_ref_seq.db_align_beg                  675 
_struct_ref_seq.pdbx_db_align_beg_ins_code    ? 
_struct_ref_seq.db_align_end                  797 
_struct_ref_seq.pdbx_db_align_end_ins_code    ? 
_struct_ref_seq.pdbx_auth_seq_align_beg       1 
_struct_ref_seq.pdbx_auth_seq_align_end       123 
# 
loop_
_struct_ref_seq_dif.align_id 
_struct_ref_seq_dif.pdbx_pdb_id_code 
_struct_ref_seq_dif.mon_id 
_struct_ref_seq_dif.pdbx_pdb_strand_id 
_struct_ref_seq_dif.seq_num 
_struct_ref_seq_dif.pdbx_pdb_ins_code 
_struct_ref_seq_dif.pdbx_seq_db_name 
_struct_ref_seq_dif.pdbx_seq_db_accession_code 
_struct_ref_seq_dif.db_mon_id 
_struct_ref_seq_dif.pdbx_seq_db_seq_num 
_struct_ref_seq_dif.details 
_struct_ref_seq_dif.pdbx_auth_seq_num 
_struct_ref_seq_dif.pdbx_ordinal 
1 4H8Q GLY A 1  ? UNP Q81L45 ?   ?   'expression tag'      -5 1 
1 4H8Q SER A 2  ? UNP Q81L45 ?   ?   'expression tag'      -4 2 
1 4H8Q HIS A 3  ? UNP Q81L45 ?   ?   'expression tag'      -3 3 
1 4H8Q MET A 4  ? UNP Q81L45 ?   ?   'expression tag'      -2 4 
1 4H8Q ALA A 5  ? UNP Q81L45 ?   ?   'expression tag'      -1 5 
1 4H8Q SER A 6  ? UNP Q81L45 ?   ?   'expression tag'      0  6 
1 4H8Q THR A 35 ? UNP Q81L45 GLN 703 'engineered mutation' 29 7 
# 
loop_
_chem_comp.id 
_chem_comp.type 
_chem_comp.mon_nstd_flag 
_chem_comp.name 
_chem_comp.pdbx_synonyms 
_chem_comp.formula 
_chem_comp.formula_weight 
ALA 'L-peptide linking' y ALANINE                           ?    'C3 H7 N O2'       89.093  
ARG 'L-peptide linking' y ARGININE                          ?    'C6 H15 N4 O2 1'   175.209 
ASN 'L-peptide linking' y ASPARAGINE                        ?    'C4 H8 N2 O3'      132.118 
ASP 'L-peptide linking' y 'ASPARTIC ACID'                   ?    'C4 H7 N O4'       133.103 
GLN 'L-peptide linking' y GLUTAMINE                         ?    'C5 H10 N2 O3'     146.144 
GLU 'L-peptide linking' y 'GLUTAMIC ACID'                   ?    'C5 H9 N O4'       147.129 
GLY 'peptide linking'   y GLYCINE                           ?    'C2 H5 N O2'       75.067  
HEM non-polymer         . 'PROTOPORPHYRIN IX CONTAINING FE' HEME 'C34 H32 Fe N4 O4' 616.487 
HIS 'L-peptide linking' y HISTIDINE                         ?    'C6 H10 N3 O2 1'   156.162 
HOH non-polymer         . WATER                             ?    'H2 O'             18.015  
ILE 'L-peptide linking' y ISOLEUCINE                        ?    'C6 H13 N O2'      131.173 
LEU 'L-peptide linking' y LEUCINE                           ?    'C6 H13 N O2'      131.173 
LYS 'L-peptide linking' y LYSINE                            ?    'C6 H15 N2 O2 1'   147.195 
MET 'L-peptide linking' y METHIONINE                        ?    'C5 H11 N O2 S'    149.211 
PHE 'L-peptide linking' y PHENYLALANINE                     ?    'C9 H11 N O2'      165.189 
PRO 'L-peptide linking' y PROLINE                           ?    'C5 H9 N O2'       115.130 
SER 'L-peptide linking' y SERINE                            ?    'C3 H7 N O3'       105.093 
THR 'L-peptide linking' y THREONINE                         ?    'C4 H9 N O3'       119.119 
TRP 'L-peptide linking' y TRYPTOPHAN                        ?    'C11 H12 N2 O2'    204.225 
TYR 'L-peptide linking' y TYROSINE                          ?    'C9 H11 N O3'      181.189 
VAL 'L-peptide linking' y VALINE                            ?    'C5 H11 N O2'      117.146 
ZN  non-polymer         . 'ZINC ION'                        ?    'Zn 2'             65.409  
# 
_exptl.entry_id          4H8Q 
_exptl.method            'X-RAY DIFFRACTION' 
_exptl.crystals_number   1 
# 
_exptl_crystal.id                    1 
_exptl_crystal.density_meas          ? 
_exptl_crystal.density_Matthews      3.85 
_exptl_crystal.density_percent_sol   68.1 
_exptl_crystal.description           ? 
_exptl_crystal.F_000                 ? 
_exptl_crystal.preparation           ? 
# 
_exptl_crystal_grow.crystal_id      1 
_exptl_crystal_grow.method          'VAPOR DIFFUSION, HANGING DROP' 
_exptl_crystal_grow.temp            293 
_exptl_crystal_grow.temp_details    ? 
_exptl_crystal_grow.pH              5.25 
_exptl_crystal_grow.pdbx_details    
'5% PEG 3000, 0.2 M Zn acetate and 0.1 M sodium acetate pH 5.25, VAPOR DIFFUSION, HANGING DROP, temperature 293K' 
_exptl_crystal_grow.pdbx_pH_range   ? 
# 
_diffrn.id                     1 
_diffrn.ambient_temp           77 
_diffrn.ambient_temp_details   ? 
_diffrn.crystal_id             1 
# 
_diffrn_detector.diffrn_id              1 
_diffrn_detector.detector               CCD 
_diffrn_detector.type                   'MARMOSAIC 325 mm CCD' 
_diffrn_detector.pdbx_collection_date   2012-06-12 
_diffrn_detector.details                ? 
# 
_diffrn_radiation.diffrn_id                        1 
_diffrn_radiation.wavelength_id                    1 
_diffrn_radiation.pdbx_monochromatic_or_laue_m_l   M 
_diffrn_radiation.monochromator                    'Double crystal monochromator' 
_diffrn_radiation.pdbx_diffrn_protocol             'SINGLE WAVELENGTH' 
_diffrn_radiation.pdbx_scattering_type             x-ray 
# 
_diffrn_radiation_wavelength.id           1 
_diffrn_radiation_wavelength.wavelength   1 
_diffrn_radiation_wavelength.wt           1.0 
# 
_diffrn_source.diffrn_id                   1 
_diffrn_source.source                      SYNCHROTRON 
_diffrn_source.type                        'SSRL BEAMLINE BL9-2' 
_diffrn_source.pdbx_synchrotron_site       SSRL 
_diffrn_source.pdbx_synchrotron_beamline   BL9-2 
_diffrn_source.pdbx_wavelength             ? 
_diffrn_source.pdbx_wavelength_list        1 
# 
_reflns.entry_id                     4H8Q 
_reflns.observed_criterion_sigma_I   ? 
_reflns.observed_criterion_sigma_F   ? 
_reflns.d_resolution_low             38.57 
_reflns.d_resolution_high            1.49 
_reflns.number_obs                   35031 
_reflns.number_all                   ? 
_reflns.percent_possible_obs         100 
_reflns.pdbx_Rmerge_I_obs            0.073 
_reflns.pdbx_Rsym_value              ? 
_reflns.pdbx_netI_over_sigmaI        ? 
_reflns.B_iso_Wilson_estimate        ? 
_reflns.pdbx_redundancy              44.5 
_reflns.R_free_details               ? 
_reflns.limit_h_max                  ? 
_reflns.limit_h_min                  ? 
_reflns.limit_k_max                  ? 
_reflns.limit_k_min                  ? 
_reflns.limit_l_max                  ? 
_reflns.limit_l_min                  ? 
_reflns.observed_criterion_F_max     ? 
_reflns.observed_criterion_F_min     ? 
_reflns.pdbx_chi_squared             ? 
_reflns.pdbx_scaling_rejects         ? 
_reflns.pdbx_ordinal                 1 
_reflns.pdbx_diffrn_id               1 
# 
_refine.entry_id                                 4H8Q 
_refine.ls_number_reflns_obs                     23875 
_refine.ls_number_reflns_all                     ? 
_refine.pdbx_ls_sigma_I                          ? 
_refine.pdbx_ls_sigma_F                          1.36 
_refine.pdbx_data_cutoff_high_absF               ? 
_refine.pdbx_data_cutoff_low_absF                ? 
_refine.pdbx_data_cutoff_high_rms_absF           ? 
_refine.ls_d_res_low                             38.569 
_refine.ls_d_res_high                            1.700 
_refine.ls_percent_reflns_obs                    99.97 
_refine.ls_R_factor_obs                          0.1909 
_refine.ls_R_factor_all                          ? 
_refine.ls_R_factor_R_work                       0.1898 
_refine.ls_R_factor_R_free                       0.2083 
_refine.ls_R_factor_R_free_error                 ? 
_refine.ls_R_factor_R_free_error_details         ? 
_refine.ls_percent_reflns_R_free                 5.70 
_refine.ls_number_reflns_R_free                  1362 
_refine.ls_number_parameters                     ? 
_refine.ls_number_restraints                     ? 
_refine.occupancy_min                            ? 
_refine.occupancy_max                            ? 
_refine.correlation_coeff_Fo_to_Fc               ? 
_refine.correlation_coeff_Fo_to_Fc_free          ? 
_refine.B_iso_mean                               ? 
_refine.aniso_B[1][1]                            0.0000 
_refine.aniso_B[2][2]                            0.0000 
_refine.aniso_B[3][3]                            0.0000 
_refine.aniso_B[1][2]                            0.0000 
_refine.aniso_B[1][3]                            0.0000 
_refine.aniso_B[2][3]                            0.0000 
_refine.solvent_model_details                    'FLAT BULK SOLVENT MODEL' 
_refine.solvent_model_param_ksol                 0.358 
_refine.solvent_model_param_bsol                 43.616 
_refine.pdbx_solvent_vdw_probe_radii             1.00 
_refine.pdbx_solvent_ion_probe_radii             ? 
_refine.pdbx_solvent_shrinkage_radii             0.72 
_refine.pdbx_ls_cross_valid_method               ? 
_refine.details                                  ? 
_refine.pdbx_starting_model                      4H8P 
_refine.pdbx_method_to_determine_struct          'MOLECULAR REPLACEMENT' 
_refine.pdbx_isotropic_thermal_model             ? 
_refine.pdbx_stereochemistry_target_values       ML 
_refine.pdbx_stereochem_target_val_spec_case     ? 
_refine.pdbx_R_Free_selection_details            ? 
_refine.pdbx_overall_ESU_R                       ? 
_refine.pdbx_overall_ESU_R_Free                  ? 
_refine.overall_SU_ML                            0.31 
_refine.pdbx_overall_phase_error                 18.99 
_refine.overall_SU_B                             ? 
_refine.overall_SU_R_Cruickshank_DPI             ? 
_refine.ls_redundancy_reflns_obs                 ? 
_refine.B_iso_min                                ? 
_refine.B_iso_max                                ? 
_refine.overall_SU_R_free                        ? 
_refine.ls_wR_factor_R_free                      ? 
_refine.ls_wR_factor_R_work                      ? 
_refine.overall_FOM_free_R_set                   ? 
_refine.overall_FOM_work_R_set                   ? 
_refine.pdbx_diffrn_id                           1 
_refine.pdbx_refine_id                           'X-RAY DIFFRACTION' 
_refine.pdbx_TLS_residual_ADP_flag               ? 
_refine.pdbx_overall_SU_R_free_Cruickshank_DPI   ? 
_refine.pdbx_overall_SU_R_Blow_DPI               ? 
_refine.pdbx_overall_SU_R_free_Blow_DPI          ? 
# 
_refine_hist.pdbx_refine_id                   'X-RAY DIFFRACTION' 
_refine_hist.cycle_id                         LAST 
_refine_hist.pdbx_number_atoms_protein        957 
_refine_hist.pdbx_number_atoms_nucleic_acid   0 
_refine_hist.pdbx_number_atoms_ligand         44 
_refine_hist.number_atoms_solvent             130 
_refine_hist.number_atoms_total               1131 
_refine_hist.d_res_high                       1.700 
_refine_hist.d_res_low                        38.569 
# 
loop_
_refine_ls_restr.type 
_refine_ls_restr.dev_ideal 
_refine_ls_restr.dev_ideal_target 
_refine_ls_restr.weight 
_refine_ls_restr.number 
_refine_ls_restr.pdbx_restraint_function 
_refine_ls_restr.pdbx_refine_id 
f_bond_d           0.006  ? ? 1037 ? 'X-RAY DIFFRACTION' 
f_angle_d          1.056  ? ? 1409 ? 'X-RAY DIFFRACTION' 
f_dihedral_angle_d 15.706 ? ? 378  ? 'X-RAY DIFFRACTION' 
f_chiral_restr     0.069  ? ? 147  ? 'X-RAY DIFFRACTION' 
f_plane_restr      0.003  ? ? 175  ? 'X-RAY DIFFRACTION' 
# 
loop_
_refine_ls_shell.pdbx_total_number_of_bins_used 
_refine_ls_shell.d_res_high 
_refine_ls_shell.d_res_low 
_refine_ls_shell.number_reflns_R_work 
_refine_ls_shell.R_factor_R_work 
_refine_ls_shell.percent_reflns_obs 
_refine_ls_shell.R_factor_R_free 
_refine_ls_shell.R_factor_R_free_error 
_refine_ls_shell.percent_reflns_R_free 
_refine_ls_shell.number_reflns_R_free 
_refine_ls_shell.number_reflns_all 
_refine_ls_shell.R_factor_all 
_refine_ls_shell.number_reflns_obs 
_refine_ls_shell.redundancy_reflns_obs 
_refine_ls_shell.pdbx_refine_id 
. 1.7004 1.7612  2234 0.2024 100.00 0.2156 . . 134 . . . . 'X-RAY DIFFRACTION' 
. 1.7612 1.8317  2218 0.2038 100.00 0.2722 . . 133 . . . . 'X-RAY DIFFRACTION' 
. 1.8317 1.9150  2242 0.1931 100.00 0.1997 . . 135 . . . . 'X-RAY DIFFRACTION' 
. 1.9150 2.0160  2236 0.1907 100.00 0.1885 . . 137 . . . . 'X-RAY DIFFRACTION' 
. 2.0160 2.1423  2246 0.1865 1.01   0.2374 . . 138 . . . . 'X-RAY DIFFRACTION' 
. 2.1423 2.3077  2217 0.2009 100.00 0.2315 . . 134 . . . . 'X-RAY DIFFRACTION' 
. 2.3077 2.5399  2264 0.2115 100.00 0.2059 . . 131 . . . . 'X-RAY DIFFRACTION' 
. 2.5399 2.9073  2247 0.2016 100.00 0.2188 . . 140 . . . . 'X-RAY DIFFRACTION' 
. 2.9073 3.6624  2272 0.1892 100.00 0.2308 . . 137 . . . . 'X-RAY DIFFRACTION' 
. 3.6624 38.5790 2337 0.1733 100.00 0.1731 . . 143 . . . . 'X-RAY DIFFRACTION' 
# 
_struct.entry_id                  4H8Q 
_struct.title                     'Structure of the Q29T IsdX2-NEAT5 mutant in complex with heme' 
_struct.pdbx_model_details        ? 
_struct.pdbx_CASP_flag            ? 
_struct.pdbx_model_type_details   ? 
# 
_struct_keywords.entry_id        4H8Q 
_struct_keywords.pdbx_keywords   'HEME-BINDING PROTEIN' 
_struct_keywords.text            'NEAT domain, Heme transport Heme scavenging, hemophore, HEME-BINDING PROTEIN' 
# 
loop_
_struct_asym.id 
_struct_asym.pdbx_blank_PDB_chainid_flag 
_struct_asym.pdbx_modified 
_struct_asym.entity_id 
_struct_asym.details 
A N N 1 ? 
B N N 2 ? 
C N N 3 ? 
D N N 4 ? 
# 
_struct_biol.id        1 
_struct_biol.details   ? 
# 
loop_
_struct_conf.conf_type_id 
_struct_conf.id 
_struct_conf.pdbx_PDB_helix_id 
_struct_conf.beg_label_comp_id 
_struct_conf.beg_label_asym_id 
_struct_conf.beg_label_seq_id 
_struct_conf.pdbx_beg_PDB_ins_code 
_struct_conf.end_label_comp_id 
_struct_conf.end_label_asym_id 
_struct_conf.end_label_seq_id 
_struct_conf.pdbx_end_PDB_ins_code 
_struct_conf.beg_auth_comp_id 
_struct_conf.beg_auth_asym_id 
_struct_conf.beg_auth_seq_id 
_struct_conf.end_auth_comp_id 
_struct_conf.end_auth_asym_id 
_struct_conf.end_auth_seq_id 
_struct_conf.pdbx_PDB_helix_class 
_struct_conf.details 
_struct_conf.pdbx_PDB_helix_length 
HELX_P HELX_P1 1 SER A 31  ? VAL A 37  ? SER A 25  VAL A 31  5 ? 7 
HELX_P HELX_P2 2 ASN A 58  ? GLU A 60  ? ASN A 52  GLU A 54  5 ? 3 
HELX_P HELX_P3 3 ASP A 110 ? ASN A 113 ? ASP A 104 ASN A 107 5 ? 4 
# 
_struct_conf_type.id          HELX_P 
_struct_conf_type.criteria    ? 
_struct_conf_type.reference   ? 
# 
loop_
_struct_conn.id 
_struct_conn.conn_type_id 
_struct_conn.pdbx_leaving_atom_flag 
_struct_conn.pdbx_PDB_id 
_struct_conn.ptnr1_label_asym_id 
_struct_conn.ptnr1_label_comp_id 
_struct_conn.ptnr1_label_seq_id 
_struct_conn.ptnr1_label_atom_id 
_struct_conn.pdbx_ptnr1_label_alt_id 
_struct_conn.pdbx_ptnr1_PDB_ins_code 
_struct_conn.pdbx_ptnr1_standard_comp_id 
_struct_conn.ptnr1_symmetry 
_struct_conn.ptnr2_label_asym_id 
_struct_conn.ptnr2_label_comp_id 
_struct_conn.ptnr2_label_seq_id 
_struct_conn.ptnr2_label_atom_id 
_struct_conn.pdbx_ptnr2_label_alt_id 
_struct_conn.pdbx_ptnr2_PDB_ins_code 
_struct_conn.ptnr1_auth_asym_id 
_struct_conn.ptnr1_auth_comp_id 
_struct_conn.ptnr1_auth_seq_id 
_struct_conn.ptnr2_auth_asym_id 
_struct_conn.ptnr2_auth_comp_id 
_struct_conn.ptnr2_auth_seq_id 
_struct_conn.ptnr2_symmetry 
_struct_conn.pdbx_ptnr3_label_atom_id 
_struct_conn.pdbx_ptnr3_label_seq_id 
_struct_conn.pdbx_ptnr3_label_comp_id 
_struct_conn.pdbx_ptnr3_label_asym_id 
_struct_conn.pdbx_ptnr3_label_alt_id 
_struct_conn.pdbx_ptnr3_PDB_ins_code 
_struct_conn.details 
_struct_conn.pdbx_dist_value 
_struct_conn.pdbx_value_order 
_struct_conn.pdbx_role 
metalc1 metalc ? ? A TYR 114 OH  ? ? ? 1_555 B HEM . FE ? ? A TYR 108 A HEM 201 1_555 ? ? ? ? ? ? ? 2.058 ? ? 
metalc2 metalc ? ? A HIS 116 ND1 ? ? ? 1_555 C ZN  . ZN ? ? A HIS 110 A ZN  202 1_555 ? ? ? ? ? ? ? 2.110 ? ? 
metalc3 metalc ? ? C ZN  .   ZN  ? ? ? 1_555 D HOH . O  ? ? A ZN  202 A HOH 421 1_555 ? ? ? ? ? ? ? 2.357 ? ? 
# 
_struct_conn_type.id          metalc 
_struct_conn_type.criteria    ? 
_struct_conn_type.reference   ? 
# 
_struct_mon_prot_cis.pdbx_id                1 
_struct_mon_prot_cis.label_comp_id          SER 
_struct_mon_prot_cis.label_seq_id           39 
_struct_mon_prot_cis.label_asym_id          A 
_struct_mon_prot_cis.label_alt_id           . 
_struct_mon_prot_cis.pdbx_PDB_ins_code      ? 
_struct_mon_prot_cis.auth_comp_id           SER 
_struct_mon_prot_cis.auth_seq_id            33 
_struct_mon_prot_cis.auth_asym_id           A 
_struct_mon_prot_cis.pdbx_label_comp_id_2   PRO 
_struct_mon_prot_cis.pdbx_label_seq_id_2    40 
_struct_mon_prot_cis.pdbx_label_asym_id_2   A 
_struct_mon_prot_cis.pdbx_PDB_ins_code_2    ? 
_struct_mon_prot_cis.pdbx_auth_comp_id_2    PRO 
_struct_mon_prot_cis.pdbx_auth_seq_id_2     34 
_struct_mon_prot_cis.pdbx_auth_asym_id_2    A 
_struct_mon_prot_cis.pdbx_PDB_model_num     1 
_struct_mon_prot_cis.pdbx_omega_angle       4.66 
# 
_struct_sheet.id               A 
_struct_sheet.type             ? 
_struct_sheet.number_strands   9 
_struct_sheet.details          ? 
# 
loop_
_struct_sheet_order.sheet_id 
_struct_sheet_order.range_id_1 
_struct_sheet_order.range_id_2 
_struct_sheet_order.offset 
_struct_sheet_order.sense 
A 1 2 ? anti-parallel 
A 2 3 ? anti-parallel 
A 3 4 ? anti-parallel 
A 4 5 ? anti-parallel 
A 5 6 ? anti-parallel 
A 6 7 ? anti-parallel 
A 7 8 ? anti-parallel 
A 8 9 ? anti-parallel 
# 
loop_
_struct_sheet_range.sheet_id 
_struct_sheet_range.id 
_struct_sheet_range.beg_label_comp_id 
_struct_sheet_range.beg_label_asym_id 
_struct_sheet_range.beg_label_seq_id 
_struct_sheet_range.pdbx_beg_PDB_ins_code 
_struct_sheet_range.end_label_comp_id 
_struct_sheet_range.end_label_asym_id 
_struct_sheet_range.end_label_seq_id 
_struct_sheet_range.pdbx_end_PDB_ins_code 
_struct_sheet_range.beg_auth_comp_id 
_struct_sheet_range.beg_auth_asym_id 
_struct_sheet_range.beg_auth_seq_id 
_struct_sheet_range.end_auth_comp_id 
_struct_sheet_range.end_auth_asym_id 
_struct_sheet_range.end_auth_seq_id 
A 1 GLY A 72  ? ASP A 75  ? GLY A 66  ASP A 69  
A 2 ILE A 62  ? LYS A 69  ? ILE A 56  LYS A 63  
A 3 LEU A 101 ? ILE A 109 ? LEU A 95  ILE A 103 
A 4 TYR A 114 ? ASP A 125 ? TYR A 108 ASP A 119 
A 5 GLY A 14  ? LYS A 24  ? GLY A 8   LYS A 18  
A 6 ALA A 41  ? LYS A 46  ? ALA A 35  LYS A 40  
A 7 LYS A 49  ? LEU A 56  ? LYS A 43  LEU A 50  
A 8 THR A 87  ? ALA A 94  ? THR A 81  ALA A 88  
A 9 LYS A 77  ? ASP A 82  ? LYS A 71  ASP A 76  
# 
loop_
_pdbx_struct_sheet_hbond.sheet_id 
_pdbx_struct_sheet_hbond.range_id_1 
_pdbx_struct_sheet_hbond.range_id_2 
_pdbx_struct_sheet_hbond.range_1_label_atom_id 
_pdbx_struct_sheet_hbond.range_1_label_comp_id 
_pdbx_struct_sheet_hbond.range_1_label_asym_id 
_pdbx_struct_sheet_hbond.range_1_label_seq_id 
_pdbx_struct_sheet_hbond.range_1_PDB_ins_code 
_pdbx_struct_sheet_hbond.range_1_auth_atom_id 
_pdbx_struct_sheet_hbond.range_1_auth_comp_id 
_pdbx_struct_sheet_hbond.range_1_auth_asym_id 
_pdbx_struct_sheet_hbond.range_1_auth_seq_id 
_pdbx_struct_sheet_hbond.range_2_label_atom_id 
_pdbx_struct_sheet_hbond.range_2_label_comp_id 
_pdbx_struct_sheet_hbond.range_2_label_asym_id 
_pdbx_struct_sheet_hbond.range_2_label_seq_id 
_pdbx_struct_sheet_hbond.range_2_PDB_ins_code 
_pdbx_struct_sheet_hbond.range_2_auth_atom_id 
_pdbx_struct_sheet_hbond.range_2_auth_comp_id 
_pdbx_struct_sheet_hbond.range_2_auth_asym_id 
_pdbx_struct_sheet_hbond.range_2_auth_seq_id 
A 1 2 O GLY A 72  ? O GLY A 66  N LYS A 69  ? N LYS A 63  
A 2 3 N GLN A 66  ? N GLN A 60  O LYS A 104 ? O LYS A 98  
A 3 4 N LEU A 101 ? N LEU A 95  O ILE A 122 ? O ILE A 116 
A 4 5 O GLN A 121 ? O GLN A 115 N LEU A 23  ? N LEU A 17  
A 5 6 N TYR A 16  ? N TYR A 10  O LEU A 43  ? O LEU A 37  
A 6 7 N THR A 44  ? N THR A 38  O TYR A 51  ? O TYR A 45  
A 7 8 N ILE A 52  ? N ILE A 46  O PHE A 92  ? O PHE A 86  
A 8 9 O THR A 87  ? O THR A 81  N ASP A 82  ? N ASP A 76  
# 
loop_
_struct_site.id 
_struct_site.pdbx_evidence_code 
_struct_site.pdbx_auth_asym_id 
_struct_site.pdbx_auth_comp_id 
_struct_site.pdbx_auth_seq_id 
_struct_site.pdbx_auth_ins_code 
_struct_site.pdbx_num_residues 
_struct_site.details 
AC1 Software A HEM 201 ? 20 'BINDING SITE FOR RESIDUE HEM A 201' 
AC2 Software A ZN  202 ? 3  'BINDING SITE FOR RESIDUE ZN A 202'  
# 
loop_
_struct_site_gen.id 
_struct_site_gen.site_id 
_struct_site_gen.pdbx_num_res 
_struct_site_gen.label_comp_id 
_struct_site_gen.label_asym_id 
_struct_site_gen.label_seq_id 
_struct_site_gen.pdbx_auth_ins_code 
_struct_site_gen.auth_comp_id 
_struct_site_gen.auth_asym_id 
_struct_site_gen.auth_seq_id 
_struct_site_gen.label_atom_id 
_struct_site_gen.label_alt_id 
_struct_site_gen.symmetry 
_struct_site_gen.details 
1  AC1 20 LYS A 24  ? LYS A 18  . ? 1_555  ? 
2  AC1 20 SER A 31  ? SER A 25  . ? 1_555  ? 
3  AC1 20 MET A 32  ? MET A 26  . ? 1_555  ? 
4  AC1 20 MET A 33  ? MET A 27  . ? 1_555  ? 
5  AC1 20 TYR A 36  ? TYR A 30  . ? 1_555  ? 
6  AC1 20 TRP A 61  ? TRP A 55  . ? 1_555  ? 
7  AC1 20 VAL A 105 ? VAL A 99  . ? 1_555  ? 
8  AC1 20 VAL A 107 ? VAL A 101 . ? 1_555  ? 
9  AC1 20 ILE A 109 ? ILE A 103 . ? 1_555  ? 
10 AC1 20 TYR A 114 ? TYR A 108 . ? 1_555  ? 
11 AC1 20 TYR A 114 ? TYR A 108 . ? 2_545  ? 
12 AC1 20 HIS A 116 ? HIS A 110 . ? 2_545  ? 
13 AC1 20 TYR A 118 ? TYR A 112 . ? 1_555  ? 
14 AC1 20 VAL A 120 ? VAL A 114 . ? 1_555  ? 
15 AC1 20 HOH D .   ? HOH A 302 . ? 1_555  ? 
16 AC1 20 HOH D .   ? HOH A 322 . ? 2_545  ? 
17 AC1 20 HOH D .   ? HOH A 369 . ? 2_545  ? 
18 AC1 20 HOH D .   ? HOH A 379 . ? 18_544 ? 
19 AC1 20 HOH D .   ? HOH A 391 . ? 1_555  ? 
20 AC1 20 HOH D .   ? HOH A 392 . ? 1_555  ? 
21 AC2 3  ASP A 17  ? ASP A 11  . ? 20_444 ? 
22 AC2 3  HIS A 116 ? HIS A 110 . ? 1_555  ? 
23 AC2 3  HOH D .   ? HOH A 421 . ? 1_555  ? 
# 
_atom_sites.entry_id                    4H8Q 
_atom_sites.fract_transf_matrix[1][1]   -0.00721395 
_atom_sites.fract_transf_matrix[1][2]   0.00222870 
_atom_sites.fract_transf_matrix[1][3]   -0.00519863 
_atom_sites.fract_transf_matrix[2][1]   -0.00352205 
_atom_sites.fract_transf_matrix[2][2]   -0.00836260 
_atom_sites.fract_transf_matrix[2][3]   0.00130229 
_atom_sites.fract_transf_matrix[3][1]   -0.00442583 
_atom_sites.fract_transf_matrix[3][2]   0.00302220 
_atom_sites.fract_transf_matrix[3][3]   0.00743722 
_atom_sites.fract_transf_vector[1]      -0.060709 
_atom_sites.fract_transf_vector[2]      -0.325847 
_atom_sites.fract_transf_vector[3]      -0.340155 
# 
loop_
_atom_type.symbol 
C  
FE 
N  
O  
S  
ZN 
# 
loop_
_atom_site.group_PDB 
_atom_site.id 
_atom_site.type_symbol 
_atom_site.label_atom_id 
_atom_site.label_alt_id 
_atom_site.label_comp_id 
_atom_site.label_asym_id 
_atom_site.label_entity_id 
_atom_site.label_seq_id 
_atom_site.pdbx_PDB_ins_code 
_atom_site.Cartn_x 
_atom_site.Cartn_y 
_atom_site.Cartn_z 
_atom_site.occupancy 
_atom_site.B_iso_or_equiv 
_atom_site.pdbx_formal_charge 
_atom_site.auth_seq_id 
_atom_site.auth_comp_id 
_atom_site.auth_asym_id 
_atom_site.auth_atom_id 
_atom_site.pdbx_PDB_model_num 
ATOM   1    N  N   . LEU A 1 11  ? -10.986 -17.396 5.096   1.00 59.88 ? 5   LEU A N   1 
ATOM   2    C  CA  . LEU A 1 11  ? -10.443 -17.862 3.824   1.00 55.43 ? 5   LEU A CA  1 
ATOM   3    C  C   . LEU A 1 11  ? -9.293  -18.839 4.051   1.00 56.31 ? 5   LEU A C   1 
ATOM   4    O  O   . LEU A 1 11  ? -8.706  -18.881 5.135   1.00 58.27 ? 5   LEU A O   1 
ATOM   5    C  CB  . LEU A 1 11  ? -9.987  -16.678 2.969   1.00 51.51 ? 5   LEU A CB  1 
ATOM   6    N  N   . LYS A 1 12  ? -8.970  -19.618 3.025   1.00 49.81 ? 6   LYS A N   1 
ATOM   7    C  CA  . LYS A 1 12  ? -7.951  -20.651 3.146   1.00 51.36 ? 6   LYS A CA  1 
ATOM   8    C  C   . LYS A 1 12  ? -6.684  -20.305 2.368   1.00 51.07 ? 6   LYS A C   1 
ATOM   9    O  O   . LYS A 1 12  ? -6.712  -19.484 1.452   1.00 48.34 ? 6   LYS A O   1 
ATOM   10   C  CB  . LYS A 1 12  ? -8.498  -21.986 2.646   1.00 55.81 ? 6   LYS A CB  1 
ATOM   11   C  CG  . LYS A 1 12  ? -8.628  -22.052 1.140   1.00 54.80 ? 6   LYS A CG  1 
ATOM   12   C  CD  . LYS A 1 12  ? -8.845  -23.475 0.663   1.00 54.65 ? 6   LYS A CD  1 
ATOM   13   C  CE  . LYS A 1 12  ? -8.691  -23.550 -0.844  1.00 57.41 ? 6   LYS A CE  1 
ATOM   14   N  NZ  . LYS A 1 12  ? -7.433  -22.875 -1.276  1.00 52.85 ? 6   LYS A NZ  1 
ATOM   15   N  N   . ASP A 1 13  ? -5.580  -20.951 2.732   1.00 49.89 ? 7   ASP A N   1 
ATOM   16   C  CA  . ASP A 1 13  ? -4.282  -20.693 2.112   1.00 44.95 ? 7   ASP A CA  1 
ATOM   17   C  C   . ASP A 1 13  ? -4.352  -20.638 0.588   1.00 44.24 ? 7   ASP A C   1 
ATOM   18   O  O   . ASP A 1 13  ? -5.018  -21.460 -0.044  1.00 48.79 ? 7   ASP A O   1 
ATOM   19   C  CB  . ASP A 1 13  ? -3.259  -21.739 2.565   1.00 44.74 ? 7   ASP A CB  1 
ATOM   20   C  CG  . ASP A 1 13  ? -2.971  -21.659 4.047   1.00 47.70 ? 7   ASP A CG  1 
ATOM   21   O  OD1 . ASP A 1 13  ? -3.775  -21.034 4.776   1.00 52.22 ? 7   ASP A OD1 1 
ATOM   22   O  OD2 . ASP A 1 13  ? -1.943  -22.218 4.486   1.00 55.59 ? 7   ASP A OD2 1 
ATOM   23   N  N   . GLY A 1 14  ? -3.659  -19.659 0.009   1.00 37.67 ? 8   GLY A N   1 
ATOM   24   C  CA  . GLY A 1 14  ? -3.656  -19.436 -1.427  1.00 31.40 ? 8   GLY A CA  1 
ATOM   25   C  C   . GLY A 1 14  ? -3.413  -17.972 -1.755  1.00 29.74 ? 8   GLY A C   1 
ATOM   26   O  O   . GLY A 1 14  ? -3.174  -17.173 -0.853  1.00 29.79 ? 8   GLY A O   1 
ATOM   27   N  N   . GLN A 1 15  ? -3.482  -17.629 -3.039  1.00 28.11 ? 9   GLN A N   1 
ATOM   28   C  CA  . GLN A 1 15  ? -3.226  -16.269 -3.521  1.00 27.03 ? 9   GLN A CA  1 
ATOM   29   C  C   . GLN A 1 15  ? -4.491  -15.699 -4.179  1.00 27.56 ? 9   GLN A C   1 
ATOM   30   O  O   . GLN A 1 15  ? -5.081  -16.347 -5.040  1.00 27.23 ? 9   GLN A O   1 
ATOM   31   C  CB  . GLN A 1 15  ? -2.095  -16.297 -4.551  1.00 31.71 ? 9   GLN A CB  1 
ATOM   32   C  CG  . GLN A 1 15  ? -0.916  -15.389 -4.254  1.00 37.35 ? 9   GLN A CG  1 
ATOM   33   C  CD  . GLN A 1 15  ? 0.347   -15.807 -5.004  1.00 45.83 ? 9   GLN A CD  1 
ATOM   34   O  OE1 . GLN A 1 15  ? 0.332   -16.738 -5.816  1.00 43.90 ? 9   GLN A OE1 1 
ATOM   35   N  NE2 . GLN A 1 15  ? 1.449   -15.123 -4.725  1.00 43.42 ? 9   GLN A NE2 1 
ATOM   36   N  N   . TYR A 1 16  ? -4.889  -14.485 -3.799  1.00 22.95 ? 10  TYR A N   1 
ATOM   37   C  CA  . TYR A 1 16  ? -6.161  -13.910 -4.257  1.00 22.39 ? 10  TYR A CA  1 
ATOM   38   C  C   . TYR A 1 16  ? -6.023  -12.460 -4.705  1.00 23.35 ? 10  TYR A C   1 
ATOM   39   O  O   . TYR A 1 16  ? -5.152  -11.745 -4.216  1.00 22.61 ? 10  TYR A O   1 
ATOM   40   C  CB  . TYR A 1 16  ? -7.169  -13.925 -3.111  1.00 22.33 ? 10  TYR A CB  1 
ATOM   41   C  CG  . TYR A 1 16  ? -7.397  -15.270 -2.474  1.00 23.53 ? 10  TYR A CG  1 
ATOM   42   C  CD1 . TYR A 1 16  ? -8.469  -16.063 -2.853  1.00 27.21 ? 10  TYR A CD1 1 
ATOM   43   C  CD2 . TYR A 1 16  ? -6.556  -15.739 -1.478  1.00 27.75 ? 10  TYR A CD2 1 
ATOM   44   C  CE1 . TYR A 1 16  ? -8.685  -17.295 -2.265  1.00 30.08 ? 10  TYR A CE1 1 
ATOM   45   C  CE2 . TYR A 1 16  ? -6.770  -16.970 -0.879  1.00 34.17 ? 10  TYR A CE2 1 
ATOM   46   C  CZ  . TYR A 1 16  ? -7.836  -17.743 -1.281  1.00 33.90 ? 10  TYR A CZ  1 
ATOM   47   O  OH  . TYR A 1 16  ? -8.045  -18.970 -0.689  1.00 38.12 ? 10  TYR A OH  1 
ATOM   48   N  N   . ASP A 1 17  ? -6.909  -12.012 -5.596  1.00 19.83 ? 11  ASP A N   1 
ATOM   49   C  CA  . ASP A 1 17  ? -6.999  -10.593 -5.904  1.00 18.57 ? 11  ASP A CA  1 
ATOM   50   C  C   . ASP A 1 17  ? -7.776  -9.893  -4.792  1.00 22.05 ? 11  ASP A C   1 
ATOM   51   O  O   . ASP A 1 17  ? -8.783  -10.416 -4.298  1.00 21.28 ? 11  ASP A O   1 
ATOM   52   C  CB  . ASP A 1 17  ? -7.727  -10.355 -7.236  1.00 18.75 ? 11  ASP A CB  1 
ATOM   53   C  CG  . ASP A 1 17  ? -6.916  -10.755 -8.446  1.00 21.43 ? 11  ASP A CG  1 
ATOM   54   O  OD1 . ASP A 1 17  ? -5.691  -10.982 -8.306  1.00 20.55 ? 11  ASP A OD1 1 
ATOM   55   O  OD2 . ASP A 1 17  ? -7.500  -10.805 -9.559  1.00 18.67 ? 11  ASP A OD2 1 
ATOM   56   N  N   . ILE A 1 18  ? -7.324  -8.707  -4.397  1.00 21.16 ? 12  ILE A N   1 
ATOM   57   C  CA  . ILE A 1 18  ? -8.093  -7.913  -3.448  1.00 18.47 ? 12  ILE A CA  1 
ATOM   58   C  C   . ILE A 1 18  ? -8.104  -6.440  -3.828  1.00 21.43 ? 12  ILE A C   1 
ATOM   59   O  O   . ILE A 1 18  ? -7.062  -5.801  -3.940  1.00 18.32 ? 12  ILE A O   1 
ATOM   60   C  CB  . ILE A 1 18  ? -7.617  -8.117  -1.992  1.00 20.22 ? 12  ILE A CB  1 
ATOM   61   C  CG1 . ILE A 1 18  ? -8.519  -7.329  -1.029  1.00 25.27 ? 12  ILE A CG1 1 
ATOM   62   C  CG2 . ILE A 1 18  ? -6.148  -7.742  -1.842  1.00 21.15 ? 12  ILE A CG2 1 
ATOM   63   C  CD1 . ILE A 1 18  ? -8.428  -7.796  0.418   1.00 27.62 ? 12  ILE A CD1 1 
ATOM   64   N  N   . ALA A 1 19  ? -9.300  -5.899  -4.046  1.00 18.90 ? 13  ALA A N   1 
ATOM   65   C  CA  . ALA A 1 19  ? -9.415  -4.489  -4.385  1.00 19.20 ? 13  ALA A CA  1 
ATOM   66   C  C   . ALA A 1 19  ? -9.228  -3.630  -3.146  1.00 16.89 ? 13  ALA A C   1 
ATOM   67   O  O   . ALA A 1 19  ? -9.516  -4.062  -2.031  1.00 19.95 ? 13  ALA A O   1 
ATOM   68   C  CB  . ALA A 1 19  ? -10.779 -4.200  -5.018  1.00 23.56 ? 13  ALA A CB  1 
ATOM   69   N  N   . PHE A 1 20  ? -8.750  -2.408  -3.341  1.00 16.87 ? 14  PHE A N   1 
ATOM   70   C  CA  . PHE A 1 20  ? -8.562  -1.490  -2.218  1.00 18.76 ? 14  PHE A CA  1 
ATOM   71   C  C   . PHE A 1 20  ? -8.506  -0.056  -2.722  1.00 21.22 ? 14  PHE A C   1 
ATOM   72   O  O   . PHE A 1 20  ? -8.377  0.190   -3.934  1.00 21.78 ? 14  PHE A O   1 
ATOM   73   C  CB  . PHE A 1 20  ? -7.269  -1.816  -1.460  1.00 17.66 ? 14  PHE A CB  1 
ATOM   74   C  CG  . PHE A 1 20  ? -6.030  -1.480  -2.238  1.00 19.38 ? 14  PHE A CG  1 
ATOM   75   C  CD1 . PHE A 1 20  ? -5.520  -2.377  -3.166  1.00 19.71 ? 14  PHE A CD1 1 
ATOM   76   C  CD2 . PHE A 1 20  ? -5.387  -0.259  -2.058  1.00 19.69 ? 14  PHE A CD2 1 
ATOM   77   C  CE1 . PHE A 1 20  ? -4.390  -2.061  -3.904  1.00 20.24 ? 14  PHE A CE1 1 
ATOM   78   C  CE2 . PHE A 1 20  ? -4.250  0.062   -2.783  1.00 20.14 ? 14  PHE A CE2 1 
ATOM   79   C  CZ  . PHE A 1 20  ? -3.750  -0.838  -3.710  1.00 18.84 ? 14  PHE A CZ  1 
ATOM   80   N  N   . LYS A 1 21  ? -8.602  0.882   -1.783  1.00 19.22 ? 15  LYS A N   1 
ATOM   81   C  CA  . LYS A 1 21  ? -8.444  2.297   -2.059  1.00 20.13 ? 15  LYS A CA  1 
ATOM   82   C  C   . LYS A 1 21  ? -7.538  2.871   -0.975  1.00 19.60 ? 15  LYS A C   1 
ATOM   83   O  O   . LYS A 1 21  ? -7.532  2.378   0.159   1.00 21.03 ? 15  LYS A O   1 
ATOM   84   C  CB  . LYS A 1 21  ? -9.809  3.000   -2.008  1.00 25.59 ? 15  LYS A CB  1 
ATOM   85   C  CG  . LYS A 1 21  ? -10.750 2.636   -3.140  1.00 32.98 ? 15  LYS A CG  1 
ATOM   86   C  CD  . LYS A 1 21  ? -12.136 3.235   -2.908  1.00 39.14 ? 15  LYS A CD  1 
ATOM   87   C  CE  . LYS A 1 21  ? -13.100 2.878   -4.039  1.00 46.25 ? 15  LYS A CE  1 
ATOM   88   N  NZ  . LYS A 1 21  ? -14.490 3.361   -3.761  1.00 46.41 ? 15  LYS A NZ  1 
ATOM   89   N  N   . VAL A 1 22  ? -6.767  3.893   -1.323  1.00 18.42 ? 16  VAL A N   1 
ATOM   90   C  CA  . VAL A 1 22  ? -6.013  4.644   -0.329  1.00 15.00 ? 16  VAL A CA  1 
ATOM   91   C  C   . VAL A 1 22  ? -6.790  5.911   -0.003  1.00 18.17 ? 16  VAL A C   1 
ATOM   92   O  O   . VAL A 1 22  ? -7.160  6.661   -0.904  1.00 19.95 ? 16  VAL A O   1 
ATOM   93   C  CB  . VAL A 1 22  ? -4.609  5.014   -0.831  1.00 17.34 ? 16  VAL A CB  1 
ATOM   94   C  CG1 . VAL A 1 22  ? -3.800  5.687   0.281   1.00 17.24 ? 16  VAL A CG1 1 
ATOM   95   C  CG2 . VAL A 1 22  ? -3.885  3.753   -1.319  1.00 20.14 ? 16  VAL A CG2 1 
ATOM   96   N  N   . LEU A 1 23  ? -7.013  6.137   1.287   1.00 18.15 ? 17  LEU A N   1 
ATOM   97   C  CA  . LEU A 1 23  ? -7.830  7.251   1.761   1.00 19.64 ? 17  LEU A CA  1 
ATOM   98   C  C   . LEU A 1 23  ? -6.988  8.326   2.429   1.00 17.03 ? 17  LEU A C   1 
ATOM   99   O  O   . LEU A 1 23  ? -5.998  8.038   3.098   1.00 18.61 ? 17  LEU A O   1 
ATOM   100  C  CB  . LEU A 1 23  ? -8.874  6.729   2.751   1.00 18.96 ? 17  LEU A CB  1 
ATOM   101  C  CG  . LEU A 1 23  ? -9.797  5.620   2.253   1.00 18.85 ? 17  LEU A CG  1 
ATOM   102  C  CD1 . LEU A 1 23  ? -10.701 5.134   3.392   1.00 23.77 ? 17  LEU A CD1 1 
ATOM   103  C  CD2 . LEU A 1 23  ? -10.620 6.096   1.044   1.00 22.27 ? 17  LEU A CD2 1 
ATOM   104  N  N   . LYS A 1 24  ? -7.385  9.581   2.247   1.00 16.88 ? 18  LYS A N   1 
ATOM   105  C  CA  . LYS A 1 24  ? -6.765  10.684  2.955   1.00 17.30 ? 18  LYS A CA  1 
ATOM   106  C  C   . LYS A 1 24  ? -6.940  10.506  4.465   1.00 16.90 ? 18  LYS A C   1 
ATOM   107  O  O   . LYS A 1 24  ? -8.000  10.079  4.921   1.00 20.75 ? 18  LYS A O   1 
ATOM   108  C  CB  . LYS A 1 24  ? -7.390  11.994  2.466   1.00 20.59 ? 18  LYS A CB  1 
ATOM   109  C  CG  . LYS A 1 24  ? -6.895  13.228  3.167   1.00 22.21 ? 18  LYS A CG  1 
ATOM   110  C  CD  . LYS A 1 24  ? -7.497  14.476  2.525   1.00 28.60 ? 18  LYS A CD  1 
ATOM   111  C  CE  . LYS A 1 24  ? -7.074  15.731  3.264   1.00 35.66 ? 18  LYS A CE  1 
ATOM   112  N  NZ  . LYS A 1 24  ? -7.666  16.947  2.647   1.00 42.63 ? 18  LYS A NZ  1 
ATOM   113  N  N   . ASP A 1 25  ? -5.893  10.823  5.219   1.00 19.66 ? 19  ASP A N   1 
ATOM   114  C  CA  . ASP A 1 25  ? -5.824  10.548  6.655   1.00 18.75 ? 19  ASP A CA  1 
ATOM   115  C  C   . ASP A 1 25  ? -7.081  11.016  7.399   1.00 21.55 ? 19  ASP A C   1 
ATOM   116  O  O   . ASP A 1 25  ? -7.455  12.188  7.310   1.00 23.09 ? 19  ASP A O   1 
ATOM   117  C  CB  . ASP A 1 25  ? -4.588  11.225  7.246   1.00 22.33 ? 19  ASP A CB  1 
ATOM   118  C  CG  . ASP A 1 25  ? -4.352  10.861  8.710   1.00 23.21 ? 19  ASP A CG  1 
ATOM   119  O  OD1 . ASP A 1 25  ? -4.536  9.684   9.085   1.00 23.51 ? 19  ASP A OD1 1 
ATOM   120  O  OD2 . ASP A 1 25  ? -3.965  11.767  9.482   1.00 25.52 ? 19  ASP A OD2 1 
ATOM   121  N  N   . LYS A 1 26  ? -7.719  10.086  8.110   1.00 21.02 ? 20  LYS A N   1 
ATOM   122  C  CA  . LYS A 1 26  ? -8.886  10.383  8.951   1.00 25.73 ? 20  LYS A CA  1 
ATOM   123  C  C   . LYS A 1 26  ? -10.129 10.806  8.160   1.00 26.69 ? 20  LYS A C   1 
ATOM   124  O  O   . LYS A 1 26  ? -11.030 11.453  8.706   1.00 28.34 ? 20  LYS A O   1 
ATOM   125  C  CB  . LYS A 1 26  ? -8.543  11.435  10.010  1.00 26.04 ? 20  LYS A CB  1 
ATOM   126  C  CG  . LYS A 1 26  ? -7.381  11.052  10.920  1.00 32.83 ? 20  LYS A CG  1 
ATOM   127  C  CD  . LYS A 1 26  ? -7.183  12.100  12.010  1.00 38.04 ? 20  LYS A CD  1 
ATOM   128  C  CE  . LYS A 1 26  ? -6.068  11.720  12.973  1.00 48.08 ? 20  LYS A CE  1 
ATOM   129  N  NZ  . LYS A 1 26  ? -4.711  11.982  12.413  1.00 45.98 ? 20  LYS A NZ  1 
ATOM   130  N  N   . THR A 1 27  ? -10.184 10.433  6.884   1.00 20.03 ? 21  THR A N   1 
ATOM   131  C  CA  . THR A 1 27  ? -11.322 10.759  6.031   1.00 20.99 ? 21  THR A CA  1 
ATOM   132  C  C   . THR A 1 27  ? -11.798 9.571   5.219   1.00 25.75 ? 21  THR A C   1 
ATOM   133  O  O   . THR A 1 27  ? -11.146 8.516   5.194   1.00 24.30 ? 21  THR A O   1 
ATOM   134  C  CB  . THR A 1 27  ? -10.984 11.872  5.018   1.00 23.31 ? 21  THR A CB  1 
ATOM   135  O  OG1 . THR A 1 27  ? -10.245 11.315  3.919   1.00 24.03 ? 21  THR A OG1 1 
ATOM   136  C  CG2 . THR A 1 27  ? -10.184 12.978  5.667   1.00 24.72 ? 21  THR A CG2 1 
ATOM   137  N  N   . GLU A 1 28  ? -12.942 9.744   4.560   1.00 22.39 ? 22  GLU A N   1 
ATOM   138  C  CA  . GLU A 1 28  ? -13.420 8.786   3.574   1.00 23.20 ? 22  GLU A CA  1 
ATOM   139  C  C   . GLU A 1 28  ? -13.165 9.316   2.163   1.00 22.84 ? 22  GLU A C   1 
ATOM   140  O  O   . GLU A 1 28  ? -13.752 8.831   1.196   1.00 26.08 ? 22  GLU A O   1 
ATOM   141  C  CB  . GLU A 1 28  ? -14.910 8.501   3.778   1.00 26.01 ? 22  GLU A CB  1 
ATOM   142  C  CG  . GLU A 1 28  ? -15.233 7.801   5.098   1.00 30.63 ? 22  GLU A CG  1 
ATOM   143  C  CD  . GLU A 1 28  ? -14.786 6.346   5.125   1.00 36.35 ? 22  GLU A CD  1 
ATOM   144  O  OE1 . GLU A 1 28  ? -14.617 5.751   4.037   1.00 36.47 ? 22  GLU A OE1 1 
ATOM   145  O  OE2 . GLU A 1 28  ? -14.612 5.792   6.233   1.00 39.09 ? 22  GLU A OE2 1 
ATOM   146  N  N   . GLU A 1 29  ? -12.281 10.308  2.060   1.00 22.27 ? 23  GLU A N   1 
ATOM   147  C  CA  . GLU A 1 29  ? -11.907 10.896  0.777   1.00 22.55 ? 23  GLU A CA  1 
ATOM   148  C  C   . GLU A 1 29  ? -10.764 10.120  0.140   1.00 25.75 ? 23  GLU A C   1 
ATOM   149  O  O   . GLU A 1 29  ? -9.858  9.666   0.835   1.00 22.35 ? 23  GLU A O   1 
ATOM   150  C  CB  . GLU A 1 29  ? -11.479 12.349  0.965   1.00 23.12 ? 23  GLU A CB  1 
ATOM   151  C  CG  . GLU A 1 29  ? -12.608 13.241  1.473   1.00 25.98 ? 23  GLU A CG  1 
ATOM   152  C  CD  . GLU A 1 29  ? -12.163 14.671  1.696   1.00 34.20 ? 23  GLU A CD  1 
ATOM   153  O  OE1 . GLU A 1 29  ? -11.899 15.366  0.694   1.00 35.05 ? 23  GLU A OE1 1 
ATOM   154  O  OE2 . GLU A 1 29  ? -12.086 15.102  2.871   1.00 30.31 ? 23  GLU A OE2 1 
ATOM   155  N  N   . ILE A 1 30  ? -10.802 9.981   -1.181  1.00 22.62 ? 24  ILE A N   1 
ATOM   156  C  CA  . ILE A 1 30  ? -9.728  9.275   -1.883  1.00 19.92 ? 24  ILE A CA  1 
ATOM   157  C  C   . ILE A 1 30  ? -8.437  10.068  -1.823  1.00 20.73 ? 24  ILE A C   1 
ATOM   158  O  O   . ILE A 1 30  ? -8.416  11.268  -2.104  1.00 23.02 ? 24  ILE A O   1 
ATOM   159  C  CB  . ILE A 1 30  ? -10.090 8.984   -3.351  1.00 23.14 ? 24  ILE A CB  1 
ATOM   160  C  CG1 . ILE A 1 30  ? -11.402 8.205   -3.425  1.00 33.07 ? 24  ILE A CG1 1 
ATOM   161  C  CG2 . ILE A 1 30  ? -8.974  8.193   -4.030  1.00 25.22 ? 24  ILE A CG2 1 
ATOM   162  C  CD1 . ILE A 1 30  ? -11.379 6.903   -2.656  1.00 31.59 ? 24  ILE A CD1 1 
ATOM   163  N  N   . SER A 1 31  ? -7.350  9.397   -1.448  1.00 18.96 ? 25  SER A N   1 
ATOM   164  C  CA  . SER A 1 31  ? -6.062  10.058  -1.317  1.00 19.93 ? 25  SER A CA  1 
ATOM   165  C  C   . SER A 1 31  ? -5.425  10.301  -2.674  1.00 17.75 ? 25  SER A C   1 
ATOM   166  O  O   . SER A 1 31  ? -5.662  9.548   -3.631  1.00 20.22 ? 25  SER A O   1 
ATOM   167  C  CB  . SER A 1 31  ? -5.102  9.182   -0.496  1.00 16.17 ? 25  SER A CB  1 
ATOM   168  O  OG  . SER A 1 31  ? -3.829  9.782   -0.399  1.00 17.85 ? 25  SER A OG  1 
ATOM   169  N  N   A MET A 1 32  ? -4.605  11.351  -2.749  0.67 18.10 ? 26  MET A N   1 
ATOM   170  N  N   C MET A 1 32  ? -4.618  11.344  -2.768  0.33 18.13 ? 26  MET A N   1 
ATOM   171  C  CA  A MET A 1 32  ? -3.740  11.616  -3.901  0.67 20.67 ? 26  MET A CA  1 
ATOM   172  C  CA  B MET A 1 32  ? -3.556  12.085  -4.625  0.00 22.22 ? 26  MET A CA  1 
ATOM   173  C  CA  C MET A 1 32  ? -3.832  11.521  -3.967  0.33 20.84 ? 26  MET A CA  1 
ATOM   174  C  C   A MET A 1 32  ? -2.826  10.417  -4.151  0.67 20.42 ? 26  MET A C   1 
ATOM   175  C  C   C MET A 1 32  ? -3.011  10.261  -4.192  0.33 21.02 ? 26  MET A C   1 
ATOM   176  O  O   A MET A 1 32  ? -2.372  10.184  -5.274  0.67 22.15 ? 26  MET A O   1 
ATOM   177  O  O   C MET A 1 32  ? -2.795  9.836   -5.332  0.33 20.50 ? 26  MET A O   1 
ATOM   178  C  CB  A MET A 1 32  ? -2.884  12.870  -3.664  0.67 22.24 ? 26  MET A CB  1 
ATOM   179  C  CB  B MET A 1 32  ? -2.828  13.149  -3.800  0.00 22.20 ? 26  MET A CB  1 
ATOM   180  C  CB  C MET A 1 32  ? -2.909  12.716  -3.834  0.33 22.26 ? 26  MET A CB  1 
ATOM   181  C  CG  A MET A 1 32  ? -3.629  14.213  -3.767  0.67 23.97 ? 26  MET A CG  1 
ATOM   182  C  CG  B MET A 1 32  ? -3.547  14.484  -3.750  0.00 23.83 ? 26  MET A CG  1 
ATOM   183  C  CG  C MET A 1 32  ? -1.990  12.840  -5.010  0.33 22.99 ? 26  MET A CG  1 
ATOM   184  S  SD  A MET A 1 32  ? -4.086  14.712  -5.449  0.67 27.46 ? 26  MET A SD  1 
ATOM   185  S  SD  B MET A 1 32  ? -3.982  15.084  -5.393  0.00 26.48 ? 26  MET A SD  1 
ATOM   186  S  SD  C MET A 1 32  ? -1.506  14.526  -5.296  0.33 25.40 ? 26  MET A SD  1 
ATOM   187  C  CE  A MET A 1 32  ? -2.497  15.073  -6.197  0.67 25.47 ? 26  MET A CE  1 
ATOM   188  C  CE  B MET A 1 32  ? -2.380  15.076  -6.192  0.00 25.34 ? 26  MET A CE  1 
ATOM   189  C  CE  C MET A 1 32  ? -3.047  15.391  -4.992  0.33 24.91 ? 26  MET A CE  1 
ATOM   190  N  N   . MET A 1 33  ? -2.569  9.646   -3.103  1.00 18.96 ? 27  MET A N   1 
ATOM   191  C  CA  . MET A 1 33  ? -1.722  8.460   -3.239  1.00 18.83 ? 27  MET A CA  1 
ATOM   192  C  C   . MET A 1 33  ? -2.405  7.364   -4.050  1.00 20.40 ? 27  MET A C   1 
ATOM   193  O  O   . MET A 1 33  ? -1.739  6.524   -4.645  1.00 20.56 ? 27  MET A O   1 
ATOM   194  C  CB  . MET A 1 33  ? -1.291  7.922   -1.877  1.00 18.45 ? 27  MET A CB  1 
ATOM   195  C  CG  . MET A 1 33  ? -0.436  6.670   -1.982  1.00 16.91 ? 27  MET A CG  1 
ATOM   196  S  SD  . MET A 1 33  ? 0.356   6.298   -0.409  1.00 21.46 ? 27  MET A SD  1 
ATOM   197  C  CE  . MET A 1 33  ? 1.278   4.836   -0.906  1.00 25.52 ? 27  MET A CE  1 
ATOM   198  N  N   . ASN A 1 34  ? -3.733  7.366   -4.085  1.00 18.96 ? 28  ASN A N   1 
ATOM   199  C  CA  . ASN A 1 34  ? -4.453  6.294   -4.741  1.00 21.26 ? 28  ASN A CA  1 
ATOM   200  C  C   . ASN A 1 34  ? -4.090  6.189   -6.220  1.00 19.22 ? 28  ASN A C   1 
ATOM   201  O  O   . ASN A 1 34  ? -4.201  5.122   -6.833  1.00 24.27 ? 28  ASN A O   1 
ATOM   202  C  CB  . ASN A 1 34  ? -5.955  6.496   -4.574  1.00 22.44 ? 28  ASN A CB  1 
ATOM   203  C  CG  . ASN A 1 34  ? -6.738  5.255   -4.885  1.00 20.90 ? 28  ASN A CG  1 
ATOM   204  O  OD1 . ASN A 1 34  ? -6.655  4.251   -4.169  1.00 21.38 ? 28  ASN A OD1 1 
ATOM   205  N  ND2 . ASN A 1 34  ? -7.519  5.311   -5.959  1.00 25.19 ? 28  ASN A ND2 1 
ATOM   206  N  N   . THR A 1 35  ? -3.653  7.310   -6.782  1.00 19.97 ? 29  THR A N   1 
ATOM   207  C  CA  . THR A 1 35  ? -3.243  7.390   -8.179  1.00 22.53 ? 29  THR A CA  1 
ATOM   208  C  C   . THR A 1 35  ? -1.986  6.559   -8.460  1.00 22.35 ? 29  THR A C   1 
ATOM   209  O  O   . THR A 1 35  ? -1.736  6.148   -9.601  1.00 25.86 ? 29  THR A O   1 
ATOM   210  C  CB  . THR A 1 35  ? -2.949  8.871   -8.532  1.00 27.24 ? 29  THR A CB  1 
ATOM   211  O  OG1 . THR A 1 35  ? -4.178  9.617   -8.515  1.00 33.16 ? 29  THR A OG1 1 
ATOM   212  C  CG2 . THR A 1 35  ? -2.289  9.007   -9.889  1.00 32.49 ? 29  THR A CG2 1 
ATOM   213  N  N   . TYR A 1 36  ? -1.214  6.306   -7.408  1.00 18.23 ? 30  TYR A N   1 
ATOM   214  C  CA  . TYR A 1 36  ? 0.132   5.748   -7.538  1.00 18.83 ? 30  TYR A CA  1 
ATOM   215  C  C   . TYR A 1 36  ? 0.238   4.322   -7.025  1.00 18.97 ? 30  TYR A C   1 
ATOM   216  O  O   . TYR A 1 36  ? 1.332   3.821   -6.785  1.00 22.35 ? 30  TYR A O   1 
ATOM   217  C  CB  . TYR A 1 36  ? 1.143   6.642   -6.817  1.00 20.94 ? 30  TYR A CB  1 
ATOM   218  C  CG  . TYR A 1 36  ? 1.209   8.015   -7.434  1.00 22.60 ? 30  TYR A CG  1 
ATOM   219  C  CD1 . TYR A 1 36  ? 1.966   8.239   -8.571  1.00 21.82 ? 30  TYR A CD1 1 
ATOM   220  C  CD2 . TYR A 1 36  ? 0.482   9.072   -6.905  1.00 22.32 ? 30  TYR A CD2 1 
ATOM   221  C  CE1 . TYR A 1 36  ? 2.019   9.489   -9.159  1.00 25.26 ? 30  TYR A CE1 1 
ATOM   222  C  CE2 . TYR A 1 36  ? 0.525   10.328  -7.482  1.00 22.22 ? 30  TYR A CE2 1 
ATOM   223  C  CZ  . TYR A 1 36  ? 1.295   10.527  -8.613  1.00 25.23 ? 30  TYR A CZ  1 
ATOM   224  O  OH  . TYR A 1 36  ? 1.340   11.766  -9.204  1.00 28.64 ? 30  TYR A OH  1 
ATOM   225  N  N   . VAL A 1 37  ? -0.905  3.674   -6.844  1.00 18.74 ? 31  VAL A N   1 
ATOM   226  C  CA  . VAL A 1 37  ? -0.921  2.265   -6.482  1.00 20.57 ? 31  VAL A CA  1 
ATOM   227  C  C   . VAL A 1 37  ? -1.765  1.500   -7.490  1.00 21.79 ? 31  VAL A C   1 
ATOM   228  O  O   . VAL A 1 37  ? -2.634  2.072   -8.158  1.00 25.86 ? 31  VAL A O   1 
ATOM   229  C  CB  . VAL A 1 37  ? -1.519  2.044   -5.078  1.00 20.67 ? 31  VAL A CB  1 
ATOM   230  C  CG1 . VAL A 1 37  ? -0.761  2.852   -4.056  1.00 22.15 ? 31  VAL A CG1 1 
ATOM   231  C  CG2 . VAL A 1 37  ? -3.006  2.406   -5.063  1.00 24.24 ? 31  VAL A CG2 1 
ATOM   232  N  N   . VAL A 1 38  ? -1.505  0.206   -7.615  1.00 20.54 ? 32  VAL A N   1 
ATOM   233  C  CA  . VAL A 1 38  ? -2.308  -0.629  -8.489  1.00 18.53 ? 32  VAL A CA  1 
ATOM   234  C  C   . VAL A 1 38  ? -3.307  -1.452  -7.688  1.00 22.28 ? 32  VAL A C   1 
ATOM   235  O  O   . VAL A 1 38  ? -2.938  -2.160  -6.762  1.00 20.48 ? 32  VAL A O   1 
ATOM   236  C  CB  . VAL A 1 38  ? -1.437  -1.578  -9.313  1.00 20.80 ? 32  VAL A CB  1 
ATOM   237  C  CG1 . VAL A 1 38  ? -2.316  -2.523  -10.130 1.00 23.36 ? 32  VAL A CG1 1 
ATOM   238  C  CG2 . VAL A 1 38  ? -0.488  -0.788  -10.199 1.00 26.72 ? 32  VAL A CG2 1 
ATOM   239  N  N   . SER A 1 39  ? -4.587  -1.332  -8.026  1.00 22.27 ? 33  SER A N   1 
ATOM   240  C  CA  . SER A 1 39  ? -5.598  -2.208  -7.450  1.00 18.49 ? 33  SER A CA  1 
ATOM   241  C  C   . SER A 1 39  ? -6.160  -3.043  -8.601  1.00 21.12 ? 33  SER A C   1 
ATOM   242  O  O   . SER A 1 39  ? -6.366  -2.511  -9.688  1.00 24.39 ? 33  SER A O   1 
ATOM   243  C  CB  . SER A 1 39  ? -6.708  -1.376  -6.795  1.00 19.99 ? 33  SER A CB  1 
ATOM   244  O  OG  . SER A 1 39  ? -7.754  -2.201  -6.314  1.00 20.91 ? 33  SER A OG  1 
ATOM   245  N  N   . PRO A 1 40  ? -6.415  -4.343  -8.373  1.00 21.31 ? 34  PRO A N   1 
ATOM   246  C  CA  . PRO A 1 40  ? -6.287  -5.006  -7.074  1.00 18.90 ? 34  PRO A CA  1 
ATOM   247  C  C   . PRO A 1 40  ? -4.858  -5.374  -6.726  1.00 18.65 ? 34  PRO A C   1 
ATOM   248  O  O   . PRO A 1 40  ? -3.999  -5.570  -7.611  1.00 20.03 ? 34  PRO A O   1 
ATOM   249  C  CB  . PRO A 1 40  ? -7.092  -6.298  -7.265  1.00 21.08 ? 34  PRO A CB  1 
ATOM   250  C  CG  . PRO A 1 40  ? -6.958  -6.594  -8.712  1.00 26.19 ? 34  PRO A CG  1 
ATOM   251  C  CD  . PRO A 1 40  ? -6.957  -5.257  -9.396  1.00 24.85 ? 34  PRO A CD  1 
ATOM   252  N  N   . ALA A 1 41  ? -4.620  -5.479  -5.427  1.00 18.56 ? 35  ALA A N   1 
ATOM   253  C  CA  . ALA A 1 41  ? -3.382  -6.036  -4.898  1.00 19.83 ? 35  ALA A CA  1 
ATOM   254  C  C   . ALA A 1 41  ? -3.508  -7.552  -4.845  1.00 20.96 ? 35  ALA A C   1 
ATOM   255  O  O   . ALA A 1 41  ? -4.553  -8.118  -5.186  1.00 19.09 ? 35  ALA A O   1 
ATOM   256  C  CB  . ALA A 1 41  ? -3.120  -5.484  -3.507  1.00 20.06 ? 35  ALA A CB  1 
ATOM   257  N  N   . ARG A 1 42  ? -2.441  -8.219  -4.426  1.00 18.74 ? 36  ARG A N   1 
ATOM   258  C  CA  . ARG A 1 42  ? -2.494  -9.666  -4.294  1.00 20.77 ? 36  ARG A CA  1 
ATOM   259  C  C   . ARG A 1 42  ? -2.378  -10.047 -2.830  1.00 21.26 ? 36  ARG A C   1 
ATOM   260  O  O   . ARG A 1 42  ? -1.461  -9.630  -2.124  1.00 22.38 ? 36  ARG A O   1 
ATOM   261  C  CB  . ARG A 1 42  ? -1.411  -10.345 -5.136  1.00 19.25 ? 36  ARG A CB  1 
ATOM   262  C  CG  . ARG A 1 42  ? -1.638  -10.228 -6.646  1.00 19.20 ? 36  ARG A CG  1 
ATOM   263  C  CD  . ARG A 1 42  ? -2.793  -11.125 -7.106  1.00 21.50 ? 36  ARG A CD  1 
ATOM   264  N  NE  . ARG A 1 42  ? -2.331  -12.499 -7.308  1.00 21.91 ? 36  ARG A NE  1 
ATOM   265  C  CZ  . ARG A 1 42  ? -3.129  -13.549 -7.480  1.00 27.75 ? 36  ARG A CZ  1 
ATOM   266  N  NH1 . ARG A 1 42  ? -4.448  -13.400 -7.464  1.00 22.80 ? 36  ARG A NH1 1 
ATOM   267  N  NH2 . ARG A 1 42  ? -2.604  -14.753 -7.667  1.00 23.11 ? 36  ARG A NH2 1 
ATOM   268  N  N   . LEU A 1 43  ? -3.346  -10.830 -2.381  1.00 20.02 ? 37  LEU A N   1 
ATOM   269  C  CA  . LEU A 1 43  ? -3.398  -11.304 -1.016  1.00 17.70 ? 37  LEU A CA  1 
ATOM   270  C  C   . LEU A 1 43  ? -2.890  -12.734 -0.983  1.00 21.71 ? 37  LEU A C   1 
ATOM   271  O  O   . LEU A 1 43  ? -3.379  -13.589 -1.717  1.00 22.40 ? 37  LEU A O   1 
ATOM   272  C  CB  . LEU A 1 43  ? -4.847  -11.272 -0.534  1.00 23.62 ? 37  LEU A CB  1 
ATOM   273  C  CG  . LEU A 1 43  ? -5.213  -12.119 0.682   1.00 21.99 ? 37  LEU A CG  1 
ATOM   274  C  CD1 . LEU A 1 43  ? -4.525  -11.584 1.931   1.00 25.63 ? 37  LEU A CD1 1 
ATOM   275  C  CD2 . LEU A 1 43  ? -6.723  -12.118 0.855   1.00 21.89 ? 37  LEU A CD2 1 
ATOM   276  N  N   . THR A 1 44  ? -1.903  -12.994 -0.140  1.00 22.56 ? 38  THR A N   1 
ATOM   277  C  CA  . THR A 1 44  ? -1.444  -14.364 0.066   1.00 21.69 ? 38  THR A CA  1 
ATOM   278  C  C   . THR A 1 44  ? -1.870  -14.789 1.455   1.00 26.25 ? 38  THR A C   1 
ATOM   279  O  O   . THR A 1 44  ? -1.573  -14.116 2.445   1.00 25.29 ? 38  THR A O   1 
ATOM   280  C  CB  . THR A 1 44  ? 0.082   -14.489 -0.057  1.00 20.39 ? 38  THR A CB  1 
ATOM   281  O  OG1 . THR A 1 44  ? 0.488   -14.162 -1.388  1.00 23.80 ? 38  THR A OG1 1 
ATOM   282  C  CG2 . THR A 1 44  ? 0.521   -15.915 0.274   1.00 24.21 ? 38  THR A CG2 1 
ATOM   283  N  N   . VAL A 1 45  ? -2.596  -15.899 1.527   1.00 27.74 ? 39  VAL A N   1 
ATOM   284  C  CA  . VAL A 1 45  ? -3.015  -16.439 2.807   1.00 29.24 ? 39  VAL A CA  1 
ATOM   285  C  C   . VAL A 1 45  ? -2.146  -17.658 3.080   1.00 31.92 ? 39  VAL A C   1 
ATOM   286  O  O   . VAL A 1 45  ? -2.093  -18.575 2.265   1.00 34.88 ? 39  VAL A O   1 
ATOM   287  C  CB  . VAL A 1 45  ? -4.492  -16.849 2.788   1.00 33.96 ? 39  VAL A CB  1 
ATOM   288  C  CG1 . VAL A 1 45  ? -4.895  -17.425 4.135   1.00 38.43 ? 39  VAL A CG1 1 
ATOM   289  C  CG2 . VAL A 1 45  ? -5.371  -15.654 2.426   1.00 30.86 ? 39  VAL A CG2 1 
ATOM   290  N  N   . LYS A 1 46  ? -1.437  -17.640 4.201   1.00 39.78 ? 40  LYS A N   1 
ATOM   291  C  CA  . LYS A 1 46  ? -0.510  -18.717 4.529   1.00 41.54 ? 40  LYS A CA  1 
ATOM   292  C  C   . LYS A 1 46  ? -0.466  -18.937 6.033   1.00 51.65 ? 40  LYS A C   1 
ATOM   293  O  O   . LYS A 1 46  ? -0.018  -18.070 6.782   1.00 50.83 ? 40  LYS A O   1 
ATOM   294  C  CB  . LYS A 1 46  ? 0.890   -18.403 4.003   1.00 43.21 ? 40  LYS A CB  1 
ATOM   295  C  CG  . LYS A 1 46  ? 1.613   -19.613 3.429   1.00 53.80 ? 40  LYS A CG  1 
ATOM   296  C  CD  . LYS A 1 46  ? 1.572   -20.797 4.389   1.00 55.78 ? 40  LYS A CD  1 
ATOM   297  C  CE  . LYS A 1 46  ? 1.849   -22.115 3.672   1.00 61.06 ? 40  LYS A CE  1 
ATOM   298  N  NZ  . LYS A 1 46  ? 0.793   -22.441 2.664   1.00 59.16 ? 40  LYS A NZ  1 
ATOM   299  N  N   . ASP A 1 47  ? -0.943  -20.101 6.465   1.00 59.21 ? 41  ASP A N   1 
ATOM   300  C  CA  . ASP A 1 47  ? -0.972  -20.453 7.880   1.00 58.88 ? 41  ASP A CA  1 
ATOM   301  C  C   . ASP A 1 47  ? -1.771  -19.447 8.704   1.00 59.70 ? 41  ASP A C   1 
ATOM   302  O  O   . ASP A 1 47  ? -1.315  -18.993 9.754   1.00 61.85 ? 41  ASP A O   1 
ATOM   303  C  CB  . ASP A 1 47  ? 0.450   -20.571 8.434   1.00 62.37 ? 41  ASP A CB  1 
ATOM   304  C  CG  . ASP A 1 47  ? 0.669   -21.861 9.203   1.00 74.37 ? 41  ASP A CG  1 
ATOM   305  O  OD1 . ASP A 1 47  ? 1.220   -21.800 10.325  1.00 77.77 ? 41  ASP A OD1 1 
ATOM   306  O  OD2 . ASP A 1 47  ? 0.293   -22.937 8.685   1.00 72.48 ? 41  ASP A OD2 1 
ATOM   307  N  N   . GLY A 1 48  ? -2.961  -19.098 8.225   1.00 58.00 ? 42  GLY A N   1 
ATOM   308  C  CA  . GLY A 1 48  ? -3.828  -18.175 8.939   1.00 58.01 ? 42  GLY A CA  1 
ATOM   309  C  C   . GLY A 1 48  ? -3.326  -16.740 8.996   1.00 57.30 ? 42  GLY A C   1 
ATOM   310  O  O   . GLY A 1 48  ? -3.898  -15.903 9.697   1.00 58.01 ? 42  GLY A O   1 
ATOM   311  N  N   . LYS A 1 49  ? -2.249  -16.451 8.272   1.00 49.30 ? 43  LYS A N   1 
ATOM   312  C  CA  . LYS A 1 49  ? -1.757  -15.081 8.164   1.00 43.22 ? 43  LYS A CA  1 
ATOM   313  C  C   . LYS A 1 49  ? -2.064  -14.514 6.783   1.00 35.87 ? 43  LYS A C   1 
ATOM   314  O  O   . LYS A 1 49  ? -2.191  -15.257 5.809   1.00 35.44 ? 43  LYS A O   1 
ATOM   315  C  CB  . LYS A 1 49  ? -0.259  -15.008 8.453   1.00 44.03 ? 43  LYS A CB  1 
ATOM   316  C  CG  . LYS A 1 49  ? 0.097   -15.277 9.908   1.00 50.49 ? 43  LYS A CG  1 
ATOM   317  C  CD  . LYS A 1 49  ? 1.583   -15.077 10.162  1.00 52.25 ? 43  LYS A CD  1 
ATOM   318  C  CE  . LYS A 1 49  ? 1.852   -13.764 10.882  1.00 57.16 ? 43  LYS A CE  1 
ATOM   319  N  NZ  . LYS A 1 49  ? 1.192   -13.720 12.219  1.00 58.13 ? 43  LYS A NZ  1 
ATOM   320  N  N   . LYS A 1 50  ? -2.193  -13.194 6.706   1.00 30.84 ? 44  LYS A N   1 
ATOM   321  C  CA  . LYS A 1 50  ? -2.533  -12.538 5.451   1.00 27.23 ? 44  LYS A CA  1 
ATOM   322  C  C   . LYS A 1 50  ? -1.461  -11.530 5.069   1.00 26.50 ? 44  LYS A C   1 
ATOM   323  O  O   . LYS A 1 50  ? -1.127  -10.639 5.852   1.00 29.84 ? 44  LYS A O   1 
ATOM   324  C  CB  . LYS A 1 50  ? -3.876  -11.824 5.567   1.00 26.77 ? 44  LYS A CB  1 
ATOM   325  C  CG  . LYS A 1 50  ? -5.022  -12.707 6.027   1.00 30.63 ? 44  LYS A CG  1 
ATOM   326  C  CD  . LYS A 1 50  ? -6.335  -11.953 5.965   1.00 35.99 ? 44  LYS A CD  1 
ATOM   327  C  CE  . LYS A 1 50  ? -7.402  -12.618 6.815   1.00 43.25 ? 44  LYS A CE  1 
ATOM   328  N  NZ  . LYS A 1 50  ? -7.069  -12.527 8.263   1.00 46.64 ? 44  LYS A NZ  1 
ATOM   329  N  N   . TYR A 1 51  ? -0.919  -11.681 3.867   1.00 23.34 ? 45  TYR A N   1 
ATOM   330  C  CA  . TYR A 1 51  ? 0.089   -10.755 3.373   1.00 22.99 ? 45  TYR A CA  1 
ATOM   331  C  C   . TYR A 1 51  ? -0.423  -10.099 2.111   1.00 25.30 ? 45  TYR A C   1 
ATOM   332  O  O   . TYR A 1 51  ? -1.051  -10.745 1.273   1.00 24.11 ? 45  TYR A O   1 
ATOM   333  C  CB  . TYR A 1 51  ? 1.391   -11.488 3.070   1.00 23.65 ? 45  TYR A CB  1 
ATOM   334  C  CG  . TYR A 1 51  ? 1.876   -12.304 4.236   1.00 28.95 ? 45  TYR A CG  1 
ATOM   335  C  CD1 . TYR A 1 51  ? 2.616   -11.719 5.254   1.00 32.11 ? 45  TYR A CD1 1 
ATOM   336  C  CD2 . TYR A 1 51  ? 1.581   -13.656 4.330   1.00 30.29 ? 45  TYR A CD2 1 
ATOM   337  C  CE1 . TYR A 1 51  ? 3.056   -12.463 6.333   1.00 37.46 ? 45  TYR A CE1 1 
ATOM   338  C  CE2 . TYR A 1 51  ? 2.013   -14.406 5.402   1.00 38.25 ? 45  TYR A CE2 1 
ATOM   339  C  CZ  . TYR A 1 51  ? 2.751   -13.806 6.400   1.00 40.87 ? 45  TYR A CZ  1 
ATOM   340  O  OH  . TYR A 1 51  ? 3.183   -14.556 7.471   1.00 46.87 ? 45  TYR A OH  1 
ATOM   341  N  N   . ILE A 1 52  ? -0.154  -8.809  1.981   1.00 18.99 ? 46  ILE A N   1 
ATOM   342  C  CA  . ILE A 1 52  ? -0.567  -8.057  0.817   1.00 18.54 ? 46  ILE A CA  1 
ATOM   343  C  C   . ILE A 1 52  ? 0.671   -7.681  0.037   1.00 21.21 ? 46  ILE A C   1 
ATOM   344  O  O   . ILE A 1 52  ? 1.637   -7.176  0.609   1.00 22.84 ? 46  ILE A O   1 
ATOM   345  C  CB  . ILE A 1 52  ? -1.255  -6.755  1.242   1.00 17.93 ? 46  ILE A CB  1 
ATOM   346  C  CG1 . ILE A 1 52  ? -2.461  -7.063  2.134   1.00 21.92 ? 46  ILE A CG1 1 
ATOM   347  C  CG2 . ILE A 1 52  ? -1.634  -5.920  0.013   1.00 20.94 ? 46  ILE A CG2 1 
ATOM   348  C  CD1 . ILE A 1 52  ? -3.605  -7.709  1.397   1.00 23.96 ? 46  ILE A CD1 1 
ATOM   349  N  N   . ALA A 1 53  ? 0.645   -7.947  -1.262  1.00 18.42 ? 47  ALA A N   1 
ATOM   350  C  CA  . ALA A 1 53  ? 1.674   -7.476  -2.174  1.00 17.80 ? 47  ALA A CA  1 
ATOM   351  C  C   . ALA A 1 53  ? 1.062   -6.418  -3.071  1.00 20.57 ? 47  ALA A C   1 
ATOM   352  O  O   . ALA A 1 53  ? 0.115   -6.683  -3.813  1.00 20.89 ? 47  ALA A O   1 
ATOM   353  C  CB  . ALA A 1 53  ? 2.228   -8.629  -3.005  1.00 20.22 ? 47  ALA A CB  1 
ATOM   354  N  N   . MET A 1 54  ? 1.616   -5.214  -2.994  1.00 18.36 ? 48  MET A N   1 
ATOM   355  C  CA  . MET A 1 54  ? 1.039   -4.048  -3.654  1.00 18.56 ? 48  MET A CA  1 
ATOM   356  C  C   . MET A 1 54  ? 2.063   -3.394  -4.567  1.00 18.83 ? 48  MET A C   1 
ATOM   357  O  O   . MET A 1 54  ? 3.203   -3.170  -4.158  1.00 19.40 ? 48  MET A O   1 
ATOM   358  C  CB  . MET A 1 54  ? 0.615   -3.033  -2.592  1.00 19.71 ? 48  MET A CB  1 
ATOM   359  C  CG  . MET A 1 54  ? -0.040  -1.798  -3.160  1.00 22.36 ? 48  MET A CG  1 
ATOM   360  S  SD  . MET A 1 54  ? -0.619  -0.732  -1.833  1.00 25.24 ? 48  MET A SD  1 
ATOM   361  C  CE  . MET A 1 54  ? -1.737  -1.829  -0.975  1.00 26.08 ? 48  MET A CE  1 
ATOM   362  N  N   . THR A 1 55  ? 1.656   -3.080  -5.793  1.00 19.41 ? 49  THR A N   1 
ATOM   363  C  CA  . THR A 1 55  ? 2.518   -2.379  -6.736  1.00 17.61 ? 49  THR A CA  1 
ATOM   364  C  C   . THR A 1 55  ? 2.417   -0.861  -6.570  1.00 18.49 ? 49  THR A C   1 
ATOM   365  O  O   . THR A 1 55  ? 1.313   -0.290  -6.573  1.00 19.60 ? 49  THR A O   1 
ATOM   366  C  CB  . THR A 1 55  ? 2.174   -2.758  -8.189  1.00 21.38 ? 49  THR A CB  1 
ATOM   367  O  OG1 . THR A 1 55  ? 2.391   -4.167  -8.371  1.00 21.70 ? 49  THR A OG1 1 
ATOM   368  C  CG2 . THR A 1 55  ? 3.041   -1.978  -9.168  1.00 23.47 ? 49  THR A CG2 1 
ATOM   369  N  N   . LEU A 1 56  ? 3.574   -0.225  -6.416  1.00 19.90 ? 50  LEU A N   1 
ATOM   370  C  CA  . LEU A 1 56  ? 3.675   1.232   -6.379  1.00 19.10 ? 50  LEU A CA  1 
ATOM   371  C  C   . LEU A 1 56  ? 4.134   1.738   -7.739  1.00 21.90 ? 50  LEU A C   1 
ATOM   372  O  O   . LEU A 1 56  ? 5.116   1.231   -8.302  1.00 21.93 ? 50  LEU A O   1 
ATOM   373  C  CB  . LEU A 1 56  ? 4.694   1.662   -5.325  1.00 19.51 ? 50  LEU A CB  1 
ATOM   374  C  CG  . LEU A 1 56  ? 4.434   1.227   -3.882  1.00 20.58 ? 50  LEU A CG  1 
ATOM   375  C  CD1 . LEU A 1 56  ? 5.568   1.634   -2.966  1.00 21.05 ? 50  LEU A CD1 1 
ATOM   376  C  CD2 . LEU A 1 56  ? 3.131   1.824   -3.390  1.00 26.31 ? 50  LEU A CD2 1 
ATOM   377  N  N   . LYS A 1 57  ? 3.424   2.729   -8.265  1.00 19.58 ? 51  LYS A N   1 
ATOM   378  C  CA  . LYS A 1 57  ? 3.828   3.398   -9.496  1.00 17.60 ? 51  LYS A CA  1 
ATOM   379  C  C   . LYS A 1 57  ? 4.673   4.625   -9.165  1.00 23.31 ? 51  LYS A C   1 
ATOM   380  O  O   . LYS A 1 57  ? 4.726   5.050   -8.016  1.00 21.56 ? 51  LYS A O   1 
ATOM   381  C  CB  . LYS A 1 57  ? 2.595   3.776   -10.311 1.00 24.16 ? 51  LYS A CB  1 
ATOM   382  C  CG  . LYS A 1 57  ? 1.816   2.548   -10.784 1.00 29.55 ? 51  LYS A CG  1 
ATOM   383  C  CD  . LYS A 1 57  ? 0.310   2.754   -10.746 1.00 34.58 ? 51  LYS A CD  1 
ATOM   384  C  CE  . LYS A 1 57  ? -0.163  3.692   -11.820 1.00 38.08 ? 51  LYS A CE  1 
ATOM   385  N  NZ  . LYS A 1 57  ? -1.653  3.790   -11.820 1.00 39.96 ? 51  LYS A NZ  1 
ATOM   386  N  N   . ASN A 1 58  ? 5.351   5.178   -10.168 1.00 19.45 ? 52  ASN A N   1 
ATOM   387  C  CA  . ASN A 1 58  ? 6.321   6.248   -9.931  1.00 22.42 ? 52  ASN A CA  1 
ATOM   388  C  C   . ASN A 1 58  ? 7.227   5.938   -8.750  1.00 22.19 ? 52  ASN A C   1 
ATOM   389  O  O   . ASN A 1 58  ? 7.448   6.777   -7.870  1.00 19.10 ? 52  ASN A O   1 
ATOM   390  C  CB  . ASN A 1 58  ? 5.613   7.591   -9.748  1.00 21.10 ? 52  ASN A CB  1 
ATOM   391  C  CG  . ASN A 1 58  ? 5.048   8.120   -11.048 1.00 24.59 ? 52  ASN A CG  1 
ATOM   392  O  OD1 . ASN A 1 58  ? 3.892   7.869   -11.383 1.00 26.46 ? 52  ASN A OD1 1 
ATOM   393  N  ND2 . ASN A 1 58  ? 5.875   8.825   -11.803 1.00 28.42 ? 52  ASN A ND2 1 
ATOM   394  N  N   . SER A 1 59  ? 7.767   4.721   -8.748  1.00 19.99 ? 53  SER A N   1 
ATOM   395  C  CA  . SER A 1 59  ? 8.530   4.200   -7.618  1.00 20.49 ? 53  SER A CA  1 
ATOM   396  C  C   . SER A 1 59  ? 9.654   5.133   -7.162  1.00 20.19 ? 53  SER A C   1 
ATOM   397  O  O   . SER A 1 59  ? 9.877   5.321   -5.967  1.00 20.95 ? 53  SER A O   1 
ATOM   398  C  CB  . SER A 1 59  ? 9.113   2.821   -7.981  1.00 21.54 ? 53  SER A CB  1 
ATOM   399  O  OG  . SER A 1 59  ? 9.903   2.306   -6.922  1.00 21.11 ? 53  SER A OG  1 
ATOM   400  N  N   . GLU A 1 60  ? 10.371  5.708   -8.122  1.00 21.68 ? 54  GLU A N   1 
ATOM   401  C  CA  . GLU A 1 60  ? 11.484  6.594   -7.820  1.00 22.85 ? 54  GLU A CA  1 
ATOM   402  C  C   . GLU A 1 60  ? 11.081  7.754   -6.901  1.00 21.84 ? 54  GLU A C   1 
ATOM   403  O  O   . GLU A 1 60  ? 11.894  8.246   -6.125  1.00 24.60 ? 54  GLU A O   1 
ATOM   404  C  CB  . GLU A 1 60  ? 12.047  7.134   -9.134  1.00 29.22 ? 54  GLU A CB  1 
ATOM   405  C  CG  . GLU A 1 60  ? 13.102  8.199   -9.005  1.00 36.31 ? 54  GLU A CG  1 
ATOM   406  C  CD  . GLU A 1 60  ? 13.528  8.722   -10.370 1.00 50.65 ? 54  GLU A CD  1 
ATOM   407  O  OE1 . GLU A 1 60  ? 13.672  9.956   -10.525 1.00 57.10 ? 54  GLU A OE1 1 
ATOM   408  O  OE2 . GLU A 1 60  ? 13.706  7.892   -11.289 1.00 48.00 ? 54  GLU A OE2 1 
ATOM   409  N  N   . TRP A 1 61  ? 9.825   8.178   -6.992  1.00 19.32 ? 55  TRP A N   1 
ATOM   410  C  CA  . TRP A 1 61  ? 9.330   9.291   -6.172  1.00 18.66 ? 55  TRP A CA  1 
ATOM   411  C  C   . TRP A 1 61  ? 8.953   8.873   -4.754  1.00 19.92 ? 55  TRP A C   1 
ATOM   412  O  O   . TRP A 1 61  ? 8.925   9.692   -3.836  1.00 19.27 ? 55  TRP A O   1 
ATOM   413  C  CB  . TRP A 1 61  ? 8.082   9.889   -6.815  1.00 19.91 ? 55  TRP A CB  1 
ATOM   414  C  CG  . TRP A 1 61  ? 8.325   10.660  -8.050  1.00 21.62 ? 55  TRP A CG  1 
ATOM   415  C  CD1 . TRP A 1 61  ? 9.532   11.028  -8.581  1.00 24.11 ? 55  TRP A CD1 1 
ATOM   416  C  CD2 . TRP A 1 61  ? 7.323   11.168  -8.928  1.00 21.22 ? 55  TRP A CD2 1 
ATOM   417  N  NE1 . TRP A 1 61  ? 9.332   11.741  -9.741  1.00 23.57 ? 55  TRP A NE1 1 
ATOM   418  C  CE2 . TRP A 1 61  ? 7.990   11.838  -9.976  1.00 23.94 ? 55  TRP A CE2 1 
ATOM   419  C  CE3 . TRP A 1 61  ? 5.927   11.120  -8.932  1.00 20.74 ? 55  TRP A CE3 1 
ATOM   420  C  CZ2 . TRP A 1 61  ? 7.299   12.459  -11.017 1.00 24.67 ? 55  TRP A CZ2 1 
ATOM   421  C  CZ3 . TRP A 1 61  ? 5.245   11.735  -9.966  1.00 25.32 ? 55  TRP A CZ3 1 
ATOM   422  C  CH2 . TRP A 1 61  ? 5.932   12.400  -10.994 1.00 25.88 ? 55  TRP A CH2 1 
ATOM   423  N  N   . ILE A 1 62  ? 8.632   7.601   -4.574  1.00 18.89 ? 56  ILE A N   1 
ATOM   424  C  CA  . ILE A 1 62  ? 8.154   7.152   -3.271  1.00 18.70 ? 56  ILE A CA  1 
ATOM   425  C  C   . ILE A 1 62  ? 9.336   6.614   -2.489  1.00 22.45 ? 56  ILE A C   1 
ATOM   426  O  O   . ILE A 1 62  ? 9.808   5.515   -2.744  1.00 21.12 ? 56  ILE A O   1 
ATOM   427  C  CB  . ILE A 1 62  ? 7.033   6.101   -3.417  1.00 17.66 ? 56  ILE A CB  1 
ATOM   428  C  CG1 . ILE A 1 62  ? 5.902   6.660   -4.287  1.00 20.78 ? 56  ILE A CG1 1 
ATOM   429  C  CG2 . ILE A 1 62  ? 6.517   5.691   -2.046  1.00 18.38 ? 56  ILE A CG2 1 
ATOM   430  C  CD1 . ILE A 1 62  ? 4.837   5.641   -4.669  1.00 21.26 ? 56  ILE A CD1 1 
ATOM   431  N  N   . THR A 1 63  ? 9.844   7.409   -1.555  1.00 16.67 ? 57  THR A N   1 
ATOM   432  C  CA  . THR A 1 63  ? 11.094  7.051   -0.890  1.00 18.19 ? 57  THR A CA  1 
ATOM   433  C  C   . THR A 1 63  ? 10.924  6.194   0.359   1.00 21.77 ? 57  THR A C   1 
ATOM   434  O  O   . THR A 1 63  ? 11.846  5.474   0.751   1.00 23.71 ? 57  THR A O   1 
ATOM   435  C  CB  . THR A 1 63  ? 11.966  8.283   -0.604  1.00 27.01 ? 57  THR A CB  1 
ATOM   436  O  OG1 . THR A 1 63  ? 11.228  9.207   0.192   1.00 26.94 ? 57  THR A OG1 1 
ATOM   437  C  CG2 . THR A 1 63  ? 12.361  8.959   -1.907  1.00 27.88 ? 57  THR A CG2 1 
ATOM   438  N  N   . LYS A 1 64  ? 9.755   6.267   0.984   1.00 19.36 ? 58  LYS A N   1 
ATOM   439  C  CA  . LYS A 1 64  ? 9.450   5.425   2.133   1.00 19.73 ? 58  LYS A CA  1 
ATOM   440  C  C   . LYS A 1 64  ? 7.999   4.995   2.084   1.00 21.95 ? 58  LYS A C   1 
ATOM   441  O  O   . LYS A 1 64  ? 7.126   5.761   1.660   1.00 19.33 ? 58  LYS A O   1 
ATOM   442  C  CB  . LYS A 1 64  ? 9.679   6.166   3.452   1.00 21.38 ? 58  LYS A CB  1 
ATOM   443  C  CG  . LYS A 1 64  ? 11.127  6.457   3.791   1.00 24.28 ? 58  LYS A CG  1 
ATOM   444  C  CD  . LYS A 1 64  ? 11.231  7.034   5.200   1.00 30.36 ? 58  LYS A CD  1 
ATOM   445  C  CE  . LYS A 1 64  ? 12.672  7.021   5.696   1.00 39.52 ? 58  LYS A CE  1 
ATOM   446  N  NZ  . LYS A 1 64  ? 12.819  7.687   7.026   1.00 38.34 ? 58  LYS A NZ  1 
ATOM   447  N  N   . PHE A 1 65  ? 7.737   3.769   2.521   1.00 17.14 ? 59  PHE A N   1 
ATOM   448  C  CA  . PHE A 1 65  ? 6.366   3.303   2.660   1.00 18.04 ? 59  PHE A CA  1 
ATOM   449  C  C   . PHE A 1 65  ? 6.260   2.380   3.865   1.00 20.46 ? 59  PHE A C   1 
ATOM   450  O  O   . PHE A 1 65  ? 6.961   1.367   3.939   1.00 19.52 ? 59  PHE A O   1 
ATOM   451  C  CB  . PHE A 1 65  ? 5.879   2.579   1.397   1.00 18.03 ? 59  PHE A CB  1 
ATOM   452  C  CG  . PHE A 1 65  ? 4.481   2.059   1.523   1.00 20.83 ? 59  PHE A CG  1 
ATOM   453  C  CD1 . PHE A 1 65  ? 3.405   2.940   1.563   1.00 25.79 ? 59  PHE A CD1 1 
ATOM   454  C  CD2 . PHE A 1 65  ? 4.237   0.707   1.663   1.00 19.95 ? 59  PHE A CD2 1 
ATOM   455  C  CE1 . PHE A 1 65  ? 2.111   2.475   1.701   1.00 25.92 ? 59  PHE A CE1 1 
ATOM   456  C  CE2 . PHE A 1 65  ? 2.938   0.227   1.803   1.00 20.83 ? 59  PHE A CE2 1 
ATOM   457  C  CZ  . PHE A 1 65  ? 1.875   1.109   1.813   1.00 27.38 ? 59  PHE A CZ  1 
ATOM   458  N  N   . GLN A 1 66  ? 5.392   2.732   4.811   1.00 16.67 ? 60  GLN A N   1 
ATOM   459  C  CA  . GLN A 1 66  ? 5.294   1.970   6.056   1.00 16.66 ? 60  GLN A CA  1 
ATOM   460  C  C   . GLN A 1 66  ? 3.847   1.626   6.371   1.00 19.19 ? 60  GLN A C   1 
ATOM   461  O  O   . GLN A 1 66  ? 2.922   2.357   6.004   1.00 19.23 ? 60  GLN A O   1 
ATOM   462  C  CB  . GLN A 1 66  ? 5.891   2.777   7.210   1.00 17.82 ? 60  GLN A CB  1 
ATOM   463  C  CG  . GLN A 1 66  ? 7.315   3.203   6.968   1.00 20.06 ? 60  GLN A CG  1 
ATOM   464  C  CD  . GLN A 1 66  ? 7.875   4.030   8.103   1.00 28.49 ? 60  GLN A CD  1 
ATOM   465  O  OE1 . GLN A 1 66  ? 7.131   4.602   8.901   1.00 23.14 ? 60  GLN A OE1 1 
ATOM   466  N  NE2 . GLN A 1 66  ? 9.197   4.107   8.173   1.00 28.57 ? 60  GLN A NE2 1 
ATOM   467  N  N   . THR A 1 67  ? 3.636   0.507   7.053   1.00 17.07 ? 61  THR A N   1 
ATOM   468  C  CA  . THR A 1 67  ? 2.300   0.180   7.516   1.00 17.70 ? 61  THR A CA  1 
ATOM   469  C  C   . THR A 1 67  ? 2.341   -0.124  9.006   1.00 21.21 ? 61  THR A C   1 
ATOM   470  O  O   . THR A 1 67  ? 3.400   -0.444  9.550   1.00 21.44 ? 61  THR A O   1 
ATOM   471  C  CB  . THR A 1 67  ? 1.690   -1.009  6.749   1.00 20.90 ? 61  THR A CB  1 
ATOM   472  O  OG1 . THR A 1 67  ? 2.476   -2.187  6.971   1.00 22.42 ? 61  THR A OG1 1 
ATOM   473  C  CG2 . THR A 1 67  ? 1.646   -0.717  5.261   1.00 18.21 ? 61  THR A CG2 1 
ATOM   474  N  N   . GLU A 1 68  ? 1.196   0.003   9.662   1.00 21.53 ? 62  GLU A N   1 
ATOM   475  C  CA  . GLU A 1 68  ? 1.137   -0.207  11.106  1.00 24.19 ? 62  GLU A CA  1 
ATOM   476  C  C   . GLU A 1 68  ? 1.254   -1.687  11.416  1.00 28.88 ? 62  GLU A C   1 
ATOM   477  O  O   . GLU A 1 68  ? 0.537   -2.509  10.844  1.00 31.11 ? 62  GLU A O   1 
ATOM   478  C  CB  . GLU A 1 68  ? -0.158  0.357   11.698  1.00 26.53 ? 62  GLU A CB  1 
ATOM   479  C  CG  . GLU A 1 68  ? -0.240  0.214   13.223  1.00 37.36 ? 62  GLU A CG  1 
ATOM   480  C  CD  . GLU A 1 68  ? -1.195  1.206   13.871  1.00 43.32 ? 62  GLU A CD  1 
ATOM   481  O  OE1 . GLU A 1 68  ? -2.100  1.717   13.180  1.00 39.22 ? 62  GLU A OE1 1 
ATOM   482  O  OE2 . GLU A 1 68  ? -1.038  1.477   15.080  1.00 49.69 ? 62  GLU A OE2 1 
ATOM   483  N  N   . LYS A 1 69  ? 2.167   -2.011  12.323  1.00 32.20 ? 63  LYS A N   1 
ATOM   484  C  CA  . LYS A 1 69  ? 2.413   -3.387  12.726  1.00 42.10 ? 63  LYS A CA  1 
ATOM   485  C  C   . LYS A 1 69  ? 2.766   -3.403  14.206  1.00 45.77 ? 63  LYS A C   1 
ATOM   486  O  O   . LYS A 1 69  ? 3.743   -2.774  14.621  1.00 42.38 ? 63  LYS A O   1 
ATOM   487  C  CB  . LYS A 1 69  ? 3.567   -3.973  11.907  1.00 45.15 ? 63  LYS A CB  1 
ATOM   488  C  CG  . LYS A 1 69  ? 4.003   -5.371  12.335  1.00 53.15 ? 63  LYS A CG  1 
ATOM   489  C  CD  . LYS A 1 69  ? 5.319   -5.758  11.673  1.00 49.12 ? 63  LYS A CD  1 
ATOM   490  C  CE  . LYS A 1 69  ? 5.778   -7.146  12.099  1.00 55.94 ? 63  LYS A CE  1 
ATOM   491  N  NZ  . LYS A 1 69  ? 4.818   -8.210  11.685  1.00 61.43 ? 63  LYS A NZ  1 
ATOM   492  N  N   . ASN A 1 70  ? 1.964   -4.108  14.997  1.00 50.04 ? 64  ASN A N   1 
ATOM   493  C  CA  . ASN A 1 70  ? 2.220   -4.234  16.429  1.00 52.17 ? 64  ASN A CA  1 
ATOM   494  C  C   . ASN A 1 70  ? 2.390   -2.881  17.112  1.00 49.38 ? 64  ASN A C   1 
ATOM   495  O  O   . ASN A 1 70  ? 3.406   -2.629  17.764  1.00 52.48 ? 64  ASN A O   1 
ATOM   496  C  CB  . ASN A 1 70  ? 3.456   -5.105  16.678  1.00 55.27 ? 64  ASN A CB  1 
ATOM   497  C  CG  . ASN A 1 70  ? 3.288   -6.525  16.162  1.00 58.77 ? 64  ASN A CG  1 
ATOM   498  O  OD1 . ASN A 1 70  ? 2.201   -7.102  16.235  1.00 60.70 ? 64  ASN A OD1 1 
ATOM   499  N  ND2 . ASN A 1 70  ? 4.367   -7.093  15.632  1.00 56.01 ? 64  ASN A ND2 1 
ATOM   500  N  N   . GLY A 1 71  ? 1.398   -2.011  16.946  1.00 51.82 ? 65  GLY A N   1 
ATOM   501  C  CA  . GLY A 1 71  ? 1.401   -0.708  17.589  1.00 49.97 ? 65  GLY A CA  1 
ATOM   502  C  C   . GLY A 1 71  ? 2.500   0.237   17.134  1.00 51.71 ? 65  GLY A C   1 
ATOM   503  O  O   . GLY A 1 71  ? 2.699   1.297   17.728  1.00 54.24 ? 65  GLY A O   1 
ATOM   504  N  N   . GLY A 1 72  ? 3.222   -0.144  16.083  1.00 40.72 ? 66  GLY A N   1 
ATOM   505  C  CA  . GLY A 1 72  ? 4.258   0.703   15.525  1.00 35.44 ? 66  GLY A CA  1 
ATOM   506  C  C   . GLY A 1 72  ? 4.189   0.707   14.008  1.00 30.78 ? 66  GLY A C   1 
ATOM   507  O  O   . GLY A 1 72  ? 3.379   -0.004  13.420  1.00 36.86 ? 66  GLY A O   1 
ATOM   508  N  N   . PHE A 1 73  ? 5.033   1.507   13.370  1.00 28.59 ? 67  PHE A N   1 
ATOM   509  C  CA  . PHE A 1 73  ? 5.103   1.498   11.909  1.00 25.02 ? 67  PHE A CA  1 
ATOM   510  C  C   . PHE A 1 73  ? 6.388   0.861   11.408  1.00 25.56 ? 67  PHE A C   1 
ATOM   511  O  O   . PHE A 1 73  ? 7.477   1.127   11.928  1.00 29.84 ? 67  PHE A O   1 
ATOM   512  C  CB  . PHE A 1 73  ? 4.915   2.907   11.331  1.00 24.23 ? 67  PHE A CB  1 
ATOM   513  C  CG  . PHE A 1 73  ? 3.505   3.402   11.446  1.00 22.66 ? 67  PHE A CG  1 
ATOM   514  C  CD1 . PHE A 1 73  ? 2.614   3.254   10.392  1.00 23.13 ? 67  PHE A CD1 1 
ATOM   515  C  CD2 . PHE A 1 73  ? 3.055   3.969   12.622  1.00 26.00 ? 67  PHE A CD2 1 
ATOM   516  C  CE1 . PHE A 1 73  ? 1.299   3.679   10.507  1.00 23.95 ? 67  PHE A CE1 1 
ATOM   517  C  CE2 . PHE A 1 73  ? 1.742   4.402   12.745  1.00 25.01 ? 67  PHE A CE2 1 
ATOM   518  C  CZ  . PHE A 1 73  ? 0.867   4.261   11.685  1.00 26.08 ? 67  PHE A CZ  1 
ATOM   519  N  N   . ALA A 1 74  ? 6.254   0.018   10.393  1.00 21.65 ? 68  ALA A N   1 
ATOM   520  C  CA  . ALA A 1 74  ? 7.392   -0.707  9.845   1.00 24.63 ? 68  ALA A CA  1 
ATOM   521  C  C   . ALA A 1 74  ? 7.474   -0.538  8.341   1.00 21.86 ? 68  ALA A C   1 
ATOM   522  O  O   . ALA A 1 74  ? 6.448   -0.523  7.657   1.00 20.02 ? 68  ALA A O   1 
ATOM   523  C  CB  . ALA A 1 74  ? 7.276   -2.184  10.188  1.00 27.08 ? 68  ALA A CB  1 
ATOM   524  N  N   . ASP A 1 75  ? 8.693   -0.404  7.829   1.00 21.94 ? 69  ASP A N   1 
ATOM   525  C  CA  . ASP A 1 75  ? 8.892   -0.355  6.390   1.00 20.98 ? 69  ASP A CA  1 
ATOM   526  C  C   . ASP A 1 75  ? 8.396   -1.651  5.752   1.00 26.12 ? 69  ASP A C   1 
ATOM   527  O  O   . ASP A 1 75  ? 8.735   -2.752  6.199   1.00 23.49 ? 69  ASP A O   1 
ATOM   528  C  CB  . ASP A 1 75  ? 10.368  -0.134  6.045   1.00 23.31 ? 69  ASP A CB  1 
ATOM   529  C  CG  . ASP A 1 75  ? 10.901  1.194   6.566   1.00 30.06 ? 69  ASP A CG  1 
ATOM   530  O  OD1 . ASP A 1 75  ? 11.873  1.177   7.348   1.00 44.95 ? 69  ASP A OD1 1 
ATOM   531  O  OD2 . ASP A 1 75  ? 10.360  2.253   6.190   1.00 26.95 ? 69  ASP A OD2 1 
ATOM   532  N  N   . ALA A 1 76  ? 7.589   -1.529  4.706   1.00 20.54 ? 70  ALA A N   1 
ATOM   533  C  CA  . ALA A 1 76  ? 7.154   -2.711  3.973   1.00 19.24 ? 70  ALA A CA  1 
ATOM   534  C  C   . ALA A 1 76  ? 8.335   -3.296  3.210   1.00 21.47 ? 70  ALA A C   1 
ATOM   535  O  O   . ALA A 1 76  ? 9.182   -2.568  2.698   1.00 22.40 ? 70  ALA A O   1 
ATOM   536  C  CB  . ALA A 1 76  ? 6.029   -2.359  3.011   1.00 22.77 ? 70  ALA A CB  1 
ATOM   537  N  N   . LYS A 1 77  ? 8.378   -4.619  3.123   1.00 20.57 ? 71  LYS A N   1 
ATOM   538  C  CA  . LYS A 1 77  ? 9.441   -5.298  2.391   1.00 21.30 ? 71  LYS A CA  1 
ATOM   539  C  C   . LYS A 1 77  ? 9.323   -5.090  0.889   1.00 21.08 ? 71  LYS A C   1 
ATOM   540  O  O   . LYS A 1 77  ? 8.252   -5.272  0.312   1.00 22.30 ? 71  LYS A O   1 
ATOM   541  C  CB  . LYS A 1 77  ? 9.388   -6.800  2.691   1.00 22.03 ? 71  LYS A CB  1 
ATOM   542  C  CG  . LYS A 1 77  ? 10.527  -7.569  2.037   1.00 27.29 ? 71  LYS A CG  1 
ATOM   543  C  CD  . LYS A 1 77  ? 10.302  -9.070  2.121   1.00 32.98 ? 71  LYS A CD  1 
ATOM   544  C  CE  . LYS A 1 77  ? 11.551  -9.827  1.679   1.00 43.22 ? 71  LYS A CE  1 
ATOM   545  N  NZ  . LYS A 1 77  ? 12.094  -9.326  0.379   1.00 44.02 ? 71  LYS A NZ  1 
ATOM   546  N  N   . VAL A 1 78  ? 10.421  -4.722  0.234   1.00 18.43 ? 72  VAL A N   1 
ATOM   547  C  CA  . VAL A 1 78  ? 10.398  -4.635  -1.218  1.00 17.12 ? 72  VAL A CA  1 
ATOM   548  C  C   . VAL A 1 78  ? 10.719  -6.018  -1.772  1.00 20.68 ? 72  VAL A C   1 
ATOM   549  O  O   . VAL A 1 78  ? 11.831  -6.527  -1.583  1.00 24.07 ? 72  VAL A O   1 
ATOM   550  C  CB  . VAL A 1 78  ? 11.410  -3.618  -1.751  1.00 20.78 ? 72  VAL A CB  1 
ATOM   551  C  CG1 . VAL A 1 78  ? 11.359  -3.570  -3.270  1.00 21.69 ? 72  VAL A CG1 1 
ATOM   552  C  CG2 . VAL A 1 78  ? 11.122  -2.238  -1.153  1.00 22.30 ? 72  VAL A CG2 1 
ATOM   553  N  N   . VAL A 1 79  ? 9.746   -6.633  -2.431  1.00 19.83 ? 73  VAL A N   1 
ATOM   554  C  CA  . VAL A 1 79  ? 9.934   -7.990  -2.953  1.00 21.07 ? 73  VAL A CA  1 
ATOM   555  C  C   . VAL A 1 79  ? 10.273  -8.025  -4.438  1.00 26.01 ? 73  VAL A C   1 
ATOM   556  O  O   . VAL A 1 79  ? 10.662  -9.065  -4.969  1.00 25.57 ? 73  VAL A O   1 
ATOM   557  C  CB  . VAL A 1 79  ? 8.711   -8.886  -2.663  1.00 20.36 ? 73  VAL A CB  1 
ATOM   558  C  CG1 . VAL A 1 79  ? 8.570   -9.101  -1.168  1.00 23.86 ? 73  VAL A CG1 1 
ATOM   559  C  CG2 . VAL A 1 79  ? 7.438   -8.272  -3.240  1.00 20.94 ? 73  VAL A CG2 1 
ATOM   560  N  N   . SER A 1 80  ? 10.126  -6.893  -5.113  1.00 20.74 ? 74  SER A N   1 
ATOM   561  C  CA  . SER A 1 80  ? 10.605  -6.765  -6.475  1.00 23.97 ? 74  SER A CA  1 
ATOM   562  C  C   . SER A 1 80  ? 10.624  -5.317  -6.908  1.00 28.36 ? 74  SER A C   1 
ATOM   563  O  O   . SER A 1 80  ? 9.891   -4.480  -6.368  1.00 22.28 ? 74  SER A O   1 
ATOM   564  C  CB  . SER A 1 80  ? 9.787   -7.599  -7.461  1.00 27.01 ? 74  SER A CB  1 
ATOM   565  O  OG  . SER A 1 80  ? 8.471   -7.106  -7.597  1.00 26.59 ? 74  SER A OG  1 
ATOM   566  N  N   . GLU A 1 81  ? 11.490  -5.039  -7.874  1.00 26.36 ? 75  GLU A N   1 
ATOM   567  C  CA  . GLU A 1 81  ? 11.562  -3.735  -8.514  1.00 27.39 ? 75  GLU A CA  1 
ATOM   568  C  C   . GLU A 1 81  ? 11.667  -3.924  -10.016 1.00 33.97 ? 75  GLU A C   1 
ATOM   569  O  O   . GLU A 1 81  ? 12.331  -4.852  -10.494 1.00 32.34 ? 75  GLU A O   1 
ATOM   570  C  CB  . GLU A 1 81  ? 12.774  -2.954  -8.018  1.00 29.11 ? 75  GLU A CB  1 
ATOM   571  C  CG  . GLU A 1 81  ? 12.748  -2.601  -6.548  1.00 36.49 ? 75  GLU A CG  1 
ATOM   572  C  CD  . GLU A 1 81  ? 13.916  -1.716  -6.146  1.00 49.08 ? 75  GLU A CD  1 
ATOM   573  O  OE1 . GLU A 1 81  ? 13.921  -1.210  -5.002  1.00 54.45 ? 75  GLU A OE1 1 
ATOM   574  O  OE2 . GLU A 1 81  ? 14.828  -1.527  -6.979  1.00 52.50 ? 75  GLU A OE2 1 
ATOM   575  N  N   . ASP A 1 82  ? 10.998  -3.052  -10.756 1.00 27.75 ? 76  ASP A N   1 
ATOM   576  C  CA  . ASP A 1 82  ? 11.113  -3.021  -12.206 1.00 29.54 ? 76  ASP A CA  1 
ATOM   577  C  C   . ASP A 1 82  ? 11.584  -1.627  -12.575 1.00 34.19 ? 76  ASP A C   1 
ATOM   578  O  O   . ASP A 1 82  ? 10.772  -0.709  -12.710 1.00 30.19 ? 76  ASP A O   1 
ATOM   579  C  CB  . ASP A 1 82  ? 9.759   -3.305  -12.849 1.00 30.84 ? 76  ASP A CB  1 
ATOM   580  C  CG  . ASP A 1 82  ? 9.827   -3.377  -14.368 1.00 39.51 ? 76  ASP A CG  1 
ATOM   581  O  OD1 . ASP A 1 82  ? 10.757  -2.785  -14.955 1.00 38.41 ? 76  ASP A OD1 1 
ATOM   582  O  OD2 . ASP A 1 82  ? 8.937   -4.016  -14.971 1.00 42.44 ? 76  ASP A OD2 1 
ATOM   583  N  N   . LYS A 1 83  ? 12.898  -1.464  -12.715 1.00 32.39 ? 77  LYS A N   1 
ATOM   584  C  CA  . LYS A 1 83  ? 13.478  -0.148  -12.982 1.00 35.80 ? 77  LYS A CA  1 
ATOM   585  C  C   . LYS A 1 83  ? 13.006  0.443   -14.306 1.00 34.50 ? 77  LYS A C   1 
ATOM   586  O  O   . LYS A 1 83  ? 12.817  1.657   -14.419 1.00 34.73 ? 77  LYS A O   1 
ATOM   587  C  CB  . LYS A 1 83  ? 15.006  -0.207  -12.949 1.00 33.95 ? 77  LYS A CB  1 
ATOM   588  C  CG  . LYS A 1 83  ? 15.587  -0.517  -11.582 1.00 39.93 ? 77  LYS A CG  1 
ATOM   589  C  CD  . LYS A 1 83  ? 15.225  0.556   -10.572 1.00 41.54 ? 77  LYS A CD  1 
ATOM   590  C  CE  . LYS A 1 83  ? 15.744  0.213   -9.187  1.00 47.94 ? 77  LYS A CE  1 
ATOM   591  N  NZ  . LYS A 1 83  ? 17.217  -0.007  -9.171  1.00 53.19 ? 77  LYS A NZ  1 
ATOM   592  N  N   . ALA A 1 84  ? 12.813  -0.412  -15.304 1.00 38.26 ? 78  ALA A N   1 
ATOM   593  C  CA  . ALA A 1 84  ? 12.336  0.033   -16.609 1.00 34.73 ? 78  ALA A CA  1 
ATOM   594  C  C   . ALA A 1 84  ? 10.931  0.624   -16.533 1.00 37.57 ? 78  ALA A C   1 
ATOM   595  O  O   . ALA A 1 84  ? 10.639  1.637   -17.167 1.00 37.21 ? 78  ALA A O   1 
ATOM   596  C  CB  . ALA A 1 84  ? 12.378  -1.118  -17.616 1.00 42.07 ? 78  ALA A CB  1 
ATOM   597  N  N   . ALA A 1 85  ? 10.058  -0.009  -15.754 1.00 33.71 ? 79  ALA A N   1 
ATOM   598  C  CA  . ALA A 1 85  ? 8.684   0.462   -15.621 1.00 32.92 ? 79  ALA A CA  1 
ATOM   599  C  C   . ALA A 1 85  ? 8.566   1.520   -14.530 1.00 24.98 ? 79  ALA A C   1 
ATOM   600  O  O   . ALA A 1 85  ? 7.524   2.161   -14.397 1.00 28.63 ? 79  ALA A O   1 
ATOM   601  C  CB  . ALA A 1 85  ? 7.748   -0.699  -15.328 1.00 32.51 ? 79  ALA A CB  1 
ATOM   602  N  N   . ASN A 1 86  ? 9.637   1.697   -13.765 1.00 29.07 ? 80  ASN A N   1 
ATOM   603  C  CA  . ASN A 1 86  ? 9.615   2.572   -12.595 1.00 26.47 ? 80  ASN A CA  1 
ATOM   604  C  C   . ASN A 1 86  ? 8.465   2.183   -11.666 1.00 28.19 ? 80  ASN A C   1 
ATOM   605  O  O   . ASN A 1 86  ? 7.647   3.021   -11.281 1.00 22.80 ? 80  ASN A O   1 
ATOM   606  C  CB  . ASN A 1 86  ? 9.491   4.038   -13.013 1.00 25.47 ? 80  ASN A CB  1 
ATOM   607  C  CG  . ASN A 1 86  ? 9.677   5.003   -11.843 1.00 17.45 ? 80  ASN A CG  1 
ATOM   608  O  OD1 . ASN A 1 86  ? 10.292  4.666   -10.835 1.00 22.13 ? 80  ASN A OD1 1 
ATOM   609  N  ND2 . ASN A 1 86  ? 9.156   6.227   -11.996 1.00 23.72 ? 80  ASN A ND2 1 
ATOM   610  N  N   . THR A 1 87  ? 8.401   0.900   -11.330 1.00 24.25 ? 81  THR A N   1 
ATOM   611  C  CA  . THR A 1 87  ? 7.443   0.408   -10.347 1.00 21.94 ? 81  THR A CA  1 
ATOM   612  C  C   . THR A 1 87  ? 8.174   -0.500  -9.375  1.00 25.98 ? 81  THR A C   1 
ATOM   613  O  O   . THR A 1 87  ? 9.289   -0.951  -9.648  1.00 22.85 ? 81  THR A O   1 
ATOM   614  C  CB  . THR A 1 87  ? 6.303   -0.402  -10.997 1.00 24.92 ? 81  THR A CB  1 
ATOM   615  O  OG1 . THR A 1 87  ? 6.858   -1.545  -11.668 1.00 26.45 ? 81  THR A OG1 1 
ATOM   616  C  CG2 . THR A 1 87  ? 5.509   0.449   -11.985 1.00 24.81 ? 81  THR A CG2 1 
ATOM   617  N  N   . ARG A 1 88  ? 7.563   -0.756  -8.224  1.00 21.32 ? 82  ARG A N   1 
ATOM   618  C  CA  . ARG A 1 88  ? 8.085   -1.783  -7.338  1.00 19.74 ? 82  ARG A CA  1 
ATOM   619  C  C   . ARG A 1 88  ? 6.943   -2.423  -6.573  1.00 21.51 ? 82  ARG A C   1 
ATOM   620  O  O   . ARG A 1 88  ? 5.857   -1.864  -6.494  1.00 19.87 ? 82  ARG A O   1 
ATOM   621  C  CB  . ARG A 1 88  ? 9.124   -1.223  -6.376  1.00 19.82 ? 82  ARG A CB  1 
ATOM   622  C  CG  . ARG A 1 88  ? 8.577   -0.366  -5.232  1.00 20.25 ? 82  ARG A CG  1 
ATOM   623  C  CD  . ARG A 1 88  ? 9.759   0.110   -4.414  1.00 20.89 ? 82  ARG A CD  1 
ATOM   624  N  NE  . ARG A 1 88  ? 9.433   0.879   -3.212  1.00 20.34 ? 82  ARG A NE  1 
ATOM   625  C  CZ  . ARG A 1 88  ? 9.317   2.209   -3.187  1.00 21.69 ? 82  ARG A CZ  1 
ATOM   626  N  NH1 . ARG A 1 88  ? 9.428   2.911   -4.307  1.00 21.38 ? 82  ARG A NH1 1 
ATOM   627  N  NH2 . ARG A 1 88  ? 9.067   2.832   -2.046  1.00 20.70 ? 82  ARG A NH2 1 
ATOM   628  N  N   . VAL A 1 89  ? 7.195   -3.609  -6.034  1.00 18.39 ? 83  VAL A N   1 
ATOM   629  C  CA  . VAL A 1 89  ? 6.180   -4.313  -5.272  1.00 16.88 ? 83  VAL A CA  1 
ATOM   630  C  C   . VAL A 1 89  ? 6.607   -4.370  -3.813  1.00 19.54 ? 83  VAL A C   1 
ATOM   631  O  O   . VAL A 1 89  ? 7.730   -4.781  -3.492  1.00 19.34 ? 83  VAL A O   1 
ATOM   632  C  CB  . VAL A 1 89  ? 5.955   -5.749  -5.813  1.00 15.98 ? 83  VAL A CB  1 
ATOM   633  C  CG1 . VAL A 1 89  ? 4.886   -6.470  -4.973  1.00 18.49 ? 83  VAL A CG1 1 
ATOM   634  C  CG2 . VAL A 1 89  ? 5.538   -5.694  -7.265  1.00 22.46 ? 83  VAL A CG2 1 
ATOM   635  N  N   . VAL A 1 90  ? 5.714   -3.939  -2.925  1.00 17.26 ? 84  VAL A N   1 
ATOM   636  C  CA  . VAL A 1 90  ? 5.981   -3.981  -1.491  1.00 18.60 ? 84  VAL A CA  1 
ATOM   637  C  C   . VAL A 1 90  ? 5.028   -4.967  -0.831  1.00 21.17 ? 84  VAL A C   1 
ATOM   638  O  O   . VAL A 1 90  ? 3.913   -5.195  -1.312  1.00 20.38 ? 84  VAL A O   1 
ATOM   639  C  CB  . VAL A 1 90  ? 5.886   -2.578  -0.826  1.00 19.13 ? 84  VAL A CB  1 
ATOM   640  C  CG1 . VAL A 1 90  ? 6.919   -1.622  -1.439  1.00 19.41 ? 84  VAL A CG1 1 
ATOM   641  C  CG2 . VAL A 1 90  ? 4.476   -2.005  -0.956  1.00 19.68 ? 84  VAL A CG2 1 
ATOM   642  N  N   . GLU A 1 91  ? 5.472   -5.566  0.264   1.00 18.33 ? 85  GLU A N   1 
ATOM   643  C  CA  . GLU A 1 91  ? 4.688   -6.600  0.925   1.00 19.36 ? 85  GLU A CA  1 
ATOM   644  C  C   . GLU A 1 91  ? 4.575   -6.298  2.405   1.00 21.93 ? 85  GLU A C   1 
ATOM   645  O  O   . GLU A 1 91  ? 5.546   -5.885  3.039   1.00 20.62 ? 85  GLU A O   1 
ATOM   646  C  CB  . GLU A 1 91  ? 5.376   -7.947  0.730   1.00 22.40 ? 85  GLU A CB  1 
ATOM   647  C  CG  . GLU A 1 91  ? 4.726   -9.105  1.441   1.00 29.44 ? 85  GLU A CG  1 
ATOM   648  C  CD  . GLU A 1 91  ? 5.573   -10.361 1.325   1.00 36.92 ? 85  GLU A CD  1 
ATOM   649  O  OE1 . GLU A 1 91  ? 6.494   -10.538 2.160   1.00 39.41 ? 85  GLU A OE1 1 
ATOM   650  O  OE2 . GLU A 1 91  ? 5.329   -11.153 0.389   1.00 38.03 ? 85  GLU A OE2 1 
ATOM   651  N  N   . PHE A 1 92  ? 3.382   -6.490  2.951   1.00 21.71 ? 86  PHE A N   1 
ATOM   652  C  CA  . PHE A 1 92  ? 3.135   -6.223  4.360   1.00 20.92 ? 86  PHE A CA  1 
ATOM   653  C  C   . PHE A 1 92  ? 1.965   -7.061  4.836   1.00 22.25 ? 86  PHE A C   1 
ATOM   654  O  O   . PHE A 1 92  ? 1.185   -7.577  4.032   1.00 23.35 ? 86  PHE A O   1 
ATOM   655  C  CB  . PHE A 1 92  ? 2.856   -4.729  4.604   1.00 23.55 ? 86  PHE A CB  1 
ATOM   656  C  CG  . PHE A 1 92  ? 1.741   -4.168  3.754   1.00 19.77 ? 86  PHE A CG  1 
ATOM   657  C  CD1 . PHE A 1 92  ? 0.425   -4.259  4.172   1.00 25.13 ? 86  PHE A CD1 1 
ATOM   658  C  CD2 . PHE A 1 92  ? 2.013   -3.555  2.539   1.00 20.65 ? 86  PHE A CD2 1 
ATOM   659  C  CE1 . PHE A 1 92  ? -0.599  -3.742  3.394   1.00 20.99 ? 86  PHE A CE1 1 
ATOM   660  C  CE2 . PHE A 1 92  ? 0.996   -3.036  1.758   1.00 21.65 ? 86  PHE A CE2 1 
ATOM   661  C  CZ  . PHE A 1 92  ? -0.315  -3.135  2.189   1.00 20.73 ? 86  PHE A CZ  1 
ATOM   662  N  N   . GLU A 1 93  ? 1.854   -7.200  6.149   1.00 23.97 ? 87  GLU A N   1 
ATOM   663  C  CA  . GLU A 1 93  ? 0.809   -8.007  6.748   1.00 27.55 ? 87  GLU A CA  1 
ATOM   664  C  C   . GLU A 1 93  ? -0.455  -7.196  6.960   1.00 29.02 ? 87  GLU A C   1 
ATOM   665  O  O   . GLU A 1 93  ? -0.408  -5.998  7.265   1.00 28.32 ? 87  GLU A O   1 
ATOM   666  C  CB  . GLU A 1 93  ? 1.288   -8.556  8.093   1.00 30.95 ? 87  GLU A CB  1 
ATOM   667  C  CG  . GLU A 1 93  ? 1.483   -10.051 8.135   1.00 42.46 ? 87  GLU A CG  1 
ATOM   668  C  CD  . GLU A 1 93  ? 1.751   -10.546 9.544   1.00 47.38 ? 87  GLU A CD  1 
ATOM   669  O  OE1 . GLU A 1 93  ? 2.924   -10.492 9.977   1.00 47.81 ? 87  GLU A OE1 1 
ATOM   670  O  OE2 . GLU A 1 93  ? 0.787   -10.974 10.219  1.00 49.26 ? 87  GLU A OE2 1 
ATOM   671  N  N   . ALA A 1 94  ? -1.593  -7.854  6.774   1.00 26.99 ? 88  ALA A N   1 
ATOM   672  C  CA  . ALA A 1 94  ? -2.870  -7.276  7.142   1.00 28.15 ? 88  ALA A CA  1 
ATOM   673  C  C   . ALA A 1 94  ? -3.528  -8.253  8.104   1.00 35.28 ? 88  ALA A C   1 
ATOM   674  O  O   . ALA A 1 94  ? -3.199  -9.438  8.119   1.00 36.46 ? 88  ALA A O   1 
ATOM   675  C  CB  . ALA A 1 94  ? -3.729  -7.060  5.916   1.00 30.79 ? 88  ALA A CB  1 
ATOM   676  N  N   . ASN A 1 95  ? -4.428  -7.754  8.936   1.00 38.69 ? 89  ASN A N   1 
ATOM   677  C  CA  . ASN A 1 95  ? -5.145  -8.629  9.847   1.00 43.94 ? 89  ASN A CA  1 
ATOM   678  C  C   . ASN A 1 95  ? -6.589  -8.733  9.400   1.00 33.01 ? 89  ASN A C   1 
ATOM   679  O  O   . ASN A 1 95  ? -6.973  -9.661  8.688   1.00 38.55 ? 89  ASN A O   1 
ATOM   680  C  CB  . ASN A 1 95  ? -5.058  -8.098  11.278  1.00 43.64 ? 89  ASN A CB  1 
ATOM   681  C  CG  . ASN A 1 95  ? -3.651  -7.648  11.648  1.00 55.95 ? 89  ASN A CG  1 
ATOM   682  O  OD1 . ASN A 1 95  ? -3.301  -6.475  11.496  1.00 63.19 ? 89  ASN A OD1 1 
ATOM   683  N  ND2 . ASN A 1 95  ? -2.834  -8.583  12.130  1.00 61.31 ? 89  ASN A ND2 1 
ATOM   684  N  N   . ASP A 1 96  ? -7.382  -7.756  9.817   1.00 35.90 ? 90  ASP A N   1 
ATOM   685  C  CA  . ASP A 1 96  ? -8.776  -7.679  9.438   1.00 33.32 ? 90  ASP A CA  1 
ATOM   686  C  C   . ASP A 1 96  ? -8.868  -6.948  8.104   1.00 28.01 ? 90  ASP A C   1 
ATOM   687  O  O   . ASP A 1 96  ? -8.650  -5.737  8.038   1.00 31.29 ? 90  ASP A O   1 
ATOM   688  C  CB  . ASP A 1 96  ? -9.543  -6.909  10.518  1.00 34.07 ? 90  ASP A CB  1 
ATOM   689  C  CG  . ASP A 1 96  ? -11.030 -6.854  10.259  1.00 33.94 ? 90  ASP A CG  1 
ATOM   690  O  OD1 . ASP A 1 96  ? -11.474 -7.297  9.180   1.00 33.51 ? 90  ASP A OD1 1 
ATOM   691  O  OD2 . ASP A 1 96  ? -11.765 -6.357  11.144  1.00 42.53 ? 90  ASP A OD2 1 
ATOM   692  N  N   . LEU A 1 97  ? -9.198  -7.677  7.042   1.00 29.22 ? 91  LEU A N   1 
ATOM   693  C  CA  . LEU A 1 97  ? -9.314  -7.075  5.713   1.00 27.04 ? 91  LEU A CA  1 
ATOM   694  C  C   . LEU A 1 97  ? -10.475 -6.083  5.598   1.00 29.07 ? 91  LEU A C   1 
ATOM   695  O  O   . LEU A 1 97  ? -10.596 -5.368  4.600   1.00 27.62 ? 91  LEU A O   1 
ATOM   696  C  CB  . LEU A 1 97  ? -9.462  -8.158  4.647   1.00 28.91 ? 91  LEU A CB  1 
ATOM   697  C  CG  . LEU A 1 97  ? -8.301  -9.141  4.530   1.00 30.35 ? 91  LEU A CG  1 
ATOM   698  C  CD1 . LEU A 1 97  ? -8.636  -10.223 3.524   1.00 34.09 ? 91  LEU A CD1 1 
ATOM   699  C  CD2 . LEU A 1 97  ? -7.022  -8.413  4.140   1.00 33.09 ? 91  LEU A CD2 1 
ATOM   700  N  N   . PHE A 1 98  ? -11.337 -6.043  6.608   1.00 28.75 ? 92  PHE A N   1 
ATOM   701  C  CA  . PHE A 1 98  ? -12.455 -5.107  6.592   1.00 30.52 ? 92  PHE A CA  1 
ATOM   702  C  C   . PHE A 1 98  ? -12.164 -3.835  7.390   1.00 29.55 ? 92  PHE A C   1 
ATOM   703  O  O   . PHE A 1 98  ? -12.946 -2.877  7.365   1.00 33.31 ? 92  PHE A O   1 
ATOM   704  C  CB  . PHE A 1 98  ? -13.739 -5.788  7.082   1.00 29.75 ? 92  PHE A CB  1 
ATOM   705  C  CG  . PHE A 1 98  ? -14.204 -6.896  6.185   1.00 33.36 ? 92  PHE A CG  1 
ATOM   706  C  CD1 . PHE A 1 98  ? -13.796 -8.200  6.405   1.00 34.33 ? 92  PHE A CD1 1 
ATOM   707  C  CD2 . PHE A 1 98  ? -15.032 -6.628  5.108   1.00 34.41 ? 92  PHE A CD2 1 
ATOM   708  C  CE1 . PHE A 1 98  ? -14.217 -9.218  5.573   1.00 36.67 ? 92  PHE A CE1 1 
ATOM   709  C  CE2 . PHE A 1 98  ? -15.459 -7.644  4.273   1.00 35.52 ? 92  PHE A CE2 1 
ATOM   710  C  CZ  . PHE A 1 98  ? -15.051 -8.937  4.503   1.00 34.86 ? 92  PHE A CZ  1 
ATOM   711  N  N   . ALA A 1 99  ? -11.028 -3.820  8.079   1.00 27.48 ? 93  ALA A N   1 
ATOM   712  C  CA  . ALA A 1 99  ? -10.636 -2.664  8.868   1.00 27.99 ? 93  ALA A CA  1 
ATOM   713  C  C   . ALA A 1 99  ? -9.640  -1.808  8.092   1.00 27.99 ? 93  ALA A C   1 
ATOM   714  O  O   . ALA A 1 99  ? -8.869  -2.325  7.281   1.00 24.41 ? 93  ALA A O   1 
ATOM   715  C  CB  . ALA A 1 99  ? -10.032 -3.106  10.187  1.00 28.53 ? 93  ALA A CB  1 
ATOM   716  N  N   . LYS A 1 100 ? -9.661  -0.505  8.344   1.00 24.16 ? 94  LYS A N   1 
ATOM   717  C  CA  . LYS A 1 100 ? -8.684  0.397   7.744   1.00 20.83 ? 94  LYS A CA  1 
ATOM   718  C  C   . LYS A 1 100 ? -7.299  0.078   8.284   1.00 23.61 ? 94  LYS A C   1 
ATOM   719  O  O   . LYS A 1 100 ? -7.125  -0.195  9.477   1.00 26.31 ? 94  LYS A O   1 
ATOM   720  C  CB  . LYS A 1 100 ? -9.032  1.861   8.045   1.00 24.14 ? 94  LYS A CB  1 
ATOM   721  C  CG  . LYS A 1 100 ? -10.271 2.386   7.318   1.00 24.09 ? 94  LYS A CG  1 
ATOM   722  C  CD  . LYS A 1 100 ? -10.573 3.821   7.738   1.00 28.76 ? 94  LYS A CD  1 
ATOM   723  C  CE  . LYS A 1 100 ? -11.695 4.448   6.909   1.00 28.93 ? 94  LYS A CE  1 
ATOM   724  N  NZ  . LYS A 1 100 ? -13.018 3.785   7.131   1.00 36.04 ? 94  LYS A NZ  1 
ATOM   725  N  N   . LEU A 1 101 ? -6.310  0.116   7.401   1.00 18.83 ? 95  LEU A N   1 
ATOM   726  C  CA  . LEU A 1 101 ? -4.930  -0.110  7.799   1.00 20.16 ? 95  LEU A CA  1 
ATOM   727  C  C   . LEU A 1 101 ? -4.192  1.210   7.695   1.00 20.94 ? 95  LEU A C   1 
ATOM   728  O  O   . LEU A 1 101 ? -4.212  1.846   6.643   1.00 21.88 ? 95  LEU A O   1 
ATOM   729  C  CB  . LEU A 1 101 ? -4.287  -1.149  6.880   1.00 19.64 ? 95  LEU A CB  1 
ATOM   730  C  CG  . LEU A 1 101 ? -2.796  -1.423  7.097   1.00 22.86 ? 95  LEU A CG  1 
ATOM   731  C  CD1 . LEU A 1 101 ? -2.513  -1.984  8.504   1.00 25.84 ? 95  LEU A CD1 1 
ATOM   732  C  CD2 . LEU A 1 101 ? -2.283  -2.369  6.027   1.00 26.24 ? 95  LEU A CD2 1 
ATOM   733  N  N   . ASN A 1 102 ? -3.574  1.646   8.787   1.00 18.97 ? 96  ASN A N   1 
ATOM   734  C  CA  . ASN A 1 102 ? -2.802  2.880   8.763   1.00 18.22 ? 96  ASN A CA  1 
ATOM   735  C  C   . ASN A 1 102 ? -1.473  2.688   8.055   1.00 19.77 ? 96  ASN A C   1 
ATOM   736  O  O   . ASN A 1 102 ? -0.801  1.672   8.240   1.00 20.42 ? 96  ASN A O   1 
ATOM   737  C  CB  . ASN A 1 102 ? -2.546  3.394   10.174  1.00 21.95 ? 96  ASN A CB  1 
ATOM   738  C  CG  . ASN A 1 102 ? -3.810  3.846   10.864  1.00 25.71 ? 96  ASN A CG  1 
ATOM   739  O  OD1 . ASN A 1 102 ? -4.678  4.474   10.250  1.00 24.27 ? 96  ASN A OD1 1 
ATOM   740  N  ND2 . ASN A 1 102 ? -3.925  3.530   12.152  1.00 27.26 ? 96  ASN A ND2 1 
ATOM   741  N  N   . ALA A 1 103 ? -1.091  3.673   7.250   1.00 18.15 ? 97  ALA A N   1 
ATOM   742  C  CA  . ALA A 1 103 ? 0.187   3.625   6.557   1.00 16.78 ? 97  ALA A CA  1 
ATOM   743  C  C   . ALA A 1 103 ? 0.794   5.018   6.506   1.00 19.16 ? 97  ALA A C   1 
ATOM   744  O  O   . ALA A 1 103 ? 0.124   6.013   6.797   1.00 19.50 ? 97  ALA A O   1 
ATOM   745  C  CB  . ALA A 1 103 ? 0.013   3.067   5.149   1.00 18.30 ? 97  ALA A CB  1 
ATOM   746  N  N   . LYS A 1 104 ? 2.070   5.075   6.159   1.00 16.87 ? 98  LYS A N   1 
ATOM   747  C  CA  . LYS A 1 104 ? 2.788   6.334   6.039   1.00 17.52 ? 98  LYS A CA  1 
ATOM   748  C  C   . LYS A 1 104 ? 3.562   6.281   4.742   1.00 19.51 ? 98  LYS A C   1 
ATOM   749  O  O   . LYS A 1 104 ? 4.026   5.213   4.322   1.00 19.40 ? 98  LYS A O   1 
ATOM   750  C  CB  . LYS A 1 104 ? 3.776   6.500   7.189   1.00 19.62 ? 98  LYS A CB  1 
ATOM   751  C  CG  . LYS A 1 104 ? 3.118   6.774   8.536   1.00 20.85 ? 98  LYS A CG  1 
ATOM   752  C  CD  . LYS A 1 104 ? 4.134   6.708   9.662   1.00 20.28 ? 98  LYS A CD  1 
ATOM   753  C  CE  . LYS A 1 104 ? 3.513   7.139   10.983  1.00 25.90 ? 98  LYS A CE  1 
ATOM   754  N  NZ  . LYS A 1 104 ? 3.104   8.580   10.939  1.00 28.59 ? 98  LYS A NZ  1 
ATOM   755  N  N   . VAL A 1 105 ? 3.703   7.432   4.102   1.00 16.92 ? 99  VAL A N   1 
ATOM   756  C  CA  . VAL A 1 105 ? 4.430   7.504   2.842   1.00 16.71 ? 99  VAL A CA  1 
ATOM   757  C  C   . VAL A 1 105 ? 5.318   8.747   2.839   1.00 19.71 ? 99  VAL A C   1 
ATOM   758  O  O   . VAL A 1 105 ? 4.936   9.794   3.368   1.00 18.72 ? 99  VAL A O   1 
ATOM   759  C  CB  . VAL A 1 105 ? 3.460   7.489   1.626   1.00 17.50 ? 99  VAL A CB  1 
ATOM   760  C  CG1 . VAL A 1 105 ? 2.572   8.756   1.589   1.00 17.26 ? 99  VAL A CG1 1 
ATOM   761  C  CG2 . VAL A 1 105 ? 4.229   7.303   0.325   1.00 21.73 ? 99  VAL A CG2 1 
ATOM   762  N  N   . LYS A 1 106 ? 6.522   8.617   2.282   1.00 18.04 ? 100 LYS A N   1 
ATOM   763  C  CA  . LYS A 1 106 ? 7.389   9.762   2.051   1.00 17.76 ? 100 LYS A CA  1 
ATOM   764  C  C   . LYS A 1 106 ? 7.611   9.906   0.555   1.00 19.69 ? 100 LYS A C   1 
ATOM   765  O  O   . LYS A 1 106 ? 7.918   8.936   -0.129  1.00 17.45 ? 100 LYS A O   1 
ATOM   766  C  CB  . LYS A 1 106 ? 8.724   9.615   2.779   1.00 17.25 ? 100 LYS A CB  1 
ATOM   767  C  CG  . LYS A 1 106 ? 9.636   10.826  2.652   1.00 19.88 ? 100 LYS A CG  1 
ATOM   768  C  CD  . LYS A 1 106 ? 10.839  10.677  3.569   1.00 24.41 ? 100 LYS A CD  1 
ATOM   769  C  CE  . LYS A 1 106 ? 11.688  11.942  3.617   1.00 26.61 ? 100 LYS A CE  1 
ATOM   770  N  NZ  . LYS A 1 106 ? 12.560  12.046  2.421   1.00 32.87 ? 100 LYS A NZ  1 
ATOM   771  N  N   . VAL A 1 107 ? 7.442   11.122  0.047   1.00 18.20 ? 101 VAL A N   1 
ATOM   772  C  CA  . VAL A 1 107 ? 7.547   11.382  -1.383  1.00 16.92 ? 101 VAL A CA  1 
ATOM   773  C  C   . VAL A 1 107 ? 8.618   12.439  -1.632  1.00 17.82 ? 101 VAL A C   1 
ATOM   774  O  O   . VAL A 1 107 ? 8.684   13.451  -0.926  1.00 18.28 ? 101 VAL A O   1 
ATOM   775  C  CB  . VAL A 1 107 ? 6.212   11.895  -1.950  1.00 16.67 ? 101 VAL A CB  1 
ATOM   776  C  CG1 . VAL A 1 107 ? 6.284   12.027  -3.469  1.00 19.18 ? 101 VAL A CG1 1 
ATOM   777  C  CG2 . VAL A 1 107 ? 5.059   10.978  -1.540  1.00 20.86 ? 101 VAL A CG2 1 
ATOM   778  N  N   . ASP A 1 108 ? 9.476   12.187  -2.618  1.00 19.77 ? 102 ASP A N   1 
ATOM   779  C  CA  . ASP A 1 108 ? 10.512  13.148  -2.994  1.00 19.19 ? 102 ASP A CA  1 
ATOM   780  C  C   . ASP A 1 108 ? 10.600  13.287  -4.497  1.00 21.29 ? 102 ASP A C   1 
ATOM   781  O  O   . ASP A 1 108 ? 10.933  12.328  -5.200  1.00 23.59 ? 102 ASP A O   1 
ATOM   782  C  CB  . ASP A 1 108 ? 11.878  12.753  -2.436  1.00 22.40 ? 102 ASP A CB  1 
ATOM   783  C  CG  . ASP A 1 108 ? 11.940  12.851  -0.934  1.00 20.97 ? 102 ASP A CG  1 
ATOM   784  O  OD1 . ASP A 1 108 ? 11.870  11.789  -0.273  1.00 22.34 ? 102 ASP A OD1 1 
ATOM   785  O  OD2 . ASP A 1 108 ? 12.052  13.986  -0.409  1.00 22.88 ? 102 ASP A OD2 1 
ATOM   786  N  N   . ILE A 1 109 ? 10.299  14.488  -4.988  1.00 22.33 ? 103 ILE A N   1 
ATOM   787  C  CA  . ILE A 1 109 ? 10.445  14.785  -6.401  1.00 22.29 ? 103 ILE A CA  1 
ATOM   788  C  C   . ILE A 1 109 ? 11.371  15.987  -6.506  1.00 25.67 ? 103 ILE A C   1 
ATOM   789  O  O   . ILE A 1 109 ? 10.932  17.131  -6.389  1.00 25.03 ? 103 ILE A O   1 
ATOM   790  C  CB  . ILE A 1 109 ? 9.100   15.095  -7.071  1.00 20.28 ? 103 ILE A CB  1 
ATOM   791  C  CG1 . ILE A 1 109 ? 8.045   14.053  -6.672  1.00 19.81 ? 103 ILE A CG1 1 
ATOM   792  C  CG2 . ILE A 1 109 ? 9.276   15.161  -8.587  1.00 20.66 ? 103 ILE A CG2 1 
ATOM   793  C  CD1 . ILE A 1 109 ? 6.690   14.297  -7.251  1.00 19.41 ? 103 ILE A CD1 1 
ATOM   794  N  N   . ASP A 1 110 ? 12.657  15.725  -6.705  1.00 27.47 ? 104 ASP A N   1 
ATOM   795  C  CA  . ASP A 1 110 ? 13.662  16.787  -6.675  1.00 32.21 ? 104 ASP A CA  1 
ATOM   796  C  C   . ASP A 1 110 ? 13.377  17.889  -7.689  1.00 33.05 ? 104 ASP A C   1 
ATOM   797  O  O   . ASP A 1 110 ? 13.523  19.072  -7.390  1.00 31.82 ? 104 ASP A O   1 
ATOM   798  C  CB  . ASP A 1 110 ? 15.070  16.219  -6.900  1.00 36.63 ? 104 ASP A CB  1 
ATOM   799  C  CG  . ASP A 1 110 ? 15.577  15.406  -5.716  1.00 46.15 ? 104 ASP A CG  1 
ATOM   800  O  OD1 . ASP A 1 110 ? 15.014  15.536  -4.607  1.00 41.27 ? 104 ASP A OD1 1 
ATOM   801  O  OD2 . ASP A 1 110 ? 16.553  14.643  -5.889  1.00 46.88 ? 104 ASP A OD2 1 
ATOM   802  N  N   . SER A 1 111 ? 12.958  17.497  -8.885  1.00 31.43 ? 105 SER A N   1 
ATOM   803  C  CA  . SER A 1 111 ? 12.770  18.450  -9.974  1.00 33.89 ? 105 SER A CA  1 
ATOM   804  C  C   . SER A 1 111 ? 11.545  19.358  -9.819  1.00 34.01 ? 105 SER A C   1 
ATOM   805  O  O   . SER A 1 111 ? 11.397  20.331  -10.560 1.00 36.17 ? 105 SER A O   1 
ATOM   806  C  CB  . SER A 1 111 ? 12.705  17.712  -11.313 1.00 32.59 ? 105 SER A CB  1 
ATOM   807  O  OG  . SER A 1 111 ? 11.513  16.963  -11.420 1.00 32.57 ? 105 SER A OG  1 
ATOM   808  N  N   . MET A 1 112 ? 10.661  19.044  -8.875  1.00 25.38 ? 106 MET A N   1 
ATOM   809  C  CA  . MET A 1 112 ? 9.450   19.835  -8.681  1.00 24.82 ? 106 MET A CA  1 
ATOM   810  C  C   . MET A 1 112 ? 9.390   20.405  -7.269  1.00 24.35 ? 106 MET A C   1 
ATOM   811  O  O   . MET A 1 112 ? 8.353   20.900  -6.834  1.00 25.74 ? 106 MET A O   1 
ATOM   812  C  CB  . MET A 1 112 ? 8.204   18.996  -8.961  1.00 27.76 ? 106 MET A CB  1 
ATOM   813  C  CG  . MET A 1 112 ? 8.129   18.422  -10.374 1.00 32.47 ? 106 MET A CG  1 
ATOM   814  S  SD  . MET A 1 112 ? 6.768   17.249  -10.538 1.00 36.21 ? 106 MET A SD  1 
ATOM   815  C  CE  . MET A 1 112 ? 7.338   16.302  -11.957 1.00 31.58 ? 106 MET A CE  1 
ATOM   816  N  N   . ASN A 1 113 ? 10.511  20.316  -6.564  1.00 26.30 ? 107 ASN A N   1 
ATOM   817  C  CA  . ASN A 1 113 ? 10.572  20.718  -5.162  1.00 29.54 ? 107 ASN A CA  1 
ATOM   818  C  C   . ASN A 1 113 ? 9.360   20.231  -4.375  1.00 27.46 ? 107 ASN A C   1 
ATOM   819  O  O   . ASN A 1 113 ? 8.638   21.009  -3.732  1.00 26.33 ? 107 ASN A O   1 
ATOM   820  C  CB  . ASN A 1 113 ? 10.719  22.231  -5.018  1.00 33.05 ? 107 ASN A CB  1 
ATOM   821  C  CG  . ASN A 1 113 ? 11.095  22.629  -3.610  1.00 39.71 ? 107 ASN A CG  1 
ATOM   822  O  OD1 . ASN A 1 113 ? 11.887  21.941  -2.953  1.00 36.24 ? 107 ASN A OD1 1 
ATOM   823  N  ND2 . ASN A 1 113 ? 10.513  23.720  -3.123  1.00 41.67 ? 107 ASN A ND2 1 
ATOM   824  N  N   . TYR A 1 114 ? 9.126   18.928  -4.449  1.00 21.20 ? 108 TYR A N   1 
ATOM   825  C  CA  . TYR A 1 114 ? 8.039   18.310  -3.711  1.00 19.67 ? 108 TYR A CA  1 
ATOM   826  C  C   . TYR A 1 114 ? 8.635   17.298  -2.751  1.00 22.47 ? 108 TYR A C   1 
ATOM   827  O  O   . TYR A 1 114 ? 9.114   16.248  -3.160  1.00 20.41 ? 108 TYR A O   1 
ATOM   828  C  CB  . TYR A 1 114 ? 7.071   17.625  -4.677  1.00 19.06 ? 108 TYR A CB  1 
ATOM   829  C  CG  . TYR A 1 114 ? 5.821   17.051  -4.040  1.00 18.44 ? 108 TYR A CG  1 
ATOM   830  C  CD1 . TYR A 1 114 ? 4.712   17.853  -3.781  1.00 20.44 ? 108 TYR A CD1 1 
ATOM   831  C  CD2 . TYR A 1 114 ? 5.737   15.697  -3.726  1.00 19.93 ? 108 TYR A CD2 1 
ATOM   832  C  CE1 . TYR A 1 114 ? 3.558   17.327  -3.217  1.00 19.73 ? 108 TYR A CE1 1 
ATOM   833  C  CE2 . TYR A 1 114 ? 4.588   15.161  -3.169  1.00 21.67 ? 108 TYR A CE2 1 
ATOM   834  C  CZ  . TYR A 1 114 ? 3.506   15.977  -2.907  1.00 19.29 ? 108 TYR A CZ  1 
ATOM   835  O  OH  . TYR A 1 114 ? 2.368   15.427  -2.358  1.00 20.61 ? 108 TYR A OH  1 
ATOM   836  N  N   . HIS A 1 115 ? 8.629   17.628  -1.470  1.00 20.32 ? 109 HIS A N   1 
ATOM   837  C  CA  . HIS A 1 115 ? 9.234   16.762  -0.470  1.00 19.90 ? 109 HIS A CA  1 
ATOM   838  C  C   . HIS A 1 115 ? 8.330   16.773  0.727   1.00 20.27 ? 109 HIS A C   1 
ATOM   839  O  O   . HIS A 1 115 ? 8.317   17.748  1.489   1.00 20.64 ? 109 HIS A O   1 
ATOM   840  C  CB  . HIS A 1 115 ? 10.606  17.287  -0.076  1.00 21.38 ? 109 HIS A CB  1 
ATOM   841  C  CG  . HIS A 1 115 ? 11.548  17.423  -1.223  1.00 23.17 ? 109 HIS A CG  1 
ATOM   842  N  ND1 . HIS A 1 115 ? 12.270  16.359  -1.725  1.00 21.82 ? 109 HIS A ND1 1 
ATOM   843  C  CD2 . HIS A 1 115 ? 11.887  18.494  -1.979  1.00 23.95 ? 109 HIS A CD2 1 
ATOM   844  C  CE1 . HIS A 1 115 ? 13.020  16.772  -2.729  1.00 26.41 ? 109 HIS A CE1 1 
ATOM   845  N  NE2 . HIS A 1 115 ? 12.800  18.067  -2.909  1.00 25.66 ? 109 HIS A NE2 1 
ATOM   846  N  N   . HIS A 1 116 ? 7.552   15.709  0.883   1.00 19.40 ? 110 HIS A N   1 
ATOM   847  C  CA  . HIS A 1 116 ? 6.574   15.644  1.952   1.00 16.81 ? 110 HIS A CA  1 
ATOM   848  C  C   . HIS A 1 116 ? 6.484   14.249  2.513   1.00 20.22 ? 110 HIS A C   1 
ATOM   849  O  O   . HIS A 1 116 ? 6.896   13.288  1.864   1.00 20.14 ? 110 HIS A O   1 
ATOM   850  C  CB  . HIS A 1 116 ? 5.197   16.019  1.430   1.00 17.96 ? 110 HIS A CB  1 
ATOM   851  C  CG  . HIS A 1 116 ? 5.095   17.445  1.000   1.00 21.06 ? 110 HIS A CG  1 
ATOM   852  N  ND1 . HIS A 1 116 ? 4.757   18.456  1.866   1.00 23.68 ? 110 HIS A ND1 1 
ATOM   853  C  CD2 . HIS A 1 116 ? 5.329   18.032  -0.200  1.00 22.71 ? 110 HIS A CD2 1 
ATOM   854  C  CE1 . HIS A 1 116 ? 4.771   19.612  1.218   1.00 22.33 ? 110 HIS A CE1 1 
ATOM   855  N  NE2 . HIS A 1 116 ? 5.117   19.380  -0.034  1.00 23.84 ? 110 HIS A NE2 1 
ATOM   856  N  N   . PHE A 1 117 ? 5.940   14.138  3.716   1.00 17.97 ? 111 PHE A N   1 
ATOM   857  C  CA  . PHE A 1 117 ? 5.477   12.827  4.168   1.00 17.49 ? 111 PHE A CA  1 
ATOM   858  C  C   . PHE A 1 117 ? 4.057   12.919  4.726   1.00 18.19 ? 111 PHE A C   1 
ATOM   859  O  O   . PHE A 1 117 ? 3.607   13.993  5.143   1.00 19.88 ? 111 PHE A O   1 
ATOM   860  C  CB  . PHE A 1 117 ? 6.473   12.145  5.118   1.00 20.33 ? 111 PHE A CB  1 
ATOM   861  C  CG  . PHE A 1 117 ? 6.881   12.981  6.296   1.00 20.34 ? 111 PHE A CG  1 
ATOM   862  C  CD1 . PHE A 1 117 ? 6.030   13.144  7.377   1.00 22.25 ? 111 PHE A CD1 1 
ATOM   863  C  CD2 . PHE A 1 117 ? 8.139   13.549  6.340   1.00 20.40 ? 111 PHE A CD2 1 
ATOM   864  C  CE1 . PHE A 1 117 ? 6.427   13.902  8.479   1.00 23.72 ? 111 PHE A CE1 1 
ATOM   865  C  CE2 . PHE A 1 117 ? 8.542   14.294  7.435   1.00 23.20 ? 111 PHE A CE2 1 
ATOM   866  C  CZ  . PHE A 1 117 ? 7.682   14.470  8.501   1.00 21.40 ? 111 PHE A CZ  1 
ATOM   867  N  N   . TYR A 1 118 ? 3.330   11.811  4.668   1.00 17.91 ? 112 TYR A N   1 
ATOM   868  C  CA  . TYR A 1 118 ? 1.906   11.817  4.966   1.00 17.23 ? 112 TYR A CA  1 
ATOM   869  C  C   . TYR A 1 118 ? 1.499   10.550  5.675   1.00 19.39 ? 112 TYR A C   1 
ATOM   870  O  O   . TYR A 1 118 ? 2.128   9.498   5.513   1.00 20.18 ? 112 TYR A O   1 
ATOM   871  C  CB  . TYR A 1 118 ? 1.083   11.855  3.678   1.00 16.85 ? 112 TYR A CB  1 
ATOM   872  C  CG  . TYR A 1 118 ? 1.349   13.001  2.740   1.00 17.06 ? 112 TYR A CG  1 
ATOM   873  C  CD1 . TYR A 1 118 ? 0.779   14.246  2.967   1.00 20.25 ? 112 TYR A CD1 1 
ATOM   874  C  CD2 . TYR A 1 118 ? 2.135   12.833  1.611   1.00 16.36 ? 112 TYR A CD2 1 
ATOM   875  C  CE1 . TYR A 1 118 ? 1.008   15.301  2.110   1.00 21.87 ? 112 TYR A CE1 1 
ATOM   876  C  CE2 . TYR A 1 118 ? 2.371   13.896  0.738   1.00 18.27 ? 112 TYR A CE2 1 
ATOM   877  C  CZ  . TYR A 1 118 ? 1.790   15.115  0.993   1.00 20.02 ? 112 TYR A CZ  1 
ATOM   878  O  OH  . TYR A 1 118 ? 2.015   16.170  0.137   1.00 19.96 ? 112 TYR A OH  1 
ATOM   879  N  N   . ASP A 1 119 ? 0.417   10.656  6.439   1.00 17.52 ? 113 ASP A N   1 
ATOM   880  C  CA  . ASP A 1 119 ? -0.332  9.501   6.887   1.00 16.82 ? 113 ASP A CA  1 
ATOM   881  C  C   . ASP A 1 119 ? -1.472  9.219   5.906   1.00 20.61 ? 113 ASP A C   1 
ATOM   882  O  O   . ASP A 1 119 ? -2.073  10.142  5.364   1.00 18.77 ? 113 ASP A O   1 
ATOM   883  C  CB  . ASP A 1 119 ? -0.904  9.769   8.284   1.00 18.72 ? 113 ASP A CB  1 
ATOM   884  C  CG  . ASP A 1 119 ? 0.177   9.914   9.339   1.00 28.99 ? 113 ASP A CG  1 
ATOM   885  O  OD1 . ASP A 1 119 ? 0.209   10.952  10.029  1.00 37.27 ? 113 ASP A OD1 1 
ATOM   886  O  OD2 . ASP A 1 119 ? 0.987   8.986   9.494   1.00 33.46 ? 113 ASP A OD2 1 
ATOM   887  N  N   . VAL A 1 120 ? -1.757  7.947   5.650   1.00 16.90 ? 114 VAL A N   1 
ATOM   888  C  CA  . VAL A 1 120 ? -2.935  7.569   4.883   1.00 15.99 ? 114 VAL A CA  1 
ATOM   889  C  C   . VAL A 1 120 ? -3.535  6.310   5.490   1.00 19.74 ? 114 VAL A C   1 
ATOM   890  O  O   . VAL A 1 120 ? -2.914  5.664   6.347   1.00 21.60 ? 114 VAL A O   1 
ATOM   891  C  CB  . VAL A 1 120 ? -2.586  7.251   3.416   1.00 18.49 ? 114 VAL A CB  1 
ATOM   892  C  CG1 . VAL A 1 120 ? -2.080  8.483   2.704   1.00 19.29 ? 114 VAL A CG1 1 
ATOM   893  C  CG2 . VAL A 1 120 ? -1.531  6.132   3.358   1.00 17.87 ? 114 VAL A CG2 1 
ATOM   894  N  N   . GLN A 1 121 ? -4.745  5.972   5.056   1.00 18.61 ? 115 GLN A N   1 
ATOM   895  C  CA  . GLN A 1 121 ? -5.341  4.688   5.399   1.00 20.96 ? 115 GLN A CA  1 
ATOM   896  C  C   . GLN A 1 121 ? -5.599  3.864   4.151   1.00 19.92 ? 115 GLN A C   1 
ATOM   897  O  O   . GLN A 1 121 ? -5.983  4.393   3.110   1.00 19.49 ? 115 GLN A O   1 
ATOM   898  C  CB  . GLN A 1 121 ? -6.654  4.861   6.167   1.00 18.75 ? 115 GLN A CB  1 
ATOM   899  C  CG  . GLN A 1 121 ? -6.467  5.221   7.630   1.00 20.03 ? 115 GLN A CG  1 
ATOM   900  C  CD  . GLN A 1 121 ? -6.188  6.688   7.824   1.00 22.30 ? 115 GLN A CD  1 
ATOM   901  O  OE1 . GLN A 1 121 ? -6.988  7.530   7.418   1.00 23.22 ? 115 GLN A OE1 1 
ATOM   902  N  NE2 . GLN A 1 121 ? -5.058  7.011   8.443   1.00 24.78 ? 115 GLN A NE2 1 
ATOM   903  N  N   . ILE A 1 122 ? -5.377  2.560   4.254   1.00 16.86 ? 116 ILE A N   1 
ATOM   904  C  CA  . ILE A 1 122 ? -5.743  1.657   3.179   1.00 14.59 ? 116 ILE A CA  1 
ATOM   905  C  C   . ILE A 1 122 ? -7.034  0.951   3.562   1.00 20.09 ? 116 ILE A C   1 
ATOM   906  O  O   . ILE A 1 122 ? -7.138  0.388   4.654   1.00 20.49 ? 116 ILE A O   1 
ATOM   907  C  CB  . ILE A 1 122 ? -4.638  0.612   2.931   1.00 18.31 ? 116 ILE A CB  1 
ATOM   908  C  CG1 . ILE A 1 122 ? -3.362  1.319   2.468   1.00 19.70 ? 116 ILE A CG1 1 
ATOM   909  C  CG2 . ILE A 1 122 ? -5.098  -0.402  1.887   1.00 19.42 ? 116 ILE A CG2 1 
ATOM   910  C  CD1 . ILE A 1 122 ? -2.090  0.453   2.534   1.00 22.86 ? 116 ILE A CD1 1 
ATOM   911  N  N   . GLN A 1 123 ? -8.018  0.989   2.671   1.00 18.34 ? 117 GLN A N   1 
ATOM   912  C  CA  . GLN A 1 123 ? -9.258  0.251   2.887   1.00 20.04 ? 117 GLN A CA  1 
ATOM   913  C  C   . GLN A 1 123 ? -9.406  -0.805  1.810   1.00 19.23 ? 117 GLN A C   1 
ATOM   914  O  O   . GLN A 1 123 ? -9.535  -0.484  0.634   1.00 21.23 ? 117 GLN A O   1 
ATOM   915  C  CB  . GLN A 1 123 ? -10.476 1.177   2.875   1.00 23.19 ? 117 GLN A CB  1 
ATOM   916  C  CG  . GLN A 1 123 ? -11.777 0.452   3.185   1.00 23.54 ? 117 GLN A CG  1 
ATOM   917  C  CD  . GLN A 1 123 ? -12.235 0.678   4.617   1.00 30.30 ? 117 GLN A CD  1 
ATOM   918  O  OE1 . GLN A 1 123 ? -12.709 1.762   4.963   1.00 27.66 ? 117 GLN A OE1 1 
ATOM   919  N  NE2 . GLN A 1 123 ? -12.086 -0.342  5.460   1.00 29.21 ? 117 GLN A NE2 1 
ATOM   920  N  N   . PHE A 1 124 ? -9.365  -2.068  2.227   1.00 20.55 ? 118 PHE A N   1 
ATOM   921  C  CA  . PHE A 1 124 ? -9.596  -3.184  1.324   1.00 19.71 ? 118 PHE A CA  1 
ATOM   922  C  C   . PHE A 1 124 ? -11.091 -3.412  1.187   1.00 24.85 ? 118 PHE A C   1 
ATOM   923  O  O   . PHE A 1 124 ? -11.863 -3.083  2.094   1.00 25.00 ? 118 PHE A O   1 
ATOM   924  C  CB  . PHE A 1 124 ? -8.925  -4.455  1.854   1.00 19.82 ? 118 PHE A CB  1 
ATOM   925  C  CG  . PHE A 1 124 ? -7.444  -4.307  2.073   1.00 21.48 ? 118 PHE A CG  1 
ATOM   926  C  CD1 . PHE A 1 124 ? -6.946  -4.020  3.327   1.00 22.97 ? 118 PHE A CD1 1 
ATOM   927  C  CD2 . PHE A 1 124 ? -6.558  -4.449  1.013   1.00 23.03 ? 118 PHE A CD2 1 
ATOM   928  C  CE1 . PHE A 1 124 ? -5.588  -3.868  3.535   1.00 22.80 ? 118 PHE A CE1 1 
ATOM   929  C  CE2 . PHE A 1 124 ? -5.193  -4.304  1.213   1.00 21.57 ? 118 PHE A CE2 1 
ATOM   930  C  CZ  . PHE A 1 124 ? -4.713  -4.018  2.476   1.00 21.74 ? 118 PHE A CZ  1 
ATOM   931  N  N   . ASP A 1 125 ? -11.498 -3.970  0.049   1.00 21.54 ? 119 ASP A N   1 
ATOM   932  C  CA  . ASP A 1 125 ? -12.890 -4.363  -0.145  1.00 25.13 ? 119 ASP A CA  1 
ATOM   933  C  C   . ASP A 1 125 ? -12.950 -5.772  -0.714  1.00 22.46 ? 119 ASP A C   1 
ATOM   934  O  O   . ASP A 1 125 ? -13.007 -5.955  -1.929  1.00 23.96 ? 119 ASP A O   1 
ATOM   935  C  CB  . ASP A 1 125 ? -13.611 -3.377  -1.067  1.00 25.97 ? 119 ASP A CB  1 
ATOM   936  C  CG  . ASP A 1 125 ? -15.090 -3.692  -1.209  1.00 32.46 ? 119 ASP A CG  1 
ATOM   937  O  OD1 . ASP A 1 125 ? -15.539 -4.710  -0.647  1.00 31.41 ? 119 ASP A OD1 1 
ATOM   938  O  OD2 . ASP A 1 125 ? -15.799 -2.924  -1.893  1.00 38.37 ? 119 ASP A OD2 1 
ATOM   939  N  N   . PRO A 1 126 ? -12.922 -6.781  0.170   1.00 25.54 ? 120 PRO A N   1 
ATOM   940  C  CA  . PRO A 1 126 ? -12.859 -8.190  -0.229  1.00 28.41 ? 120 PRO A CA  1 
ATOM   941  C  C   . PRO A 1 126 ? -14.010 -8.597  -1.134  1.00 30.81 ? 120 PRO A C   1 
ATOM   942  O  O   . PRO A 1 126 ? -13.867 -9.542  -1.913  1.00 32.17 ? 120 PRO A O   1 
ATOM   943  C  CB  . PRO A 1 126 ? -12.961 -8.931  1.105   1.00 30.08 ? 120 PRO A CB  1 
ATOM   944  C  CG  . PRO A 1 126 ? -12.393 -7.977  2.092   1.00 27.05 ? 120 PRO A CG  1 
ATOM   945  C  CD  . PRO A 1 126 ? -12.861 -6.627  1.634   1.00 27.75 ? 120 PRO A CD  1 
ATOM   946  N  N   . THR A 1 127 ? -15.127 -7.882  -1.045  1.00 29.40 ? 121 THR A N   1 
ATOM   947  C  CA  . THR A 1 127 ? -16.335 -8.245  -1.776  1.00 31.03 ? 121 THR A CA  1 
ATOM   948  C  C   . THR A 1 127 ? -16.343 -7.716  -3.208  1.00 30.56 ? 121 THR A C   1 
ATOM   949  O  O   . THR A 1 127 ? -17.144 -8.156  -4.036  1.00 32.36 ? 121 THR A O   1 
ATOM   950  C  CB  . THR A 1 127 ? -17.610 -7.738  -1.047  1.00 30.40 ? 121 THR A CB  1 
ATOM   951  O  OG1 . THR A 1 127 ? -17.800 -6.344  -1.312  1.00 37.54 ? 121 THR A OG1 1 
ATOM   952  C  CG2 . THR A 1 127 ? -17.495 -7.949  0.448   1.00 37.96 ? 121 THR A CG2 1 
ATOM   953  N  N   . LYS A 1 128 ? -15.452 -6.778  -3.508  1.00 25.85 ? 122 LYS A N   1 
ATOM   954  C  CA  . LYS A 1 128 ? -15.492 -6.099  -4.794  1.00 24.29 ? 122 LYS A CA  1 
ATOM   955  C  C   . LYS A 1 128 ? -14.850 -6.890  -5.923  1.00 28.05 ? 122 LYS A C   1 
ATOM   956  O  O   . LYS A 1 128 ? -13.854 -7.585  -5.717  1.00 24.59 ? 122 LYS A O   1 
ATOM   957  C  CB  . LYS A 1 128 ? -14.818 -4.727  -4.687  1.00 26.80 ? 122 LYS A CB  1 
ATOM   958  C  CG  . LYS A 1 128 ? -14.867 -3.923  -5.976  1.00 34.38 ? 122 LYS A CG  1 
ATOM   959  C  CD  . LYS A 1 128 ? -14.407 -2.492  -5.764  1.00 41.28 ? 122 LYS A CD  1 
ATOM   960  C  CE  . LYS A 1 128 ? -14.805 -1.613  -6.941  1.00 50.69 ? 122 LYS A CE  1 
ATOM   961  N  NZ  . LYS A 1 128 ? -14.278 -2.132  -8.237  1.00 52.35 ? 122 LYS A NZ  1 
ATOM   962  N  N   . ILE A 1 129 ? -15.429 -6.781  -7.114  1.00 26.69 ? 123 ILE A N   1 
ATOM   963  C  CA  . ILE A 1 129 ? -14.776 -7.246  -8.334  1.00 22.27 ? 123 ILE A CA  1 
ATOM   964  C  C   . ILE A 1 129 ? -14.921 -6.186  -9.430  1.00 29.19 ? 123 ILE A C   1 
ATOM   965  O  O   . ILE A 1 129 ? -14.323 -6.291  -10.502 1.00 31.19 ? 123 ILE A O   1 
ATOM   966  C  CB  . ILE A 1 129 ? -15.326 -8.606  -8.829  1.00 26.71 ? 123 ILE A CB  1 
ATOM   967  C  CG1 . ILE A 1 129 ? -16.765 -8.471  -9.335  1.00 24.65 ? 123 ILE A CG1 1 
ATOM   968  C  CG2 . ILE A 1 129 ? -15.234 -9.662  -7.740  1.00 27.28 ? 123 ILE A CG2 1 
ATOM   969  C  CD1 . ILE A 1 129 ? -17.216 -9.681  -10.153 1.00 25.18 ? 123 ILE A CD1 1 
ATOM   970  O  OXT . ILE A 1 129 ? -15.644 -5.188  -9.268  1.00 35.60 ? 123 ILE A OXT 1 
HETATM 971  C  CHA . HEM B 2 .   ? -1.313  15.992  -0.981  1.00 23.25 ? 201 HEM A CHA 1 
HETATM 972  C  CHB . HEM B 2 .   ? 0.240   17.564  -5.302  1.00 22.75 ? 201 HEM A CHB 1 
HETATM 973  C  CHC . HEM B 2 .   ? 2.681   13.412  -6.000  1.00 22.11 ? 201 HEM A CHC 1 
HETATM 974  C  CHD . HEM B 2 .   ? 0.660   11.596  -1.969  1.00 20.78 ? 201 HEM A CHD 1 
HETATM 975  C  C1A . HEM B 2 .   ? -1.093  16.772  -2.084  1.00 21.03 ? 201 HEM A C1A 1 
HETATM 976  C  C2A . HEM B 2 .   ? -1.600  18.117  -2.289  1.00 20.33 ? 201 HEM A C2A 1 
HETATM 977  C  C3A . HEM B 2 .   ? -1.170  18.532  -3.485  1.00 20.30 ? 201 HEM A C3A 1 
HETATM 978  C  C4A . HEM B 2 .   ? -0.368  17.485  -4.073  1.00 22.42 ? 201 HEM A C4A 1 
HETATM 979  C  CMA . HEM B 2 .   ? -1.452  19.897  -4.148  1.00 21.90 ? 201 HEM A CMA 1 
HETATM 980  C  CAA . HEM B 2 .   ? -2.501  18.900  -1.299  1.00 22.49 ? 201 HEM A CAA 1 
HETATM 981  C  CBA . HEM B 2 .   ? -3.886  18.254  -1.253  1.00 31.07 ? 201 HEM A CBA 1 
HETATM 982  C  CGA . HEM B 2 .   ? -4.556  18.232  -2.611  1.00 35.96 ? 201 HEM A CGA 1 
HETATM 983  O  O1A . HEM B 2 .   ? -4.531  19.269  -3.319  1.00 39.74 ? 201 HEM A O1A 1 
HETATM 984  O  O2A . HEM B 2 .   ? -5.146  17.188  -2.997  1.00 36.76 ? 201 HEM A O2A 1 
HETATM 985  C  C1B . HEM B 2 .   ? 1.008   16.571  -5.866  1.00 21.91 ? 201 HEM A C1B 1 
HETATM 986  C  C2B . HEM B 2 .   ? 1.597   16.627  -7.182  1.00 21.13 ? 201 HEM A C2B 1 
HETATM 987  C  C3B . HEM B 2 .   ? 2.267   15.495  -7.385  1.00 20.98 ? 201 HEM A C3B 1 
HETATM 988  C  C4B . HEM B 2 .   ? 2.136   14.667  -6.198  1.00 21.95 ? 201 HEM A C4B 1 
HETATM 989  C  CMB . HEM B 2 .   ? 1.447   17.796  -8.185  1.00 20.16 ? 201 HEM A CMB 1 
HETATM 990  C  CAB . HEM B 2 .   ? 3.044   15.159  -8.677  1.00 24.12 ? 201 HEM A CAB 1 
HETATM 991  C  CBB . HEM B 2 .   ? 3.573   13.951  -8.840  1.00 34.63 ? 201 HEM A CBB 1 
HETATM 992  C  C1C . HEM B 2 .   ? 2.324   12.544  -4.986  1.00 21.06 ? 201 HEM A C1C 1 
HETATM 993  C  C2C . HEM B 2 .   ? 2.748   11.162  -4.857  1.00 19.01 ? 201 HEM A C2C 1 
HETATM 994  C  C3C . HEM B 2 .   ? 2.197   10.657  -3.746  1.00 18.40 ? 201 HEM A C3C 1 
HETATM 995  C  C4C . HEM B 2 .   ? 1.397   11.703  -3.125  1.00 19.28 ? 201 HEM A C4C 1 
HETATM 996  C  CMC . HEM B 2 .   ? 3.693   10.424  -5.839  1.00 22.61 ? 201 HEM A CMC 1 
HETATM 997  C  CAC . HEM B 2 .   ? 2.375   9.220   -3.213  1.00 21.28 ? 201 HEM A CAC 1 
HETATM 998  C  CBC . HEM B 2 .   ? 1.895   8.909   -2.010  1.00 31.07 ? 201 HEM A CBC 1 
HETATM 999  C  C1D . HEM B 2 .   ? -0.028  12.617  -1.357  1.00 18.92 ? 201 HEM A C1D 1 
HETATM 1000 C  C2D . HEM B 2 .   ? -0.712  12.466  -0.100  1.00 19.12 ? 201 HEM A C2D 1 
HETATM 1001 C  C3D . HEM B 2 .   ? -1.324  13.816  0.210   1.00 19.93 ? 201 HEM A C3D 1 
HETATM 1002 C  C4D . HEM B 2 .   ? -0.949  14.670  -0.890  1.00 19.35 ? 201 HEM A C4D 1 
HETATM 1003 C  CMD . HEM B 2 .   ? -0.813  11.194  0.754   1.00 16.31 ? 201 HEM A CMD 1 
HETATM 1004 C  CAD . HEM B 2 .   ? -2.159  14.193  1.447   1.00 18.56 ? 201 HEM A CAD 1 
HETATM 1005 C  CBD . HEM B 2 .   ? -3.628  14.304  1.065   1.00 20.52 ? 201 HEM A CBD 1 
HETATM 1006 C  CGD . HEM B 2 .   ? -4.152  13.019  0.488   1.00 22.70 ? 201 HEM A CGD 1 
HETATM 1007 O  O1D . HEM B 2 .   ? -3.985  11.928  1.110   1.00 18.31 ? 201 HEM A O1D 1 
HETATM 1008 O  O2D . HEM B 2 .   ? -4.767  13.096  -0.607  1.00 19.99 ? 201 HEM A O2D 1 
HETATM 1009 N  NA  . HEM B 2 .   ? -0.347  16.421  -3.186  1.00 17.31 ? 201 HEM A NA  1 
HETATM 1010 N  NB  . HEM B 2 .   ? 1.355   15.359  -5.290  1.00 18.61 ? 201 HEM A NB  1 
HETATM 1011 N  NC  . HEM B 2 .   ? 1.494   12.827  -3.917  1.00 17.08 ? 201 HEM A NC  1 
HETATM 1012 N  ND  . HEM B 2 .   ? -0.185  13.932  -1.798  1.00 18.38 ? 201 HEM A ND  1 
HETATM 1013 FE FE  . HEM B 2 .   ? 0.763   14.716  -3.431  1.00 20.52 ? 201 HEM A FE  1 
HETATM 1014 ZN ZN  . ZN  C 3 .   ? 4.380   18.293  3.935   1.00 23.34 ? 202 ZN  A ZN  1 
HETATM 1015 O  O   . HOH D 4 .   ? 5.097   -2.688  6.535   1.00 24.23 ? 301 HOH A O   1 
HETATM 1016 O  O   . HOH D 4 .   ? -3.527  11.827  3.814   1.00 18.89 ? 302 HOH A O   1 
HETATM 1017 O  O   . HOH D 4 .   ? 8.887   8.615   -10.642 1.00 26.67 ? 303 HOH A O   1 
HETATM 1018 O  O   . HOH D 4 .   ? 10.185  14.060  1.643   1.00 21.74 ? 304 HOH A O   1 
HETATM 1019 O  O   . HOH D 4 .   ? -4.362  -17.104 -7.604  1.00 24.49 ? 305 HOH A O   1 
HETATM 1020 O  O   . HOH D 4 .   ? 9.824   0.744   -0.230  1.00 23.19 ? 306 HOH A O   1 
HETATM 1021 O  O   . HOH D 4 .   ? -11.728 -7.514  -3.844  1.00 22.72 ? 307 HOH A O   1 
HETATM 1022 O  O   . HOH D 4 .   ? -0.909  -3.969  -6.436  1.00 22.17 ? 308 HOH A O   1 
HETATM 1023 O  O   . HOH D 4 .   ? 10.038  2.295   3.389   1.00 25.12 ? 309 HOH A O   1 
HETATM 1024 O  O   . HOH D 4 .   ? -9.542  -13.168 -6.019  1.00 26.37 ? 310 HOH A O   1 
HETATM 1025 O  O   . HOH D 4 .   ? -6.232  9.771   -6.401  1.00 28.28 ? 311 HOH A O   1 
HETATM 1026 O  O   . HOH D 4 .   ? 0.702   -11.588 -1.738  1.00 24.43 ? 312 HOH A O   1 
HETATM 1027 O  O   . HOH D 4 .   ? -3.048  14.205  5.036   1.00 24.15 ? 313 HOH A O   1 
HETATM 1028 O  O   . HOH D 4 .   ? 4.186   -4.899  -10.359 1.00 27.82 ? 314 HOH A O   1 
HETATM 1029 O  O   . HOH D 4 .   ? 12.294  3.016   -10.533 1.00 31.12 ? 315 HOH A O   1 
HETATM 1030 O  O   . HOH D 4 .   ? -9.609  6.951   6.812   1.00 23.64 ? 316 HOH A O   1 
HETATM 1031 O  O   . HOH D 4 .   ? -0.674  13.366  6.829   1.00 26.24 ? 317 HOH A O   1 
HETATM 1032 O  O   . HOH D 4 .   ? -7.640  7.774   -7.646  1.00 28.06 ? 318 HOH A O   1 
HETATM 1033 O  O   . HOH D 4 .   ? 5.302   3.997   -12.900 1.00 27.84 ? 319 HOH A O   1 
HETATM 1034 O  O   . HOH D 4 .   ? -3.743  0.150   11.313  1.00 26.65 ? 320 HOH A O   1 
HETATM 1035 O  O   . HOH D 4 .   ? 1.190   -4.062  8.351   1.00 27.47 ? 321 HOH A O   1 
HETATM 1036 O  O   . HOH D 4 .   ? 5.411   21.433  -1.817  1.00 29.60 ? 322 HOH A O   1 
HETATM 1037 O  O   . HOH D 4 .   ? 12.969  -4.110  1.484   1.00 28.56 ? 323 HOH A O   1 
HETATM 1038 O  O   . HOH D 4 .   ? -12.030 -0.171  -0.610  1.00 31.14 ? 324 HOH A O   1 
HETATM 1039 O  O   . HOH D 4 .   ? 8.579   -0.086  1.833   1.00 27.46 ? 325 HOH A O   1 
HETATM 1040 O  O   . HOH D 4 .   ? 6.902   -6.605  5.255   1.00 32.18 ? 326 HOH A O   1 
HETATM 1041 O  O   . HOH D 4 .   ? -12.503 -6.702  -12.412 1.00 33.23 ? 327 HOH A O   1 
HETATM 1042 O  O   . HOH D 4 .   ? -10.065 -10.516 7.384   1.00 33.25 ? 328 HOH A O   1 
HETATM 1043 O  O   . HOH D 4 .   ? -5.291  0.683   -9.975  1.00 33.06 ? 329 HOH A O   1 
HETATM 1044 O  O   . HOH D 4 .   ? 1.020   18.619  0.955   1.00 30.96 ? 330 HOH A O   1 
HETATM 1045 O  O   . HOH D 4 .   ? -0.128  -19.768 0.589   1.00 35.44 ? 331 HOH A O   1 
HETATM 1046 O  O   . HOH D 4 .   ? 13.858  20.008  -4.422  1.00 32.36 ? 332 HOH A O   1 
HETATM 1047 O  O   . HOH D 4 .   ? -10.243 16.785  4.055   1.00 37.56 ? 333 HOH A O   1 
HETATM 1048 O  O   . HOH D 4 .   ? -18.405 -5.858  -6.824  1.00 32.25 ? 334 HOH A O   1 
HETATM 1049 O  O   . HOH D 4 .   ? -2.063  -11.642 9.267   1.00 37.63 ? 335 HOH A O   1 
HETATM 1050 O  O   . HOH D 4 .   ? -11.331 0.391   10.553  1.00 35.30 ? 336 HOH A O   1 
HETATM 1051 O  O   . HOH D 4 .   ? 5.963   -5.064  7.372   1.00 30.73 ? 337 HOH A O   1 
HETATM 1052 O  O   . HOH D 4 .   ? -13.689 -10.301 -4.483  1.00 30.35 ? 338 HOH A O   1 
HETATM 1053 O  O   . HOH D 4 .   ? -16.070 -4.733  2.298   1.00 38.22 ? 339 HOH A O   1 
HETATM 1054 O  O   . HOH D 4 .   ? -15.002 -2.506  5.643   1.00 36.50 ? 340 HOH A O   1 
HETATM 1055 O  O   . HOH D 4 .   ? -6.657  -4.140  7.065   1.00 31.20 ? 341 HOH A O   1 
HETATM 1056 O  O   . HOH D 4 .   ? -6.940  1.870   -5.615  1.00 30.78 ? 342 HOH A O   1 
HETATM 1057 O  O   . HOH D 4 .   ? 7.357   5.969   11.356  1.00 32.48 ? 343 HOH A O   1 
HETATM 1058 O  O   . HOH D 4 .   ? 1.505   11.663  -11.863 1.00 38.17 ? 344 HOH A O   1 
HETATM 1059 O  O   . HOH D 4 .   ? 11.209  6.345   9.139   1.00 41.59 ? 345 HOH A O   1 
HETATM 1060 O  O   . HOH D 4 .   ? -14.151 3.315   3.376   1.00 34.61 ? 346 HOH A O   1 
HETATM 1061 O  O   . HOH D 4 .   ? 10.907  -0.691  9.634   1.00 38.27 ? 347 HOH A O   1 
HETATM 1062 O  O   . HOH D 4 .   ? 2.865   13.888  9.849   1.00 40.04 ? 348 HOH A O   1 
HETATM 1063 O  O   . HOH D 4 .   ? 3.675   -6.049  8.074   1.00 34.05 ? 349 HOH A O   1 
HETATM 1064 O  O   . HOH D 4 .   ? 2.703   15.112  7.524   1.00 34.81 ? 350 HOH A O   1 
HETATM 1065 O  O   . HOH D 4 .   ? 6.723   -3.734  -10.103 1.00 32.49 ? 351 HOH A O   1 
HETATM 1066 O  O   . HOH D 4 .   ? -10.820 -0.196  -5.634  1.00 36.29 ? 352 HOH A O   1 
HETATM 1067 O  O   . HOH D 4 .   ? -13.502 4.060   9.930   1.00 44.00 ? 353 HOH A O   1 
HETATM 1068 O  O   . HOH D 4 .   ? -12.331 -0.749  -3.518  1.00 32.01 ? 354 HOH A O   1 
HETATM 1069 O  O   . HOH D 4 .   ? -11.210 -11.687 -4.574  1.00 36.74 ? 355 HOH A O   1 
HETATM 1070 O  O   . HOH D 4 .   ? 1.782   -12.107 -4.411  1.00 33.38 ? 356 HOH A O   1 
HETATM 1071 O  O   . HOH D 4 .   ? 3.011   -11.242 -0.353  1.00 39.01 ? 357 HOH A O   1 
HETATM 1072 O  O   . HOH D 4 .   ? 13.572  3.795   -12.792 1.00 47.03 ? 358 HOH A O   1 
HETATM 1073 O  O   . HOH D 4 .   ? 5.500   -2.673  -13.873 1.00 38.04 ? 359 HOH A O   1 
HETATM 1074 O  O   . HOH D 4 .   ? 11.784  0.516   -9.623  1.00 35.56 ? 360 HOH A O   1 
HETATM 1075 O  O   . HOH D 4 .   ? -14.435 -2.716  3.003   1.00 35.04 ? 361 HOH A O   1 
HETATM 1076 O  O   . HOH D 4 .   ? 10.122  9.916   -12.719 1.00 35.28 ? 362 HOH A O   1 
HETATM 1077 O  O   . HOH D 4 .   ? 8.997   -3.812  -17.568 1.00 47.36 ? 363 HOH A O   1 
HETATM 1078 O  O   . HOH D 4 .   ? -15.170 -0.770  -3.123  1.00 42.37 ? 364 HOH A O   1 
HETATM 1079 O  O   . HOH D 4 .   ? 3.007   -4.052  -12.666 1.00 39.07 ? 365 HOH A O   1 
HETATM 1080 O  O   . HOH D 4 .   ? 0.560   -13.047 -7.440  1.00 37.06 ? 366 HOH A O   1 
HETATM 1081 O  O   . HOH D 4 .   ? -11.429 2.879   11.682  1.00 43.87 ? 367 HOH A O   1 
HETATM 1082 O  O   . HOH D 4 .   ? 11.917  -2.032  2.841   1.00 40.84 ? 368 HOH A O   1 
HETATM 1083 O  O   . HOH D 4 .   ? 1.705   20.953  1.653   1.00 36.88 ? 369 HOH A O   1 
HETATM 1084 O  O   . HOH D 4 .   ? 12.068  -7.356  -11.676 1.00 39.34 ? 370 HOH A O   1 
HETATM 1085 O  O   . HOH D 4 .   ? 7.709   9.715   -14.691 1.00 48.09 ? 371 HOH A O   1 
HETATM 1086 O  O   . HOH D 4 .   ? 14.825  -3.724  -12.503 1.00 47.11 ? 372 HOH A O   1 
HETATM 1087 O  O   . HOH D 4 .   ? 0.385   17.446  5.125   1.00 34.91 ? 373 HOH A O   1 
HETATM 1088 O  O   . HOH D 4 .   ? -10.599 19.207  3.564   1.00 40.00 ? 374 HOH A O   1 
HETATM 1089 O  O   . HOH D 4 .   ? -1.924  16.541  4.320   1.00 34.50 ? 375 HOH A O   1 
HETATM 1090 O  O   . HOH D 4 .   ? 3.194   -15.200 -2.066  1.00 40.73 ? 376 HOH A O   1 
HETATM 1091 O  O   . HOH D 4 .   ? -0.165  -19.147 -2.250  1.00 37.18 ? 377 HOH A O   1 
HETATM 1092 O  O   . HOH D 4 .   ? -14.417 6.232   0.605   1.00 42.13 ? 378 HOH A O   1 
HETATM 1093 O  O   . HOH D 4 .   ? 0.235   -15.409 -8.336  1.00 36.37 ? 379 HOH A O   1 
HETATM 1094 O  O   . HOH D 4 .   ? -5.665  5.049   14.098  1.00 44.45 ? 380 HOH A O   1 
HETATM 1095 O  O   . HOH D 4 .   ? 8.130   -5.796  9.163   1.00 44.72 ? 381 HOH A O   1 
HETATM 1096 O  O   . HOH D 4 .   ? -1.469  18.130  2.346   1.00 37.98 ? 382 HOH A O   1 
HETATM 1097 O  O   . HOH D 4 .   ? -10.763 -10.143 -2.305  1.00 39.19 ? 383 HOH A O   1 
HETATM 1098 O  O   . HOH D 4 .   ? -2.765  12.087  -7.677  1.00 38.68 ? 384 HOH A O   1 
HETATM 1099 O  O   . HOH D 4 .   ? 12.427  1.057   -0.050  1.00 45.88 ? 385 HOH A O   1 
HETATM 1100 O  O   . HOH D 4 .   ? 12.437  2.889   2.157   1.00 36.59 ? 386 HOH A O   1 
HETATM 1101 O  O   . HOH D 4 .   ? 13.062  9.884   6.189   1.00 42.88 ? 387 HOH A O   1 
HETATM 1102 O  O   . HOH D 4 .   ? 2.710   -18.184 -2.838  1.00 38.47 ? 388 HOH A O   1 
HETATM 1103 O  O   . HOH D 4 .   ? -5.031  12.031  -8.157  1.00 43.22 ? 389 HOH A O   1 
HETATM 1104 O  O   . HOH D 4 .   ? -13.524 12.260  9.065   1.00 29.92 ? 390 HOH A O   1 
HETATM 1105 O  O   . HOH D 4 .   ? -5.884  15.227  -1.584  1.00 31.77 ? 391 HOH A O   1 
HETATM 1106 O  O   . HOH D 4 .   ? -6.177  17.270  0.522   1.00 40.97 ? 392 HOH A O   1 
HETATM 1107 O  O   . HOH D 4 .   ? -5.900  -7.455  -12.229 1.00 43.57 ? 393 HOH A O   1 
HETATM 1108 O  O   . HOH D 4 .   ? -10.106 -2.615  4.853   1.00 27.58 ? 394 HOH A O   1 
HETATM 1109 O  O   . HOH D 4 .   ? -13.453 0.324   8.110   1.00 36.57 ? 395 HOH A O   1 
HETATM 1110 O  O   . HOH D 4 .   ? -0.360  13.557  -8.429  1.00 29.53 ? 396 HOH A O   1 
HETATM 1111 O  O   . HOH D 4 .   ? 8.585   -5.299  -9.624  1.00 33.91 ? 397 HOH A O   1 
HETATM 1112 O  O   . HOH D 4 .   ? 13.164  14.743  -9.922  1.00 34.50 ? 398 HOH A O   1 
HETATM 1113 O  O   . HOH D 4 .   ? 11.179  12.629  -11.921 1.00 43.19 ? 399 HOH A O   1 
HETATM 1114 O  O   . HOH D 4 .   ? 1.566   6.770   -12.264 1.00 48.80 ? 400 HOH A O   1 
HETATM 1115 O  O   . HOH D 4 .   ? -17.043 5.666   1.367   1.00 47.42 ? 401 HOH A O   1 
HETATM 1116 O  O   . HOH D 4 .   ? 1.445   -11.115 -9.115  1.00 46.46 ? 402 HOH A O   1 
HETATM 1117 O  O   . HOH D 4 .   ? 13.406  21.576  -12.225 1.00 49.13 ? 403 HOH A O   1 
HETATM 1118 O  O   . HOH D 4 .   ? -11.313 -13.539 -2.547  1.00 41.35 ? 404 HOH A O   1 
HETATM 1119 O  O   . HOH D 4 .   ? 14.243  14.254  1.593   1.00 44.64 ? 405 HOH A O   1 
HETATM 1120 O  O   . HOH D 4 .   ? -11.071 -12.249 -0.431  1.00 49.08 ? 406 HOH A O   1 
HETATM 1121 O  O   . HOH D 4 .   ? -14.881 10.225  7.742   1.00 39.42 ? 407 HOH A O   1 
HETATM 1122 O  O   . HOH D 4 .   ? -14.726 5.999   -2.172  1.00 43.32 ? 408 HOH A O   1 
HETATM 1123 O  O   . HOH D 4 .   ? 8.704   -12.233 1.420   1.00 41.36 ? 409 HOH A O   1 
HETATM 1124 O  O   . HOH D 4 .   ? -8.497  13.990  -2.286  1.00 40.53 ? 410 HOH A O   1 
HETATM 1125 O  O   . HOH D 4 .   ? 4.111   -14.902 -5.194  1.00 43.94 ? 411 HOH A O   1 
HETATM 1126 O  O   . HOH D 4 .   ? 5.514   -13.945 -3.031  1.00 41.95 ? 412 HOH A O   1 
HETATM 1127 O  O   . HOH D 4 .   ? -13.598 8.282   8.642   1.00 46.73 ? 413 HOH A O   1 
HETATM 1128 O  O   . HOH D 4 .   ? 13.010  10.554  -5.225  1.00 36.79 ? 414 HOH A O   1 
HETATM 1129 O  O   . HOH D 4 .   ? -4.988  -4.775  9.003   1.00 38.70 ? 415 HOH A O   1 
HETATM 1130 O  O   . HOH D 4 .   ? 0.884   -6.875  -6.654  1.00 39.95 ? 416 HOH A O   1 
HETATM 1131 O  O   . HOH D 4 .   ? 1.485   11.166  12.415  1.00 48.70 ? 417 HOH A O   1 
HETATM 1132 O  O   . HOH D 4 .   ? -0.621  -5.767  -8.027  1.00 40.99 ? 418 HOH A O   1 
HETATM 1133 O  O   . HOH D 4 .   ? -2.317  11.351  11.605  1.00 48.61 ? 419 HOH A O   1 
HETATM 1134 O  O   . HOH D 4 .   ? 15.382  -5.335  -9.767  1.00 47.57 ? 420 HOH A O   1 
HETATM 1135 O  O   . HOH D 4 .   ? 3.579   20.507  4.056   1.00 30.08 ? 421 HOH A O   1 
HETATM 1136 O  O   . HOH D 4 .   ? -1.033  6.505   9.415   1.00 30.12 ? 422 HOH A O   1 
HETATM 1137 O  O   . HOH D 4 .   ? -4.088  8.854   11.499  1.00 35.37 ? 423 HOH A O   1 
HETATM 1138 O  O   . HOH D 4 .   ? -5.570  2.728   -7.705  1.00 37.59 ? 424 HOH A O   1 
HETATM 1139 O  O   . HOH D 4 .   ? 3.386   2.403   -14.112 1.00 41.67 ? 425 HOH A O   1 
HETATM 1140 O  O   . HOH D 4 .   ? -10.523 -20.582 -1.167  1.00 47.55 ? 426 HOH A O   1 
HETATM 1141 O  O   . HOH D 4 .   ? 3.001   -18.132 -5.772  1.00 42.98 ? 427 HOH A O   1 
HETATM 1142 O  O   . HOH D 4 .   ? 12.520  4.898   -4.090  1.00 39.56 ? 428 HOH A O   1 
HETATM 1143 O  O   . HOH D 4 .   ? -10.671 7.158   9.451   1.00 46.87 ? 429 HOH A O   1 
HETATM 1144 O  O   . HOH D 4 .   ? -3.786  3.287   -10.330 1.00 44.22 ? 430 HOH A O   1 
# 
loop_
_pdbx_poly_seq_scheme.asym_id 
_pdbx_poly_seq_scheme.entity_id 
_pdbx_poly_seq_scheme.seq_id 
_pdbx_poly_seq_scheme.mon_id 
_pdbx_poly_seq_scheme.ndb_seq_num 
_pdbx_poly_seq_scheme.pdb_seq_num 
_pdbx_poly_seq_scheme.auth_seq_num 
_pdbx_poly_seq_scheme.pdb_mon_id 
_pdbx_poly_seq_scheme.auth_mon_id 
_pdbx_poly_seq_scheme.pdb_strand_id 
_pdbx_poly_seq_scheme.pdb_ins_code 
_pdbx_poly_seq_scheme.hetero 
A 1 1   GLY 1   -5  ?   ?   ?   A . n 
A 1 2   SER 2   -4  ?   ?   ?   A . n 
A 1 3   HIS 3   -3  ?   ?   ?   A . n 
A 1 4   MET 4   -2  ?   ?   ?   A . n 
A 1 5   ALA 5   -1  ?   ?   ?   A . n 
A 1 6   SER 6   0   ?   ?   ?   A . n 
A 1 7   ASP 7   1   ?   ?   ?   A . n 
A 1 8   PRO 8   2   ?   ?   ?   A . n 
A 1 9   LYS 9   3   ?   ?   ?   A . n 
A 1 10  ASN 10  4   ?   ?   ?   A . n 
A 1 11  LEU 11  5   5   LEU ALA A . n 
A 1 12  LYS 12  6   6   LYS LYS A . n 
A 1 13  ASP 13  7   7   ASP ASP A . n 
A 1 14  GLY 14  8   8   GLY GLY A . n 
A 1 15  GLN 15  9   9   GLN GLN A . n 
A 1 16  TYR 16  10  10  TYR TYR A . n 
A 1 17  ASP 17  11  11  ASP ASP A . n 
A 1 18  ILE 18  12  12  ILE ILE A . n 
A 1 19  ALA 19  13  13  ALA ALA A . n 
A 1 20  PHE 20  14  14  PHE PHE A . n 
A 1 21  LYS 21  15  15  LYS LYS A . n 
A 1 22  VAL 22  16  16  VAL VAL A . n 
A 1 23  LEU 23  17  17  LEU LEU A . n 
A 1 24  LYS 24  18  18  LYS LYS A . n 
A 1 25  ASP 25  19  19  ASP ASP A . n 
A 1 26  LYS 26  20  20  LYS LYS A . n 
A 1 27  THR 27  21  21  THR THR A . n 
A 1 28  GLU 28  22  22  GLU GLU A . n 
A 1 29  GLU 29  23  23  GLU GLU A . n 
A 1 30  ILE 30  24  24  ILE ILE A . n 
A 1 31  SER 31  25  25  SER SER A . n 
A 1 32  MET 32  26  26  MET MET A . n 
A 1 33  MET 33  27  27  MET MET A . n 
A 1 34  ASN 34  28  28  ASN ASN A . n 
A 1 35  THR 35  29  29  THR THR A . n 
A 1 36  TYR 36  30  30  TYR TYR A . n 
A 1 37  VAL 37  31  31  VAL VAL A . n 
A 1 38  VAL 38  32  32  VAL VAL A . n 
A 1 39  SER 39  33  33  SER SER A . n 
A 1 40  PRO 40  34  34  PRO PRO A . n 
A 1 41  ALA 41  35  35  ALA ALA A . n 
A 1 42  ARG 42  36  36  ARG ARG A . n 
A 1 43  LEU 43  37  37  LEU LEU A . n 
A 1 44  THR 44  38  38  THR THR A . n 
A 1 45  VAL 45  39  39  VAL VAL A . n 
A 1 46  LYS 46  40  40  LYS LYS A . n 
A 1 47  ASP 47  41  41  ASP ASP A . n 
A 1 48  GLY 48  42  42  GLY GLY A . n 
A 1 49  LYS 49  43  43  LYS LYS A . n 
A 1 50  LYS 50  44  44  LYS LYS A . n 
A 1 51  TYR 51  45  45  TYR TYR A . n 
A 1 52  ILE 52  46  46  ILE ILE A . n 
A 1 53  ALA 53  47  47  ALA ALA A . n 
A 1 54  MET 54  48  48  MET MET A . n 
A 1 55  THR 55  49  49  THR THR A . n 
A 1 56  LEU 56  50  50  LEU LEU A . n 
A 1 57  LYS 57  51  51  LYS LYS A . n 
A 1 58  ASN 58  52  52  ASN ASN A . n 
A 1 59  SER 59  53  53  SER SER A . n 
A 1 60  GLU 60  54  54  GLU GLU A . n 
A 1 61  TRP 61  55  55  TRP TRP A . n 
A 1 62  ILE 62  56  56  ILE ILE A . n 
A 1 63  THR 63  57  57  THR THR A . n 
A 1 64  LYS 64  58  58  LYS LYS A . n 
A 1 65  PHE 65  59  59  PHE PHE A . n 
A 1 66  GLN 66  60  60  GLN GLN A . n 
A 1 67  THR 67  61  61  THR THR A . n 
A 1 68  GLU 68  62  62  GLU GLU A . n 
A 1 69  LYS 69  63  63  LYS LYS A . n 
A 1 70  ASN 70  64  64  ASN ASN A . n 
A 1 71  GLY 71  65  65  GLY GLY A . n 
A 1 72  GLY 72  66  66  GLY GLY A . n 
A 1 73  PHE 73  67  67  PHE PHE A . n 
A 1 74  ALA 74  68  68  ALA ALA A . n 
A 1 75  ASP 75  69  69  ASP ASP A . n 
A 1 76  ALA 76  70  70  ALA ALA A . n 
A 1 77  LYS 77  71  71  LYS LYS A . n 
A 1 78  VAL 78  72  72  VAL VAL A . n 
A 1 79  VAL 79  73  73  VAL VAL A . n 
A 1 80  SER 80  74  74  SER SER A . n 
A 1 81  GLU 81  75  75  GLU GLU A . n 
A 1 82  ASP 82  76  76  ASP ASP A . n 
A 1 83  LYS 83  77  77  LYS LYS A . n 
A 1 84  ALA 84  78  78  ALA ALA A . n 
A 1 85  ALA 85  79  79  ALA ALA A . n 
A 1 86  ASN 86  80  80  ASN ASN A . n 
A 1 87  THR 87  81  81  THR THR A . n 
A 1 88  ARG 88  82  82  ARG ARG A . n 
A 1 89  VAL 89  83  83  VAL VAL A . n 
A 1 90  VAL 90  84  84  VAL VAL A . n 
A 1 91  GLU 91  85  85  GLU GLU A . n 
A 1 92  PHE 92  86  86  PHE PHE A . n 
A 1 93  GLU 93  87  87  GLU GLU A . n 
A 1 94  ALA 94  88  88  ALA ALA A . n 
A 1 95  ASN 95  89  89  ASN ASN A . n 
A 1 96  ASP 96  90  90  ASP ASP A . n 
A 1 97  LEU 97  91  91  LEU LEU A . n 
A 1 98  PHE 98  92  92  PHE PHE A . n 
A 1 99  ALA 99  93  93  ALA ALA A . n 
A 1 100 LYS 100 94  94  LYS LYS A . n 
A 1 101 LEU 101 95  95  LEU LEU A . n 
A 1 102 ASN 102 96  96  ASN ASN A . n 
A 1 103 ALA 103 97  97  ALA ALA A . n 
A 1 104 LYS 104 98  98  LYS LYS A . n 
A 1 105 VAL 105 99  99  VAL VAL A . n 
A 1 106 LYS 106 100 100 LYS LYS A . n 
A 1 107 VAL 107 101 101 VAL VAL A . n 
A 1 108 ASP 108 102 102 ASP ASP A . n 
A 1 109 ILE 109 103 103 ILE ILE A . n 
A 1 110 ASP 110 104 104 ASP ASP A . n 
A 1 111 SER 111 105 105 SER SER A . n 
A 1 112 MET 112 106 106 MET MET A . n 
A 1 113 ASN 113 107 107 ASN ASN A . n 
A 1 114 TYR 114 108 108 TYR TYR A . n 
A 1 115 HIS 115 109 109 HIS HIS A . n 
A 1 116 HIS 116 110 110 HIS HIS A . n 
A 1 117 PHE 117 111 111 PHE PHE A . n 
A 1 118 TYR 118 112 112 TYR TYR A . n 
A 1 119 ASP 119 113 113 ASP ASP A . n 
A 1 120 VAL 120 114 114 VAL VAL A . n 
A 1 121 GLN 121 115 115 GLN GLN A . n 
A 1 122 ILE 122 116 116 ILE ILE A . n 
A 1 123 GLN 123 117 117 GLN GLN A . n 
A 1 124 PHE 124 118 118 PHE PHE A . n 
A 1 125 ASP 125 119 119 ASP ASP A . n 
A 1 126 PRO 126 120 120 PRO PRO A . n 
A 1 127 THR 127 121 121 THR THR A . n 
A 1 128 LYS 128 122 122 LYS LYS A . n 
A 1 129 ILE 129 123 123 ILE ILE A . n 
# 
loop_
_pdbx_nonpoly_scheme.asym_id 
_pdbx_nonpoly_scheme.entity_id 
_pdbx_nonpoly_scheme.mon_id 
_pdbx_nonpoly_scheme.ndb_seq_num 
_pdbx_nonpoly_scheme.pdb_seq_num 
_pdbx_nonpoly_scheme.auth_seq_num 
_pdbx_nonpoly_scheme.pdb_mon_id 
_pdbx_nonpoly_scheme.auth_mon_id 
_pdbx_nonpoly_scheme.pdb_strand_id 
_pdbx_nonpoly_scheme.pdb_ins_code 
B 2 HEM 1   201 154 HEM HEM A . 
C 3 ZN  1   202 1   ZN  ZN  A . 
D 4 HOH 1   301 1   HOH HOH A . 
D 4 HOH 2   302 2   HOH HOH A . 
D 4 HOH 3   303 3   HOH HOH A . 
D 4 HOH 4   304 4   HOH HOH A . 
D 4 HOH 5   305 5   HOH HOH A . 
D 4 HOH 6   306 6   HOH HOH A . 
D 4 HOH 7   307 7   HOH HOH A . 
D 4 HOH 8   308 8   HOH HOH A . 
D 4 HOH 9   309 9   HOH HOH A . 
D 4 HOH 10  310 10  HOH HOH A . 
D 4 HOH 11  311 11  HOH HOH A . 
D 4 HOH 12  312 12  HOH HOH A . 
D 4 HOH 13  313 13  HOH HOH A . 
D 4 HOH 14  314 14  HOH HOH A . 
D 4 HOH 15  315 15  HOH HOH A . 
D 4 HOH 16  316 16  HOH HOH A . 
D 4 HOH 17  317 17  HOH HOH A . 
D 4 HOH 18  318 18  HOH HOH A . 
D 4 HOH 19  319 19  HOH HOH A . 
D 4 HOH 20  320 20  HOH HOH A . 
D 4 HOH 21  321 21  HOH HOH A . 
D 4 HOH 22  322 22  HOH HOH A . 
D 4 HOH 23  323 23  HOH HOH A . 
D 4 HOH 24  324 24  HOH HOH A . 
D 4 HOH 25  325 25  HOH HOH A . 
D 4 HOH 26  326 26  HOH HOH A . 
D 4 HOH 27  327 27  HOH HOH A . 
D 4 HOH 28  328 28  HOH HOH A . 
D 4 HOH 29  329 29  HOH HOH A . 
D 4 HOH 30  330 30  HOH HOH A . 
D 4 HOH 31  331 31  HOH HOH A . 
D 4 HOH 32  332 32  HOH HOH A . 
D 4 HOH 33  333 33  HOH HOH A . 
D 4 HOH 34  334 34  HOH HOH A . 
D 4 HOH 35  335 35  HOH HOH A . 
D 4 HOH 36  336 36  HOH HOH A . 
D 4 HOH 37  337 37  HOH HOH A . 
D 4 HOH 38  338 38  HOH HOH A . 
D 4 HOH 39  339 39  HOH HOH A . 
D 4 HOH 40  340 40  HOH HOH A . 
D 4 HOH 41  341 41  HOH HOH A . 
D 4 HOH 42  342 42  HOH HOH A . 
D 4 HOH 43  343 43  HOH HOH A . 
D 4 HOH 44  344 44  HOH HOH A . 
D 4 HOH 45  345 45  HOH HOH A . 
D 4 HOH 46  346 46  HOH HOH A . 
D 4 HOH 47  347 47  HOH HOH A . 
D 4 HOH 48  348 48  HOH HOH A . 
D 4 HOH 49  349 49  HOH HOH A . 
D 4 HOH 50  350 50  HOH HOH A . 
D 4 HOH 51  351 51  HOH HOH A . 
D 4 HOH 52  352 52  HOH HOH A . 
D 4 HOH 53  353 53  HOH HOH A . 
D 4 HOH 54  354 54  HOH HOH A . 
D 4 HOH 55  355 55  HOH HOH A . 
D 4 HOH 56  356 56  HOH HOH A . 
D 4 HOH 57  357 57  HOH HOH A . 
D 4 HOH 58  358 58  HOH HOH A . 
D 4 HOH 59  359 59  HOH HOH A . 
D 4 HOH 60  360 60  HOH HOH A . 
D 4 HOH 61  361 61  HOH HOH A . 
D 4 HOH 62  362 62  HOH HOH A . 
D 4 HOH 63  363 63  HOH HOH A . 
D 4 HOH 64  364 64  HOH HOH A . 
D 4 HOH 65  365 65  HOH HOH A . 
D 4 HOH 66  366 66  HOH HOH A . 
D 4 HOH 67  367 67  HOH HOH A . 
D 4 HOH 68  368 68  HOH HOH A . 
D 4 HOH 69  369 69  HOH HOH A . 
D 4 HOH 70  370 70  HOH HOH A . 
D 4 HOH 71  371 71  HOH HOH A . 
D 4 HOH 72  372 72  HOH HOH A . 
D 4 HOH 73  373 73  HOH HOH A . 
D 4 HOH 74  374 74  HOH HOH A . 
D 4 HOH 75  375 75  HOH HOH A . 
D 4 HOH 76  376 76  HOH HOH A . 
D 4 HOH 77  377 77  HOH HOH A . 
D 4 HOH 78  378 78  HOH HOH A . 
D 4 HOH 79  379 79  HOH HOH A . 
D 4 HOH 80  380 80  HOH HOH A . 
D 4 HOH 81  381 81  HOH HOH A . 
D 4 HOH 82  382 82  HOH HOH A . 
D 4 HOH 83  383 83  HOH HOH A . 
D 4 HOH 84  384 84  HOH HOH A . 
D 4 HOH 85  385 85  HOH HOH A . 
D 4 HOH 86  386 86  HOH HOH A . 
D 4 HOH 87  387 87  HOH HOH A . 
D 4 HOH 88  388 88  HOH HOH A . 
D 4 HOH 89  389 89  HOH HOH A . 
D 4 HOH 90  390 90  HOH HOH A . 
D 4 HOH 91  391 91  HOH HOH A . 
D 4 HOH 92  392 92  HOH HOH A . 
D 4 HOH 93  393 93  HOH HOH A . 
D 4 HOH 94  394 94  HOH HOH A . 
D 4 HOH 95  395 95  HOH HOH A . 
D 4 HOH 96  396 96  HOH HOH A . 
D 4 HOH 97  397 97  HOH HOH A . 
D 4 HOH 98  398 98  HOH HOH A . 
D 4 HOH 99  399 99  HOH HOH A . 
D 4 HOH 100 400 100 HOH HOH A . 
D 4 HOH 101 401 101 HOH HOH A . 
D 4 HOH 102 402 102 HOH HOH A . 
D 4 HOH 103 403 103 HOH HOH A . 
D 4 HOH 104 404 104 HOH HOH A . 
D 4 HOH 105 405 105 HOH HOH A . 
D 4 HOH 106 406 106 HOH HOH A . 
D 4 HOH 107 407 107 HOH HOH A . 
D 4 HOH 108 408 108 HOH HOH A . 
D 4 HOH 109 409 109 HOH HOH A . 
D 4 HOH 110 410 110 HOH HOH A . 
D 4 HOH 111 411 111 HOH HOH A . 
D 4 HOH 112 412 112 HOH HOH A . 
D 4 HOH 113 413 113 HOH HOH A . 
D 4 HOH 114 414 114 HOH HOH A . 
D 4 HOH 115 415 115 HOH HOH A . 
D 4 HOH 116 416 116 HOH HOH A . 
D 4 HOH 117 417 117 HOH HOH A . 
D 4 HOH 118 418 118 HOH HOH A . 
D 4 HOH 119 419 119 HOH HOH A . 
D 4 HOH 120 420 120 HOH HOH A . 
D 4 HOH 121 421 121 HOH HOH A . 
D 4 HOH 122 422 122 HOH HOH A . 
D 4 HOH 123 423 123 HOH HOH A . 
D 4 HOH 124 424 124 HOH HOH A . 
D 4 HOH 125 425 125 HOH HOH A . 
D 4 HOH 126 426 126 HOH HOH A . 
D 4 HOH 127 427 127 HOH HOH A . 
D 4 HOH 128 428 128 HOH HOH A . 
D 4 HOH 129 429 129 HOH HOH A . 
D 4 HOH 130 430 130 HOH HOH A . 
# 
_pdbx_struct_assembly.id                   1 
_pdbx_struct_assembly.details              author_and_software_defined_assembly 
_pdbx_struct_assembly.method_details       PISA 
_pdbx_struct_assembly.oligomeric_details   monomeric 
_pdbx_struct_assembly.oligomeric_count     1 
# 
_pdbx_struct_assembly_gen.assembly_id       1 
_pdbx_struct_assembly_gen.oper_expression   1 
_pdbx_struct_assembly_gen.asym_id_list      A,B,C,D 
# 
_pdbx_struct_oper_list.id                   1 
_pdbx_struct_oper_list.type                 'identity operation' 
_pdbx_struct_oper_list.name                 1_555 
_pdbx_struct_oper_list.symmetry_operation   x,y,z 
_pdbx_struct_oper_list.matrix[1][1]         1.0000000000 
_pdbx_struct_oper_list.matrix[1][2]         0.0000000000 
_pdbx_struct_oper_list.matrix[1][3]         0.0000000000 
_pdbx_struct_oper_list.vector[1]            0.0000000000 
_pdbx_struct_oper_list.matrix[2][1]         0.0000000000 
_pdbx_struct_oper_list.matrix[2][2]         1.0000000000 
_pdbx_struct_oper_list.matrix[2][3]         0.0000000000 
_pdbx_struct_oper_list.vector[2]            0.0000000000 
_pdbx_struct_oper_list.matrix[3][1]         0.0000000000 
_pdbx_struct_oper_list.matrix[3][2]         0.0000000000 
_pdbx_struct_oper_list.matrix[3][3]         1.0000000000 
_pdbx_struct_oper_list.vector[3]            0.0000000000 
# 
loop_
_pdbx_struct_conn_angle.id 
_pdbx_struct_conn_angle.ptnr1_label_atom_id 
_pdbx_struct_conn_angle.ptnr1_label_alt_id 
_pdbx_struct_conn_angle.ptnr1_label_asym_id 
_pdbx_struct_conn_angle.ptnr1_label_comp_id 
_pdbx_struct_conn_angle.ptnr1_label_seq_id 
_pdbx_struct_conn_angle.ptnr1_auth_atom_id 
_pdbx_struct_conn_angle.ptnr1_auth_asym_id 
_pdbx_struct_conn_angle.ptnr1_auth_comp_id 
_pdbx_struct_conn_angle.ptnr1_auth_seq_id 
_pdbx_struct_conn_angle.ptnr1_PDB_ins_code 
_pdbx_struct_conn_angle.ptnr1_symmetry 
_pdbx_struct_conn_angle.ptnr2_label_atom_id 
_pdbx_struct_conn_angle.ptnr2_label_alt_id 
_pdbx_struct_conn_angle.ptnr2_label_asym_id 
_pdbx_struct_conn_angle.ptnr2_label_comp_id 
_pdbx_struct_conn_angle.ptnr2_label_seq_id 
_pdbx_struct_conn_angle.ptnr2_auth_atom_id 
_pdbx_struct_conn_angle.ptnr2_auth_asym_id 
_pdbx_struct_conn_angle.ptnr2_auth_comp_id 
_pdbx_struct_conn_angle.ptnr2_auth_seq_id 
_pdbx_struct_conn_angle.ptnr2_PDB_ins_code 
_pdbx_struct_conn_angle.ptnr2_symmetry 
_pdbx_struct_conn_angle.ptnr3_label_atom_id 
_pdbx_struct_conn_angle.ptnr3_label_alt_id 
_pdbx_struct_conn_angle.ptnr3_label_asym_id 
_pdbx_struct_conn_angle.ptnr3_label_comp_id 
_pdbx_struct_conn_angle.ptnr3_label_seq_id 
_pdbx_struct_conn_angle.ptnr3_auth_atom_id 
_pdbx_struct_conn_angle.ptnr3_auth_asym_id 
_pdbx_struct_conn_angle.ptnr3_auth_comp_id 
_pdbx_struct_conn_angle.ptnr3_auth_seq_id 
_pdbx_struct_conn_angle.ptnr3_PDB_ins_code 
_pdbx_struct_conn_angle.ptnr3_symmetry 
_pdbx_struct_conn_angle.value 
_pdbx_struct_conn_angle.value_esd 
1  OH  ? A TYR 114 ? A TYR 108 ? 1_555 FE ? B HEM . ? A HEM 201 ? 1_555 NA ? B HEM . ? A HEM 201 ? 1_555 94.2  ? 
2  OH  ? A TYR 114 ? A TYR 108 ? 1_555 FE ? B HEM . ? A HEM 201 ? 1_555 NB ? B HEM . ? A HEM 201 ? 1_555 98.0  ? 
3  NA  ? B HEM .   ? A HEM 201 ? 1_555 FE ? B HEM . ? A HEM 201 ? 1_555 NB ? B HEM . ? A HEM 201 ? 1_555 90.2  ? 
4  OH  ? A TYR 114 ? A TYR 108 ? 1_555 FE ? B HEM . ? A HEM 201 ? 1_555 NC ? B HEM . ? A HEM 201 ? 1_555 99.3  ? 
5  NA  ? B HEM .   ? A HEM 201 ? 1_555 FE ? B HEM . ? A HEM 201 ? 1_555 NC ? B HEM . ? A HEM 201 ? 1_555 166.5 ? 
6  NB  ? B HEM .   ? A HEM 201 ? 1_555 FE ? B HEM . ? A HEM 201 ? 1_555 NC ? B HEM . ? A HEM 201 ? 1_555 88.4  ? 
7  OH  ? A TYR 114 ? A TYR 108 ? 1_555 FE ? B HEM . ? A HEM 201 ? 1_555 ND ? B HEM . ? A HEM 201 ? 1_555 94.4  ? 
8  NA  ? B HEM .   ? A HEM 201 ? 1_555 FE ? B HEM . ? A HEM 201 ? 1_555 ND ? B HEM . ? A HEM 201 ? 1_555 88.4  ? 
9  NB  ? B HEM .   ? A HEM 201 ? 1_555 FE ? B HEM . ? A HEM 201 ? 1_555 ND ? B HEM . ? A HEM 201 ? 1_555 167.6 ? 
10 NC  ? B HEM .   ? A HEM 201 ? 1_555 FE ? B HEM . ? A HEM 201 ? 1_555 ND ? B HEM . ? A HEM 201 ? 1_555 90.1  ? 
11 ND1 ? A HIS 116 ? A HIS 110 ? 1_555 ZN ? C ZN  . ? A ZN  202 ? 1_555 O  ? D HOH . ? A HOH 421 ? 1_555 92.2  ? 
# 
loop_
_pdbx_audit_revision_history.ordinal 
_pdbx_audit_revision_history.data_content_type 
_pdbx_audit_revision_history.major_revision 
_pdbx_audit_revision_history.minor_revision 
_pdbx_audit_revision_history.revision_date 
1 'Structure model' 1 0 2013-02-06 
2 'Structure model' 1 1 2013-05-01 
3 'Structure model' 1 2 2023-09-20 
# 
_pdbx_audit_revision_details.ordinal             1 
_pdbx_audit_revision_details.revision_ordinal    1 
_pdbx_audit_revision_details.data_content_type   'Structure model' 
_pdbx_audit_revision_details.provider            repository 
_pdbx_audit_revision_details.type                'Initial release' 
_pdbx_audit_revision_details.description         ? 
_pdbx_audit_revision_details.details             ? 
# 
loop_
_pdbx_audit_revision_group.ordinal 
_pdbx_audit_revision_group.revision_ordinal 
_pdbx_audit_revision_group.data_content_type 
_pdbx_audit_revision_group.group 
1 2 'Structure model' 'Database references'    
2 3 'Structure model' 'Data collection'        
3 3 'Structure model' 'Database references'    
4 3 'Structure model' 'Derived calculations'   
5 3 'Structure model' 'Refinement description' 
# 
loop_
_pdbx_audit_revision_category.ordinal 
_pdbx_audit_revision_category.revision_ordinal 
_pdbx_audit_revision_category.data_content_type 
_pdbx_audit_revision_category.category 
1 3 'Structure model' chem_comp_atom                
2 3 'Structure model' chem_comp_bond                
3 3 'Structure model' database_2                    
4 3 'Structure model' pdbx_initial_refinement_model 
5 3 'Structure model' software                      
6 3 'Structure model' struct_ref_seq_dif            
7 3 'Structure model' struct_site                   
# 
loop_
_pdbx_audit_revision_item.ordinal 
_pdbx_audit_revision_item.revision_ordinal 
_pdbx_audit_revision_item.data_content_type 
_pdbx_audit_revision_item.item 
1 3 'Structure model' '_database_2.pdbx_DOI'                
2 3 'Structure model' '_database_2.pdbx_database_accession' 
3 3 'Structure model' '_software.name'                      
4 3 'Structure model' '_struct_ref_seq_dif.details'         
5 3 'Structure model' '_struct_site.pdbx_auth_asym_id'      
6 3 'Structure model' '_struct_site.pdbx_auth_comp_id'      
7 3 'Structure model' '_struct_site.pdbx_auth_seq_id'       
# 
loop_
_software.name 
_software.classification 
_software.version 
_software.citation_id 
_software.pdbx_ordinal 
Web-Ice 'data collection' .                            ? 1 
PHENIX  refinement        '(phenix.refine: 1.7.1_743)' ? 2 
MOSFLM  'data reduction'  .                            ? 3 
SCALA   'data scaling'    .                            ? 4 
# 
_pdbx_validate_symm_contact.id                1 
_pdbx_validate_symm_contact.PDB_model_num     1 
_pdbx_validate_symm_contact.auth_atom_id_1    O 
_pdbx_validate_symm_contact.auth_asym_id_1    A 
_pdbx_validate_symm_contact.auth_comp_id_1    HOH 
_pdbx_validate_symm_contact.auth_seq_id_1     410 
_pdbx_validate_symm_contact.PDB_ins_code_1    ? 
_pdbx_validate_symm_contact.label_alt_id_1    ? 
_pdbx_validate_symm_contact.site_symmetry_1   1_555 
_pdbx_validate_symm_contact.auth_atom_id_2    O 
_pdbx_validate_symm_contact.auth_asym_id_2    A 
_pdbx_validate_symm_contact.auth_comp_id_2    HOH 
_pdbx_validate_symm_contact.auth_seq_id_2     411 
_pdbx_validate_symm_contact.PDB_ins_code_2    ? 
_pdbx_validate_symm_contact.label_alt_id_2    ? 
_pdbx_validate_symm_contact.site_symmetry_2   18_544 
_pdbx_validate_symm_contact.dist              2.07 
# 
_pdbx_validate_torsion.id              1 
_pdbx_validate_torsion.PDB_model_num   1 
_pdbx_validate_torsion.auth_comp_id    ASN 
_pdbx_validate_torsion.auth_asym_id    A 
_pdbx_validate_torsion.auth_seq_id     89 
_pdbx_validate_torsion.PDB_ins_code    ? 
_pdbx_validate_torsion.label_alt_id    ? 
_pdbx_validate_torsion.phi             -109.49 
_pdbx_validate_torsion.psi             -83.92 
# 
loop_
_pdbx_unobs_or_zero_occ_atoms.id 
_pdbx_unobs_or_zero_occ_atoms.PDB_model_num 
_pdbx_unobs_or_zero_occ_atoms.polymer_flag 
_pdbx_unobs_or_zero_occ_atoms.occupancy_flag 
_pdbx_unobs_or_zero_occ_atoms.auth_asym_id 
_pdbx_unobs_or_zero_occ_atoms.auth_comp_id 
_pdbx_unobs_or_zero_occ_atoms.auth_seq_id 
_pdbx_unobs_or_zero_occ_atoms.PDB_ins_code 
_pdbx_unobs_or_zero_occ_atoms.auth_atom_id 
_pdbx_unobs_or_zero_occ_atoms.label_alt_id 
_pdbx_unobs_or_zero_occ_atoms.label_asym_id 
_pdbx_unobs_or_zero_occ_atoms.label_comp_id 
_pdbx_unobs_or_zero_occ_atoms.label_seq_id 
_pdbx_unobs_or_zero_occ_atoms.label_atom_id 
1 1 Y 1 A LEU 5  ? CG  ? A LEU 11 CG  
2 1 Y 1 A LEU 5  ? CD1 ? A LEU 11 CD1 
3 1 Y 1 A LEU 5  ? CD2 ? A LEU 11 CD2 
4 1 Y 0 A MET 26 ? CA  B A MET 32 CA  
5 1 Y 0 A MET 26 ? CB  B A MET 32 CB  
6 1 Y 0 A MET 26 ? CG  B A MET 32 CG  
7 1 Y 0 A MET 26 ? SD  B A MET 32 SD  
8 1 Y 0 A MET 26 ? CE  B A MET 32 CE  
# 
loop_
_pdbx_unobs_or_zero_occ_residues.id 
_pdbx_unobs_or_zero_occ_residues.PDB_model_num 
_pdbx_unobs_or_zero_occ_residues.polymer_flag 
_pdbx_unobs_or_zero_occ_residues.occupancy_flag 
_pdbx_unobs_or_zero_occ_residues.auth_asym_id 
_pdbx_unobs_or_zero_occ_residues.auth_comp_id 
_pdbx_unobs_or_zero_occ_residues.auth_seq_id 
_pdbx_unobs_or_zero_occ_residues.PDB_ins_code 
_pdbx_unobs_or_zero_occ_residues.label_asym_id 
_pdbx_unobs_or_zero_occ_residues.label_comp_id 
_pdbx_unobs_or_zero_occ_residues.label_seq_id 
1  1 Y 1 A GLY -5 ? A GLY 1  
2  1 Y 1 A SER -4 ? A SER 2  
3  1 Y 1 A HIS -3 ? A HIS 3  
4  1 Y 1 A MET -2 ? A MET 4  
5  1 Y 1 A ALA -1 ? A ALA 5  
6  1 Y 1 A SER 0  ? A SER 6  
7  1 Y 1 A ASP 1  ? A ASP 7  
8  1 Y 1 A PRO 2  ? A PRO 8  
9  1 Y 1 A LYS 3  ? A LYS 9  
10 1 Y 1 A ASN 4  ? A ASN 10 
# 
loop_
_chem_comp_atom.comp_id 
_chem_comp_atom.atom_id 
_chem_comp_atom.type_symbol 
_chem_comp_atom.pdbx_aromatic_flag 
_chem_comp_atom.pdbx_stereo_config 
_chem_comp_atom.pdbx_ordinal 
ALA N    N  N N 1   
ALA CA   C  N S 2   
ALA C    C  N N 3   
ALA O    O  N N 4   
ALA CB   C  N N 5   
ALA OXT  O  N N 6   
ALA H    H  N N 7   
ALA H2   H  N N 8   
ALA HA   H  N N 9   
ALA HB1  H  N N 10  
ALA HB2  H  N N 11  
ALA HB3  H  N N 12  
ALA HXT  H  N N 13  
ARG N    N  N N 14  
ARG CA   C  N S 15  
ARG C    C  N N 16  
ARG O    O  N N 17  
ARG CB   C  N N 18  
ARG CG   C  N N 19  
ARG CD   C  N N 20  
ARG NE   N  N N 21  
ARG CZ   C  N N 22  
ARG NH1  N  N N 23  
ARG NH2  N  N N 24  
ARG OXT  O  N N 25  
ARG H    H  N N 26  
ARG H2   H  N N 27  
ARG HA   H  N N 28  
ARG HB2  H  N N 29  
ARG HB3  H  N N 30  
ARG HG2  H  N N 31  
ARG HG3  H  N N 32  
ARG HD2  H  N N 33  
ARG HD3  H  N N 34  
ARG HE   H  N N 35  
ARG HH11 H  N N 36  
ARG HH12 H  N N 37  
ARG HH21 H  N N 38  
ARG HH22 H  N N 39  
ARG HXT  H  N N 40  
ASN N    N  N N 41  
ASN CA   C  N S 42  
ASN C    C  N N 43  
ASN O    O  N N 44  
ASN CB   C  N N 45  
ASN CG   C  N N 46  
ASN OD1  O  N N 47  
ASN ND2  N  N N 48  
ASN OXT  O  N N 49  
ASN H    H  N N 50  
ASN H2   H  N N 51  
ASN HA   H  N N 52  
ASN HB2  H  N N 53  
ASN HB3  H  N N 54  
ASN HD21 H  N N 55  
ASN HD22 H  N N 56  
ASN HXT  H  N N 57  
ASP N    N  N N 58  
ASP CA   C  N S 59  
ASP C    C  N N 60  
ASP O    O  N N 61  
ASP CB   C  N N 62  
ASP CG   C  N N 63  
ASP OD1  O  N N 64  
ASP OD2  O  N N 65  
ASP OXT  O  N N 66  
ASP H    H  N N 67  
ASP H2   H  N N 68  
ASP HA   H  N N 69  
ASP HB2  H  N N 70  
ASP HB3  H  N N 71  
ASP HD2  H  N N 72  
ASP HXT  H  N N 73  
GLN N    N  N N 74  
GLN CA   C  N S 75  
GLN C    C  N N 76  
GLN O    O  N N 77  
GLN CB   C  N N 78  
GLN CG   C  N N 79  
GLN CD   C  N N 80  
GLN OE1  O  N N 81  
GLN NE2  N  N N 82  
GLN OXT  O  N N 83  
GLN H    H  N N 84  
GLN H2   H  N N 85  
GLN HA   H  N N 86  
GLN HB2  H  N N 87  
GLN HB3  H  N N 88  
GLN HG2  H  N N 89  
GLN HG3  H  N N 90  
GLN HE21 H  N N 91  
GLN HE22 H  N N 92  
GLN HXT  H  N N 93  
GLU N    N  N N 94  
GLU CA   C  N S 95  
GLU C    C  N N 96  
GLU O    O  N N 97  
GLU CB   C  N N 98  
GLU CG   C  N N 99  
GLU CD   C  N N 100 
GLU OE1  O  N N 101 
GLU OE2  O  N N 102 
GLU OXT  O  N N 103 
GLU H    H  N N 104 
GLU H2   H  N N 105 
GLU HA   H  N N 106 
GLU HB2  H  N N 107 
GLU HB3  H  N N 108 
GLU HG2  H  N N 109 
GLU HG3  H  N N 110 
GLU HE2  H  N N 111 
GLU HXT  H  N N 112 
GLY N    N  N N 113 
GLY CA   C  N N 114 
GLY C    C  N N 115 
GLY O    O  N N 116 
GLY OXT  O  N N 117 
GLY H    H  N N 118 
GLY H2   H  N N 119 
GLY HA2  H  N N 120 
GLY HA3  H  N N 121 
GLY HXT  H  N N 122 
HEM CHA  C  N N 123 
HEM CHB  C  N N 124 
HEM CHC  C  N N 125 
HEM CHD  C  N N 126 
HEM C1A  C  Y N 127 
HEM C2A  C  Y N 128 
HEM C3A  C  Y N 129 
HEM C4A  C  Y N 130 
HEM CMA  C  N N 131 
HEM CAA  C  N N 132 
HEM CBA  C  N N 133 
HEM CGA  C  N N 134 
HEM O1A  O  N N 135 
HEM O2A  O  N N 136 
HEM C1B  C  N N 137 
HEM C2B  C  N N 138 
HEM C3B  C  N N 139 
HEM C4B  C  N N 140 
HEM CMB  C  N N 141 
HEM CAB  C  N N 142 
HEM CBB  C  N N 143 
HEM C1C  C  Y N 144 
HEM C2C  C  Y N 145 
HEM C3C  C  Y N 146 
HEM C4C  C  Y N 147 
HEM CMC  C  N N 148 
HEM CAC  C  N N 149 
HEM CBC  C  N N 150 
HEM C1D  C  N N 151 
HEM C2D  C  N N 152 
HEM C3D  C  N N 153 
HEM C4D  C  N N 154 
HEM CMD  C  N N 155 
HEM CAD  C  N N 156 
HEM CBD  C  N N 157 
HEM CGD  C  N N 158 
HEM O1D  O  N N 159 
HEM O2D  O  N N 160 
HEM NA   N  Y N 161 
HEM NB   N  N N 162 
HEM NC   N  Y N 163 
HEM ND   N  N N 164 
HEM FE   FE N N 165 
HEM HHB  H  N N 166 
HEM HHC  H  N N 167 
HEM HHD  H  N N 168 
HEM HMA  H  N N 169 
HEM HMAA H  N N 170 
HEM HMAB H  N N 171 
HEM HAA  H  N N 172 
HEM HAAA H  N N 173 
HEM HBA  H  N N 174 
HEM HBAA H  N N 175 
HEM HMB  H  N N 176 
HEM HMBA H  N N 177 
HEM HMBB H  N N 178 
HEM HAB  H  N N 179 
HEM HBB  H  N N 180 
HEM HBBA H  N N 181 
HEM HMC  H  N N 182 
HEM HMCA H  N N 183 
HEM HMCB H  N N 184 
HEM HAC  H  N N 185 
HEM HBC  H  N N 186 
HEM HBCA H  N N 187 
HEM HMD  H  N N 188 
HEM HMDA H  N N 189 
HEM HMDB H  N N 190 
HEM HAD  H  N N 191 
HEM HADA H  N N 192 
HEM HBD  H  N N 193 
HEM HBDA H  N N 194 
HEM H2A  H  N N 195 
HEM H2D  H  N N 196 
HEM HHA  H  N N 197 
HIS N    N  N N 198 
HIS CA   C  N S 199 
HIS C    C  N N 200 
HIS O    O  N N 201 
HIS CB   C  N N 202 
HIS CG   C  Y N 203 
HIS ND1  N  Y N 204 
HIS CD2  C  Y N 205 
HIS CE1  C  Y N 206 
HIS NE2  N  Y N 207 
HIS OXT  O  N N 208 
HIS H    H  N N 209 
HIS H2   H  N N 210 
HIS HA   H  N N 211 
HIS HB2  H  N N 212 
HIS HB3  H  N N 213 
HIS HD1  H  N N 214 
HIS HD2  H  N N 215 
HIS HE1  H  N N 216 
HIS HE2  H  N N 217 
HIS HXT  H  N N 218 
HOH O    O  N N 219 
HOH H1   H  N N 220 
HOH H2   H  N N 221 
ILE N    N  N N 222 
ILE CA   C  N S 223 
ILE C    C  N N 224 
ILE O    O  N N 225 
ILE CB   C  N S 226 
ILE CG1  C  N N 227 
ILE CG2  C  N N 228 
ILE CD1  C  N N 229 
ILE OXT  O  N N 230 
ILE H    H  N N 231 
ILE H2   H  N N 232 
ILE HA   H  N N 233 
ILE HB   H  N N 234 
ILE HG12 H  N N 235 
ILE HG13 H  N N 236 
ILE HG21 H  N N 237 
ILE HG22 H  N N 238 
ILE HG23 H  N N 239 
ILE HD11 H  N N 240 
ILE HD12 H  N N 241 
ILE HD13 H  N N 242 
ILE HXT  H  N N 243 
LEU N    N  N N 244 
LEU CA   C  N S 245 
LEU C    C  N N 246 
LEU O    O  N N 247 
LEU CB   C  N N 248 
LEU CG   C  N N 249 
LEU CD1  C  N N 250 
LEU CD2  C  N N 251 
LEU OXT  O  N N 252 
LEU H    H  N N 253 
LEU H2   H  N N 254 
LEU HA   H  N N 255 
LEU HB2  H  N N 256 
LEU HB3  H  N N 257 
LEU HG   H  N N 258 
LEU HD11 H  N N 259 
LEU HD12 H  N N 260 
LEU HD13 H  N N 261 
LEU HD21 H  N N 262 
LEU HD22 H  N N 263 
LEU HD23 H  N N 264 
LEU HXT  H  N N 265 
LYS N    N  N N 266 
LYS CA   C  N S 267 
LYS C    C  N N 268 
LYS O    O  N N 269 
LYS CB   C  N N 270 
LYS CG   C  N N 271 
LYS CD   C  N N 272 
LYS CE   C  N N 273 
LYS NZ   N  N N 274 
LYS OXT  O  N N 275 
LYS H    H  N N 276 
LYS H2   H  N N 277 
LYS HA   H  N N 278 
LYS HB2  H  N N 279 
LYS HB3  H  N N 280 
LYS HG2  H  N N 281 
LYS HG3  H  N N 282 
LYS HD2  H  N N 283 
LYS HD3  H  N N 284 
LYS HE2  H  N N 285 
LYS HE3  H  N N 286 
LYS HZ1  H  N N 287 
LYS HZ2  H  N N 288 
LYS HZ3  H  N N 289 
LYS HXT  H  N N 290 
MET N    N  N N 291 
MET CA   C  N S 292 
MET C    C  N N 293 
MET O    O  N N 294 
MET CB   C  N N 295 
MET CG   C  N N 296 
MET SD   S  N N 297 
MET CE   C  N N 298 
MET OXT  O  N N 299 
MET H    H  N N 300 
MET H2   H  N N 301 
MET HA   H  N N 302 
MET HB2  H  N N 303 
MET HB3  H  N N 304 
MET HG2  H  N N 305 
MET HG3  H  N N 306 
MET HE1  H  N N 307 
MET HE2  H  N N 308 
MET HE3  H  N N 309 
MET HXT  H  N N 310 
PHE N    N  N N 311 
PHE CA   C  N S 312 
PHE C    C  N N 313 
PHE O    O  N N 314 
PHE CB   C  N N 315 
PHE CG   C  Y N 316 
PHE CD1  C  Y N 317 
PHE CD2  C  Y N 318 
PHE CE1  C  Y N 319 
PHE CE2  C  Y N 320 
PHE CZ   C  Y N 321 
PHE OXT  O  N N 322 
PHE H    H  N N 323 
PHE H2   H  N N 324 
PHE HA   H  N N 325 
PHE HB2  H  N N 326 
PHE HB3  H  N N 327 
PHE HD1  H  N N 328 
PHE HD2  H  N N 329 
PHE HE1  H  N N 330 
PHE HE2  H  N N 331 
PHE HZ   H  N N 332 
PHE HXT  H  N N 333 
PRO N    N  N N 334 
PRO CA   C  N S 335 
PRO C    C  N N 336 
PRO O    O  N N 337 
PRO CB   C  N N 338 
PRO CG   C  N N 339 
PRO CD   C  N N 340 
PRO OXT  O  N N 341 
PRO H    H  N N 342 
PRO HA   H  N N 343 
PRO HB2  H  N N 344 
PRO HB3  H  N N 345 
PRO HG2  H  N N 346 
PRO HG3  H  N N 347 
PRO HD2  H  N N 348 
PRO HD3  H  N N 349 
PRO HXT  H  N N 350 
SER N    N  N N 351 
SER CA   C  N S 352 
SER C    C  N N 353 
SER O    O  N N 354 
SER CB   C  N N 355 
SER OG   O  N N 356 
SER OXT  O  N N 357 
SER H    H  N N 358 
SER H2   H  N N 359 
SER HA   H  N N 360 
SER HB2  H  N N 361 
SER HB3  H  N N 362 
SER HG   H  N N 363 
SER HXT  H  N N 364 
THR N    N  N N 365 
THR CA   C  N S 366 
THR C    C  N N 367 
THR O    O  N N 368 
THR CB   C  N R 369 
THR OG1  O  N N 370 
THR CG2  C  N N 371 
THR OXT  O  N N 372 
THR H    H  N N 373 
THR H2   H  N N 374 
THR HA   H  N N 375 
THR HB   H  N N 376 
THR HG1  H  N N 377 
THR HG21 H  N N 378 
THR HG22 H  N N 379 
THR HG23 H  N N 380 
THR HXT  H  N N 381 
TRP N    N  N N 382 
TRP CA   C  N S 383 
TRP C    C  N N 384 
TRP O    O  N N 385 
TRP CB   C  N N 386 
TRP CG   C  Y N 387 
TRP CD1  C  Y N 388 
TRP CD2  C  Y N 389 
TRP NE1  N  Y N 390 
TRP CE2  C  Y N 391 
TRP CE3  C  Y N 392 
TRP CZ2  C  Y N 393 
TRP CZ3  C  Y N 394 
TRP CH2  C  Y N 395 
TRP OXT  O  N N 396 
TRP H    H  N N 397 
TRP H2   H  N N 398 
TRP HA   H  N N 399 
TRP HB2  H  N N 400 
TRP HB3  H  N N 401 
TRP HD1  H  N N 402 
TRP HE1  H  N N 403 
TRP HE3  H  N N 404 
TRP HZ2  H  N N 405 
TRP HZ3  H  N N 406 
TRP HH2  H  N N 407 
TRP HXT  H  N N 408 
TYR N    N  N N 409 
TYR CA   C  N S 410 
TYR C    C  N N 411 
TYR O    O  N N 412 
TYR CB   C  N N 413 
TYR CG   C  Y N 414 
TYR CD1  C  Y N 415 
TYR CD2  C  Y N 416 
TYR CE1  C  Y N 417 
TYR CE2  C  Y N 418 
TYR CZ   C  Y N 419 
TYR OH   O  N N 420 
TYR OXT  O  N N 421 
TYR H    H  N N 422 
TYR H2   H  N N 423 
TYR HA   H  N N 424 
TYR HB2  H  N N 425 
TYR HB3  H  N N 426 
TYR HD1  H  N N 427 
TYR HD2  H  N N 428 
TYR HE1  H  N N 429 
TYR HE2  H  N N 430 
TYR HH   H  N N 431 
TYR HXT  H  N N 432 
VAL N    N  N N 433 
VAL CA   C  N S 434 
VAL C    C  N N 435 
VAL O    O  N N 436 
VAL CB   C  N N 437 
VAL CG1  C  N N 438 
VAL CG2  C  N N 439 
VAL OXT  O  N N 440 
VAL H    H  N N 441 
VAL H2   H  N N 442 
VAL HA   H  N N 443 
VAL HB   H  N N 444 
VAL HG11 H  N N 445 
VAL HG12 H  N N 446 
VAL HG13 H  N N 447 
VAL HG21 H  N N 448 
VAL HG22 H  N N 449 
VAL HG23 H  N N 450 
VAL HXT  H  N N 451 
ZN  ZN   ZN N N 452 
# 
loop_
_chem_comp_bond.comp_id 
_chem_comp_bond.atom_id_1 
_chem_comp_bond.atom_id_2 
_chem_comp_bond.value_order 
_chem_comp_bond.pdbx_aromatic_flag 
_chem_comp_bond.pdbx_stereo_config 
_chem_comp_bond.pdbx_ordinal 
ALA N   CA   sing N N 1   
ALA N   H    sing N N 2   
ALA N   H2   sing N N 3   
ALA CA  C    sing N N 4   
ALA CA  CB   sing N N 5   
ALA CA  HA   sing N N 6   
ALA C   O    doub N N 7   
ALA C   OXT  sing N N 8   
ALA CB  HB1  sing N N 9   
ALA CB  HB2  sing N N 10  
ALA CB  HB3  sing N N 11  
ALA OXT HXT  sing N N 12  
ARG N   CA   sing N N 13  
ARG N   H    sing N N 14  
ARG N   H2   sing N N 15  
ARG CA  C    sing N N 16  
ARG CA  CB   sing N N 17  
ARG CA  HA   sing N N 18  
ARG C   O    doub N N 19  
ARG C   OXT  sing N N 20  
ARG CB  CG   sing N N 21  
ARG CB  HB2  sing N N 22  
ARG CB  HB3  sing N N 23  
ARG CG  CD   sing N N 24  
ARG CG  HG2  sing N N 25  
ARG CG  HG3  sing N N 26  
ARG CD  NE   sing N N 27  
ARG CD  HD2  sing N N 28  
ARG CD  HD3  sing N N 29  
ARG NE  CZ   sing N N 30  
ARG NE  HE   sing N N 31  
ARG CZ  NH1  sing N N 32  
ARG CZ  NH2  doub N N 33  
ARG NH1 HH11 sing N N 34  
ARG NH1 HH12 sing N N 35  
ARG NH2 HH21 sing N N 36  
ARG NH2 HH22 sing N N 37  
ARG OXT HXT  sing N N 38  
ASN N   CA   sing N N 39  
ASN N   H    sing N N 40  
ASN N   H2   sing N N 41  
ASN CA  C    sing N N 42  
ASN CA  CB   sing N N 43  
ASN CA  HA   sing N N 44  
ASN C   O    doub N N 45  
ASN C   OXT  sing N N 46  
ASN CB  CG   sing N N 47  
ASN CB  HB2  sing N N 48  
ASN CB  HB3  sing N N 49  
ASN CG  OD1  doub N N 50  
ASN CG  ND2  sing N N 51  
ASN ND2 HD21 sing N N 52  
ASN ND2 HD22 sing N N 53  
ASN OXT HXT  sing N N 54  
ASP N   CA   sing N N 55  
ASP N   H    sing N N 56  
ASP N   H2   sing N N 57  
ASP CA  C    sing N N 58  
ASP CA  CB   sing N N 59  
ASP CA  HA   sing N N 60  
ASP C   O    doub N N 61  
ASP C   OXT  sing N N 62  
ASP CB  CG   sing N N 63  
ASP CB  HB2  sing N N 64  
ASP CB  HB3  sing N N 65  
ASP CG  OD1  doub N N 66  
ASP CG  OD2  sing N N 67  
ASP OD2 HD2  sing N N 68  
ASP OXT HXT  sing N N 69  
GLN N   CA   sing N N 70  
GLN N   H    sing N N 71  
GLN N   H2   sing N N 72  
GLN CA  C    sing N N 73  
GLN CA  CB   sing N N 74  
GLN CA  HA   sing N N 75  
GLN C   O    doub N N 76  
GLN C   OXT  sing N N 77  
GLN CB  CG   sing N N 78  
GLN CB  HB2  sing N N 79  
GLN CB  HB3  sing N N 80  
GLN CG  CD   sing N N 81  
GLN CG  HG2  sing N N 82  
GLN CG  HG3  sing N N 83  
GLN CD  OE1  doub N N 84  
GLN CD  NE2  sing N N 85  
GLN NE2 HE21 sing N N 86  
GLN NE2 HE22 sing N N 87  
GLN OXT HXT  sing N N 88  
GLU N   CA   sing N N 89  
GLU N   H    sing N N 90  
GLU N   H2   sing N N 91  
GLU CA  C    sing N N 92  
GLU CA  CB   sing N N 93  
GLU CA  HA   sing N N 94  
GLU C   O    doub N N 95  
GLU C   OXT  sing N N 96  
GLU CB  CG   sing N N 97  
GLU CB  HB2  sing N N 98  
GLU CB  HB3  sing N N 99  
GLU CG  CD   sing N N 100 
GLU CG  HG2  sing N N 101 
GLU CG  HG3  sing N N 102 
GLU CD  OE1  doub N N 103 
GLU CD  OE2  sing N N 104 
GLU OE2 HE2  sing N N 105 
GLU OXT HXT  sing N N 106 
GLY N   CA   sing N N 107 
GLY N   H    sing N N 108 
GLY N   H2   sing N N 109 
GLY CA  C    sing N N 110 
GLY CA  HA2  sing N N 111 
GLY CA  HA3  sing N N 112 
GLY C   O    doub N N 113 
GLY C   OXT  sing N N 114 
GLY OXT HXT  sing N N 115 
HEM CHA C1A  sing N N 116 
HEM CHA C4D  doub N N 117 
HEM CHA HHA  sing N N 118 
HEM CHB C4A  sing N N 119 
HEM CHB C1B  doub N N 120 
HEM CHB HHB  sing N N 121 
HEM CHC C4B  sing N N 122 
HEM CHC C1C  doub N N 123 
HEM CHC HHC  sing N N 124 
HEM CHD C4C  doub N N 125 
HEM CHD C1D  sing N N 126 
HEM CHD HHD  sing N N 127 
HEM C1A C2A  doub Y N 128 
HEM C1A NA   sing Y N 129 
HEM C2A C3A  sing Y N 130 
HEM C2A CAA  sing N N 131 
HEM C3A C4A  doub Y N 132 
HEM C3A CMA  sing N N 133 
HEM C4A NA   sing Y N 134 
HEM CMA HMA  sing N N 135 
HEM CMA HMAA sing N N 136 
HEM CMA HMAB sing N N 137 
HEM CAA CBA  sing N N 138 
HEM CAA HAA  sing N N 139 
HEM CAA HAAA sing N N 140 
HEM CBA CGA  sing N N 141 
HEM CBA HBA  sing N N 142 
HEM CBA HBAA sing N N 143 
HEM CGA O1A  doub N N 144 
HEM CGA O2A  sing N N 145 
HEM C1B C2B  sing N N 146 
HEM C1B NB   sing N N 147 
HEM C2B C3B  doub N N 148 
HEM C2B CMB  sing N N 149 
HEM C3B C4B  sing N N 150 
HEM C3B CAB  sing N N 151 
HEM C4B NB   doub N N 152 
HEM CMB HMB  sing N N 153 
HEM CMB HMBA sing N N 154 
HEM CMB HMBB sing N N 155 
HEM CAB CBB  doub N N 156 
HEM CAB HAB  sing N N 157 
HEM CBB HBB  sing N N 158 
HEM CBB HBBA sing N N 159 
HEM C1C C2C  sing Y N 160 
HEM C1C NC   sing Y N 161 
HEM C2C C3C  doub Y N 162 
HEM C2C CMC  sing N N 163 
HEM C3C C4C  sing Y N 164 
HEM C3C CAC  sing N N 165 
HEM C4C NC   sing Y N 166 
HEM CMC HMC  sing N N 167 
HEM CMC HMCA sing N N 168 
HEM CMC HMCB sing N N 169 
HEM CAC CBC  doub N N 170 
HEM CAC HAC  sing N N 171 
HEM CBC HBC  sing N N 172 
HEM CBC HBCA sing N N 173 
HEM C1D C2D  sing N N 174 
HEM C1D ND   doub N N 175 
HEM C2D C3D  doub N N 176 
HEM C2D CMD  sing N N 177 
HEM C3D C4D  sing N N 178 
HEM C3D CAD  sing N N 179 
HEM C4D ND   sing N N 180 
HEM CMD HMD  sing N N 181 
HEM CMD HMDA sing N N 182 
HEM CMD HMDB sing N N 183 
HEM CAD CBD  sing N N 184 
HEM CAD HAD  sing N N 185 
HEM CAD HADA sing N N 186 
HEM CBD CGD  sing N N 187 
HEM CBD HBD  sing N N 188 
HEM CBD HBDA sing N N 189 
HEM CGD O1D  doub N N 190 
HEM CGD O2D  sing N N 191 
HEM O2A H2A  sing N N 192 
HEM O2D H2D  sing N N 193 
HEM FE  NA   sing N N 194 
HEM FE  NB   sing N N 195 
HEM FE  NC   sing N N 196 
HEM FE  ND   sing N N 197 
HIS N   CA   sing N N 198 
HIS N   H    sing N N 199 
HIS N   H2   sing N N 200 
HIS CA  C    sing N N 201 
HIS CA  CB   sing N N 202 
HIS CA  HA   sing N N 203 
HIS C   O    doub N N 204 
HIS C   OXT  sing N N 205 
HIS CB  CG   sing N N 206 
HIS CB  HB2  sing N N 207 
HIS CB  HB3  sing N N 208 
HIS CG  ND1  sing Y N 209 
HIS CG  CD2  doub Y N 210 
HIS ND1 CE1  doub Y N 211 
HIS ND1 HD1  sing N N 212 
HIS CD2 NE2  sing Y N 213 
HIS CD2 HD2  sing N N 214 
HIS CE1 NE2  sing Y N 215 
HIS CE1 HE1  sing N N 216 
HIS NE2 HE2  sing N N 217 
HIS OXT HXT  sing N N 218 
HOH O   H1   sing N N 219 
HOH O   H2   sing N N 220 
ILE N   CA   sing N N 221 
ILE N   H    sing N N 222 
ILE N   H2   sing N N 223 
ILE CA  C    sing N N 224 
ILE CA  CB   sing N N 225 
ILE CA  HA   sing N N 226 
ILE C   O    doub N N 227 
ILE C   OXT  sing N N 228 
ILE CB  CG1  sing N N 229 
ILE CB  CG2  sing N N 230 
ILE CB  HB   sing N N 231 
ILE CG1 CD1  sing N N 232 
ILE CG1 HG12 sing N N 233 
ILE CG1 HG13 sing N N 234 
ILE CG2 HG21 sing N N 235 
ILE CG2 HG22 sing N N 236 
ILE CG2 HG23 sing N N 237 
ILE CD1 HD11 sing N N 238 
ILE CD1 HD12 sing N N 239 
ILE CD1 HD13 sing N N 240 
ILE OXT HXT  sing N N 241 
LEU N   CA   sing N N 242 
LEU N   H    sing N N 243 
LEU N   H2   sing N N 244 
LEU CA  C    sing N N 245 
LEU CA  CB   sing N N 246 
LEU CA  HA   sing N N 247 
LEU C   O    doub N N 248 
LEU C   OXT  sing N N 249 
LEU CB  CG   sing N N 250 
LEU CB  HB2  sing N N 251 
LEU CB  HB3  sing N N 252 
LEU CG  CD1  sing N N 253 
LEU CG  CD2  sing N N 254 
LEU CG  HG   sing N N 255 
LEU CD1 HD11 sing N N 256 
LEU CD1 HD12 sing N N 257 
LEU CD1 HD13 sing N N 258 
LEU CD2 HD21 sing N N 259 
LEU CD2 HD22 sing N N 260 
LEU CD2 HD23 sing N N 261 
LEU OXT HXT  sing N N 262 
LYS N   CA   sing N N 263 
LYS N   H    sing N N 264 
LYS N   H2   sing N N 265 
LYS CA  C    sing N N 266 
LYS CA  CB   sing N N 267 
LYS CA  HA   sing N N 268 
LYS C   O    doub N N 269 
LYS C   OXT  sing N N 270 
LYS CB  CG   sing N N 271 
LYS CB  HB2  sing N N 272 
LYS CB  HB3  sing N N 273 
LYS CG  CD   sing N N 274 
LYS CG  HG2  sing N N 275 
LYS CG  HG3  sing N N 276 
LYS CD  CE   sing N N 277 
LYS CD  HD2  sing N N 278 
LYS CD  HD3  sing N N 279 
LYS CE  NZ   sing N N 280 
LYS CE  HE2  sing N N 281 
LYS CE  HE3  sing N N 282 
LYS NZ  HZ1  sing N N 283 
LYS NZ  HZ2  sing N N 284 
LYS NZ  HZ3  sing N N 285 
LYS OXT HXT  sing N N 286 
MET N   CA   sing N N 287 
MET N   H    sing N N 288 
MET N   H2   sing N N 289 
MET CA  C    sing N N 290 
MET CA  CB   sing N N 291 
MET CA  HA   sing N N 292 
MET C   O    doub N N 293 
MET C   OXT  sing N N 294 
MET CB  CG   sing N N 295 
MET CB  HB2  sing N N 296 
MET CB  HB3  sing N N 297 
MET CG  SD   sing N N 298 
MET CG  HG2  sing N N 299 
MET CG  HG3  sing N N 300 
MET SD  CE   sing N N 301 
MET CE  HE1  sing N N 302 
MET CE  HE2  sing N N 303 
MET CE  HE3  sing N N 304 
MET OXT HXT  sing N N 305 
PHE N   CA   sing N N 306 
PHE N   H    sing N N 307 
PHE N   H2   sing N N 308 
PHE CA  C    sing N N 309 
PHE CA  CB   sing N N 310 
PHE CA  HA   sing N N 311 
PHE C   O    doub N N 312 
PHE C   OXT  sing N N 313 
PHE CB  CG   sing N N 314 
PHE CB  HB2  sing N N 315 
PHE CB  HB3  sing N N 316 
PHE CG  CD1  doub Y N 317 
PHE CG  CD2  sing Y N 318 
PHE CD1 CE1  sing Y N 319 
PHE CD1 HD1  sing N N 320 
PHE CD2 CE2  doub Y N 321 
PHE CD2 HD2  sing N N 322 
PHE CE1 CZ   doub Y N 323 
PHE CE1 HE1  sing N N 324 
PHE CE2 CZ   sing Y N 325 
PHE CE2 HE2  sing N N 326 
PHE CZ  HZ   sing N N 327 
PHE OXT HXT  sing N N 328 
PRO N   CA   sing N N 329 
PRO N   CD   sing N N 330 
PRO N   H    sing N N 331 
PRO CA  C    sing N N 332 
PRO CA  CB   sing N N 333 
PRO CA  HA   sing N N 334 
PRO C   O    doub N N 335 
PRO C   OXT  sing N N 336 
PRO CB  CG   sing N N 337 
PRO CB  HB2  sing N N 338 
PRO CB  HB3  sing N N 339 
PRO CG  CD   sing N N 340 
PRO CG  HG2  sing N N 341 
PRO CG  HG3  sing N N 342 
PRO CD  HD2  sing N N 343 
PRO CD  HD3  sing N N 344 
PRO OXT HXT  sing N N 345 
SER N   CA   sing N N 346 
SER N   H    sing N N 347 
SER N   H2   sing N N 348 
SER CA  C    sing N N 349 
SER CA  CB   sing N N 350 
SER CA  HA   sing N N 351 
SER C   O    doub N N 352 
SER C   OXT  sing N N 353 
SER CB  OG   sing N N 354 
SER CB  HB2  sing N N 355 
SER CB  HB3  sing N N 356 
SER OG  HG   sing N N 357 
SER OXT HXT  sing N N 358 
THR N   CA   sing N N 359 
THR N   H    sing N N 360 
THR N   H2   sing N N 361 
THR CA  C    sing N N 362 
THR CA  CB   sing N N 363 
THR CA  HA   sing N N 364 
THR C   O    doub N N 365 
THR C   OXT  sing N N 366 
THR CB  OG1  sing N N 367 
THR CB  CG2  sing N N 368 
THR CB  HB   sing N N 369 
THR OG1 HG1  sing N N 370 
THR CG2 HG21 sing N N 371 
THR CG2 HG22 sing N N 372 
THR CG2 HG23 sing N N 373 
THR OXT HXT  sing N N 374 
TRP N   CA   sing N N 375 
TRP N   H    sing N N 376 
TRP N   H2   sing N N 377 
TRP CA  C    sing N N 378 
TRP CA  CB   sing N N 379 
TRP CA  HA   sing N N 380 
TRP C   O    doub N N 381 
TRP C   OXT  sing N N 382 
TRP CB  CG   sing N N 383 
TRP CB  HB2  sing N N 384 
TRP CB  HB3  sing N N 385 
TRP CG  CD1  doub Y N 386 
TRP CG  CD2  sing Y N 387 
TRP CD1 NE1  sing Y N 388 
TRP CD1 HD1  sing N N 389 
TRP CD2 CE2  doub Y N 390 
TRP CD2 CE3  sing Y N 391 
TRP NE1 CE2  sing Y N 392 
TRP NE1 HE1  sing N N 393 
TRP CE2 CZ2  sing Y N 394 
TRP CE3 CZ3  doub Y N 395 
TRP CE3 HE3  sing N N 396 
TRP CZ2 CH2  doub Y N 397 
TRP CZ2 HZ2  sing N N 398 
TRP CZ3 CH2  sing Y N 399 
TRP CZ3 HZ3  sing N N 400 
TRP CH2 HH2  sing N N 401 
TRP OXT HXT  sing N N 402 
TYR N   CA   sing N N 403 
TYR N   H    sing N N 404 
TYR N   H2   sing N N 405 
TYR CA  C    sing N N 406 
TYR CA  CB   sing N N 407 
TYR CA  HA   sing N N 408 
TYR C   O    doub N N 409 
TYR C   OXT  sing N N 410 
TYR CB  CG   sing N N 411 
TYR CB  HB2  sing N N 412 
TYR CB  HB3  sing N N 413 
TYR CG  CD1  doub Y N 414 
TYR CG  CD2  sing Y N 415 
TYR CD1 CE1  sing Y N 416 
TYR CD1 HD1  sing N N 417 
TYR CD2 CE2  doub Y N 418 
TYR CD2 HD2  sing N N 419 
TYR CE1 CZ   doub Y N 420 
TYR CE1 HE1  sing N N 421 
TYR CE2 CZ   sing Y N 422 
TYR CE2 HE2  sing N N 423 
TYR CZ  OH   sing N N 424 
TYR OH  HH   sing N N 425 
TYR OXT HXT  sing N N 426 
VAL N   CA   sing N N 427 
VAL N   H    sing N N 428 
VAL N   H2   sing N N 429 
VAL CA  C    sing N N 430 
VAL CA  CB   sing N N 431 
VAL CA  HA   sing N N 432 
VAL C   O    doub N N 433 
VAL C   OXT  sing N N 434 
VAL CB  CG1  sing N N 435 
VAL CB  CG2  sing N N 436 
VAL CB  HB   sing N N 437 
VAL CG1 HG11 sing N N 438 
VAL CG1 HG12 sing N N 439 
VAL CG1 HG13 sing N N 440 
VAL CG2 HG21 sing N N 441 
VAL CG2 HG22 sing N N 442 
VAL CG2 HG23 sing N N 443 
VAL OXT HXT  sing N N 444 
# 
loop_
_pdbx_entity_nonpoly.entity_id 
_pdbx_entity_nonpoly.name 
_pdbx_entity_nonpoly.comp_id 
2 'PROTOPORPHYRIN IX CONTAINING FE' HEM 
3 'ZINC ION'                        ZN  
4 water                             HOH 
# 
_pdbx_initial_refinement_model.id               1 
_pdbx_initial_refinement_model.entity_id_list   ? 
_pdbx_initial_refinement_model.type             'experimental model' 
_pdbx_initial_refinement_model.source_name      PDB 
_pdbx_initial_refinement_model.accession_code   4H8P 
_pdbx_initial_refinement_model.details          ? 
# 
